data_8VPG
#
_entry.id   8VPG
#
_cell.length_a   80.536
_cell.length_b   161.602
_cell.length_c   234.979
_cell.angle_alpha   90.000
_cell.angle_beta   90.000
_cell.angle_gamma   90.000
#
_symmetry.space_group_name_H-M   'P 21 21 21'
#
loop_
_entity.id
_entity.type
_entity.pdbx_description
1 polymer 'Site-specific DNA-methyltransferase (adenine-specific)'
2 polymer 'DNA Strand II'
3 polymer 'DNA Strand I'
4 non-polymer N-{3-[(2-amino-6-methylpyrimidin-4-yl)amino]-5-[(dimethylamino)methyl]phenyl}-3-[(quinolin-4-yl)amino]benzamide
5 water water
#
loop_
_entity_poly.entity_id
_entity_poly.type
_entity_poly.pdbx_seq_one_letter_code
_entity_poly.pdbx_strand_id
1 'polypeptide(L)'
;MDDISQDNFLLSKEYENSLDVDTKKASGIYYTPKIIVDYIVKKTLKNHDIIKNPYPRILDISCGCGNFLLEVYDILYDLF
EENIYELKKKYDENYWTVDNIHRHILNYCIYGADIDEKAISILKDSLTNKKVVNDLDESDIKINLFCCDSLKKKWRYKFD
YIVGNPPYIGHKKLEKKYKKFLLEKYSEVYKDKADLYFCFYKKIIDILKQGGIGSVITPRYFLESLSGKDLREYIKSNVN
VQEIVDFLGANIFKNIGVSSCILTFDKKKTKETYIDVFKIKNEDICINKFETLEELLKSSKFEHFNINQRLLSDEWILVN
KDDETFYNKIQEKCKYSLEDIAISFQGIITGCDKAFILSKDDVKLNLVDDKFLKCWIKSKNINKYIVDKSEYRLIYSNDI
DNENTNKRILDEIIGLYKTKLENRRECKSGIRKWYELQWGREKLFFERKKIMYPYKSNENRFAIDYDNNFSSADVYSFFI
KEEYLDKFSYEYLVGILNSSVYDKYFKITAKKMSKNIYDYYPNKVMKIRIFRDNNYEEIENLSKQIISILLNKSIDKGKV
EKLQIKMDNLIMDSLGI
;
A,B,C
2 'polydeoxyribonucleotide' (DA)(DT)(DG)(DG)(DG)(DA)(DC)(DT)(DT)(DT)(DT)(DT)(DG)(DA) E,G,I
3 'polydeoxyribonucleotide' (DT)(DT)(DC)(DA)(DA)(DA)(DA)(DA)(DG)(DT)(DC)(DC)(DC)(DA) D,F,H
#
loop_
_chem_comp.id
_chem_comp.type
_chem_comp.name
_chem_comp.formula
A1AC7 non-polymer N-{3-[(2-amino-6-methylpyrimidin-4-yl)amino]-5-[(dimethylamino)methyl]phenyl}-3-[(quinolin-4-yl)amino]benzamide 'C30 H30 N8 O 1'
DA DNA linking 2'-DEOXYADENOSINE-5'-MONOPHOSPHATE 'C10 H14 N5 O6 P'
DC DNA linking 2'-DEOXYCYTIDINE-5'-MONOPHOSPHATE 'C9 H14 N3 O7 P'
DG DNA linking 2'-DEOXYGUANOSINE-5'-MONOPHOSPHATE 'C10 H14 N5 O7 P'
DT DNA linking THYMIDINE-5'-MONOPHOSPHATE 'C10 H15 N2 O8 P'
#
# COMPACT_ATOMS: atom_id res chain seq x y z
N TYR A 31 56.84 -5.36 1.82
CA TYR A 31 57.63 -6.58 1.96
C TYR A 31 57.69 -7.05 3.41
N THR A 32 57.48 -8.35 3.60
CA THR A 32 57.51 -8.93 4.94
C THR A 32 58.96 -9.01 5.43
N PRO A 33 59.20 -8.74 6.72
CA PRO A 33 60.56 -8.92 7.25
C PRO A 33 61.05 -10.34 7.06
N LYS A 34 62.35 -10.47 6.77
CA LYS A 34 62.92 -11.76 6.38
C LYS A 34 62.83 -12.78 7.52
N ILE A 35 63.01 -12.32 8.76
CA ILE A 35 62.94 -13.22 9.91
C ILE A 35 61.55 -13.84 10.02
N ILE A 36 60.51 -13.04 9.80
CA ILE A 36 59.15 -13.55 9.84
C ILE A 36 58.93 -14.60 8.75
N VAL A 37 59.46 -14.35 7.55
CA VAL A 37 59.30 -15.28 6.44
C VAL A 37 59.98 -16.60 6.75
N ASP A 38 61.22 -16.54 7.23
CA ASP A 38 61.94 -17.76 7.59
C ASP A 38 61.17 -18.52 8.66
N TYR A 39 60.62 -17.79 9.64
CA TYR A 39 59.90 -18.45 10.72
C TYR A 39 58.68 -19.19 10.21
N ILE A 40 57.90 -18.55 9.34
CA ILE A 40 56.67 -19.15 8.81
C ILE A 40 56.99 -20.38 7.98
N VAL A 41 57.97 -20.26 7.06
CA VAL A 41 58.36 -21.38 6.22
C VAL A 41 58.78 -22.57 7.07
N LYS A 42 59.70 -22.36 8.01
CA LYS A 42 60.12 -23.45 8.87
C LYS A 42 58.97 -24.02 9.69
N LYS A 43 58.09 -23.14 10.21
CA LYS A 43 56.94 -23.61 10.98
C LYS A 43 56.11 -24.62 10.20
N THR A 44 55.94 -24.37 8.90
CA THR A 44 55.22 -25.35 8.08
C THR A 44 56.07 -26.59 7.80
N LEU A 45 57.24 -26.42 7.19
CA LEU A 45 57.91 -27.52 6.51
C LEU A 45 58.92 -28.29 7.35
N LYS A 46 59.11 -27.93 8.63
CA LYS A 46 60.21 -28.53 9.40
C LYS A 46 60.02 -30.03 9.57
N ASN A 47 58.79 -30.48 9.79
CA ASN A 47 58.51 -31.87 10.06
C ASN A 47 57.89 -32.60 8.86
N HIS A 48 58.09 -32.08 7.65
CA HIS A 48 57.56 -32.75 6.47
C HIS A 48 58.37 -34.00 6.16
N ASP A 49 57.66 -35.11 5.91
CA ASP A 49 58.30 -36.38 5.57
C ASP A 49 58.47 -36.41 4.06
N ILE A 50 59.66 -36.01 3.61
CA ILE A 50 59.92 -35.95 2.17
C ILE A 50 59.98 -37.35 1.57
N ILE A 51 60.38 -38.35 2.36
CA ILE A 51 60.42 -39.72 1.86
C ILE A 51 59.01 -40.24 1.61
N LYS A 52 58.12 -40.02 2.58
CA LYS A 52 56.75 -40.52 2.45
C LYS A 52 56.03 -39.84 1.28
N ASN A 53 56.16 -38.52 1.17
CA ASN A 53 55.53 -37.74 0.10
C ASN A 53 56.57 -36.83 -0.54
N PRO A 54 57.29 -37.31 -1.54
CA PRO A 54 58.23 -36.45 -2.27
C PRO A 54 57.56 -35.46 -3.23
N TYR A 55 56.23 -35.33 -3.17
CA TYR A 55 55.49 -34.41 -4.02
C TYR A 55 54.63 -33.51 -3.14
N PRO A 56 55.23 -32.56 -2.44
CA PRO A 56 54.45 -31.59 -1.68
C PRO A 56 54.10 -30.37 -2.54
N ARG A 57 52.90 -29.83 -2.32
CA ARG A 57 52.44 -28.64 -3.02
C ARG A 57 52.37 -27.49 -2.03
N ILE A 58 53.22 -26.50 -2.23
CA ILE A 58 53.33 -25.34 -1.34
C ILE A 58 52.95 -24.10 -2.12
N LEU A 59 51.98 -23.35 -1.60
CA LEU A 59 51.36 -22.24 -2.32
C LEU A 59 51.56 -20.92 -1.57
N ASP A 60 51.96 -19.90 -2.31
CA ASP A 60 51.98 -18.52 -1.85
C ASP A 60 50.89 -17.76 -2.62
N ILE A 61 49.78 -17.50 -1.93
CA ILE A 61 48.63 -16.86 -2.58
C ILE A 61 48.98 -15.45 -3.03
N SER A 62 49.68 -14.69 -2.20
CA SER A 62 50.15 -13.35 -2.55
C SER A 62 51.65 -13.32 -2.28
N CYS A 63 52.44 -13.57 -3.32
CA CYS A 63 53.89 -13.66 -3.19
C CYS A 63 54.59 -12.33 -3.38
N GLY A 64 54.04 -11.45 -4.22
CA GLY A 64 54.73 -10.21 -4.51
C GLY A 64 56.06 -10.48 -5.20
N CYS A 65 57.13 -9.90 -4.67
CA CYS A 65 58.46 -10.16 -5.18
C CYS A 65 58.90 -11.61 -4.95
N GLY A 66 58.22 -12.33 -4.06
CA GLY A 66 58.52 -13.73 -3.82
C GLY A 66 59.38 -13.96 -2.58
N ASN A 67 59.07 -13.23 -1.51
CA ASN A 67 59.83 -13.41 -0.27
C ASN A 67 59.68 -14.82 0.28
N PHE A 68 58.45 -15.34 0.28
CA PHE A 68 58.22 -16.67 0.84
C PHE A 68 58.68 -17.77 -0.10
N LEU A 69 58.48 -17.59 -1.41
CA LEU A 69 58.74 -18.68 -2.35
C LEU A 69 60.23 -18.97 -2.51
N LEU A 70 61.09 -17.94 -2.45
CA LEU A 70 62.52 -18.20 -2.54
C LEU A 70 63.01 -19.01 -1.33
N GLU A 71 62.54 -18.67 -0.14
CA GLU A 71 62.90 -19.44 1.04
C GLU A 71 62.34 -20.85 0.97
N VAL A 72 61.11 -20.99 0.45
CA VAL A 72 60.53 -22.32 0.27
C VAL A 72 61.38 -23.15 -0.68
N TYR A 73 61.86 -22.52 -1.78
CA TYR A 73 62.73 -23.22 -2.72
C TYR A 73 64.02 -23.66 -2.05
N ASP A 74 64.63 -22.78 -1.25
CA ASP A 74 65.88 -23.15 -0.58
C ASP A 74 65.67 -24.31 0.38
N ILE A 75 64.60 -24.24 1.18
CA ILE A 75 64.31 -25.31 2.14
C ILE A 75 64.03 -26.63 1.42
N LEU A 76 63.25 -26.58 0.34
CA LEU A 76 62.96 -27.78 -0.43
C LEU A 76 64.22 -28.37 -1.05
N TYR A 77 65.09 -27.52 -1.59
CA TYR A 77 66.32 -28.02 -2.19
C TYR A 77 67.19 -28.70 -1.15
N ASP A 78 67.34 -28.09 0.03
CA ASP A 78 68.13 -28.72 1.08
C ASP A 78 67.50 -30.04 1.53
N LEU A 79 66.17 -30.06 1.67
CA LEU A 79 65.50 -31.28 2.12
C LEU A 79 65.64 -32.40 1.09
N PHE A 80 65.53 -32.08 -0.19
CA PHE A 80 65.68 -33.10 -1.22
C PHE A 80 67.11 -33.60 -1.31
N GLU A 81 68.09 -32.69 -1.28
CA GLU A 81 69.49 -33.12 -1.36
C GLU A 81 69.90 -33.92 -0.14
N GLU A 82 69.30 -33.65 1.01
CA GLU A 82 69.63 -34.40 2.22
C GLU A 82 69.17 -35.85 2.12
N ASN A 83 68.11 -36.13 1.37
CA ASN A 83 67.54 -37.46 1.27
C ASN A 83 67.49 -37.95 -0.18
N ILE A 84 68.43 -37.51 -1.01
CA ILE A 84 68.34 -37.81 -2.44
C ILE A 84 68.56 -39.29 -2.70
N TYR A 85 69.53 -39.91 -2.01
CA TYR A 85 69.83 -41.31 -2.27
C TYR A 85 68.74 -42.23 -1.74
N GLU A 86 68.09 -41.87 -0.64
CA GLU A 86 66.97 -42.66 -0.14
C GLU A 86 65.80 -42.62 -1.12
N LEU A 87 65.53 -41.44 -1.69
CA LEU A 87 64.50 -41.34 -2.73
C LEU A 87 64.88 -42.16 -3.96
N LYS A 88 66.17 -42.13 -4.33
CA LYS A 88 66.63 -42.92 -5.47
C LYS A 88 66.41 -44.41 -5.21
N LYS A 89 66.70 -44.87 -3.99
CA LYS A 89 66.52 -46.28 -3.67
C LYS A 89 65.05 -46.68 -3.66
N LYS A 90 64.19 -45.86 -3.03
CA LYS A 90 62.78 -46.24 -2.90
C LYS A 90 62.02 -46.04 -4.20
N TYR A 91 62.06 -44.83 -4.75
CA TYR A 91 61.34 -44.50 -5.98
C TYR A 91 62.26 -44.71 -7.18
N ASP A 92 61.86 -44.18 -8.33
CA ASP A 92 62.62 -44.34 -9.56
C ASP A 92 64.06 -43.86 -9.38
N GLU A 93 65.01 -44.70 -9.80
CA GLU A 93 66.42 -44.38 -9.59
C GLU A 93 66.92 -43.31 -10.54
N ASN A 94 66.30 -43.18 -11.71
CA ASN A 94 66.75 -42.19 -12.70
C ASN A 94 66.18 -40.81 -12.43
N TYR A 95 64.94 -40.73 -11.95
CA TYR A 95 64.31 -39.43 -11.73
C TYR A 95 64.95 -38.68 -10.57
N TRP A 96 65.35 -39.40 -9.52
CA TRP A 96 65.86 -38.77 -8.30
C TRP A 96 67.38 -38.66 -8.38
N THR A 97 67.83 -37.58 -9.03
CA THR A 97 69.23 -37.22 -9.08
C THR A 97 69.38 -35.76 -8.63
N VAL A 98 70.57 -35.42 -8.14
CA VAL A 98 70.80 -34.10 -7.58
C VAL A 98 70.58 -33.02 -8.64
N ASP A 99 70.99 -33.29 -9.88
CA ASP A 99 70.81 -32.32 -10.95
C ASP A 99 69.32 -32.07 -11.24
N ASN A 100 68.48 -33.07 -11.00
CA ASN A 100 67.06 -32.98 -11.33
C ASN A 100 66.22 -32.35 -10.22
N ILE A 101 66.84 -31.95 -9.11
CA ILE A 101 66.08 -31.38 -8.00
C ILE A 101 65.42 -30.07 -8.41
N HIS A 102 66.15 -29.21 -9.11
CA HIS A 102 65.61 -27.93 -9.54
C HIS A 102 64.38 -28.11 -10.42
N ARG A 103 64.48 -29.02 -11.41
CA ARG A 103 63.35 -29.28 -12.29
C ARG A 103 62.15 -29.80 -11.52
N HIS A 104 62.37 -30.73 -10.59
CA HIS A 104 61.27 -31.30 -9.81
C HIS A 104 60.59 -30.23 -8.98
N ILE A 105 61.38 -29.39 -8.30
CA ILE A 105 60.79 -28.35 -7.45
C ILE A 105 60.00 -27.37 -8.29
N LEU A 106 60.55 -26.94 -9.43
CA LEU A 106 59.86 -25.95 -10.24
C LEU A 106 58.67 -26.53 -11.00
N ASN A 107 58.61 -27.86 -11.17
CA ASN A 107 57.52 -28.46 -11.92
C ASN A 107 56.38 -28.96 -11.06
N TYR A 108 56.64 -29.44 -9.84
CA TYR A 108 55.61 -30.09 -9.05
C TYR A 108 55.37 -29.46 -7.68
N CYS A 109 56.30 -28.69 -7.13
CA CYS A 109 56.26 -28.32 -5.72
C CYS A 109 55.76 -26.91 -5.46
N ILE A 110 56.37 -25.91 -6.10
CA ILE A 110 56.11 -24.51 -5.75
C ILE A 110 54.99 -23.97 -6.62
N TYR A 111 54.01 -23.32 -5.98
CA TYR A 111 52.91 -22.65 -6.67
C TYR A 111 52.77 -21.25 -6.08
N GLY A 112 52.62 -20.27 -6.95
CA GLY A 112 52.46 -18.90 -6.51
C GLY A 112 51.42 -18.19 -7.34
N ALA A 113 50.72 -17.24 -6.69
CA ALA A 113 49.71 -16.44 -7.36
C ALA A 113 49.94 -14.97 -7.03
N ASP A 114 49.51 -14.11 -7.94
CA ASP A 114 49.59 -12.66 -7.71
C ASP A 114 48.71 -11.95 -8.72
N ILE A 115 48.43 -10.68 -8.44
CA ILE A 115 47.68 -9.81 -9.34
C ILE A 115 48.57 -8.82 -10.06
N ASP A 116 49.88 -8.86 -9.85
CA ASP A 116 50.83 -7.95 -10.49
C ASP A 116 51.72 -8.75 -11.42
N GLU A 117 51.72 -8.39 -12.71
CA GLU A 117 52.50 -9.15 -13.69
C GLU A 117 53.99 -8.91 -13.51
N LYS A 118 54.39 -7.70 -13.13
CA LYS A 118 55.81 -7.41 -12.93
C LYS A 118 56.39 -8.25 -11.81
N ALA A 119 55.67 -8.38 -10.69
CA ALA A 119 56.13 -9.21 -9.60
C ALA A 119 56.23 -10.67 -10.02
N ILE A 120 55.26 -11.15 -10.80
CA ILE A 120 55.30 -12.53 -11.29
C ILE A 120 56.54 -12.75 -12.16
N SER A 121 56.83 -11.81 -13.06
CA SER A 121 57.99 -11.95 -13.92
C SER A 121 59.29 -11.91 -13.11
N ILE A 122 59.36 -11.03 -12.11
CA ILE A 122 60.57 -10.95 -11.28
C ILE A 122 60.78 -12.25 -10.52
N LEU A 123 59.71 -12.79 -9.93
CA LEU A 123 59.82 -14.05 -9.20
C LEU A 123 60.20 -15.20 -10.12
N LYS A 124 59.63 -15.24 -11.32
CA LYS A 124 59.99 -16.27 -12.29
C LYS A 124 61.46 -16.18 -12.67
N ASP A 125 61.95 -14.96 -12.92
CA ASP A 125 63.36 -14.80 -13.26
C ASP A 125 64.26 -15.23 -12.11
N SER A 126 63.92 -14.86 -10.87
CA SER A 126 64.73 -15.27 -9.73
C SER A 126 64.75 -16.79 -9.58
N LEU A 127 63.58 -17.43 -9.68
CA LEU A 127 63.50 -18.88 -9.52
C LEU A 127 64.27 -19.60 -10.63
N THR A 128 64.20 -19.09 -11.86
CA THR A 128 64.98 -19.69 -12.94
C THR A 128 66.48 -19.50 -12.70
N ASN A 129 66.87 -18.34 -12.18
CA ASN A 129 68.29 -18.07 -11.90
C ASN A 129 68.79 -18.80 -10.65
N LYS A 130 67.89 -19.41 -9.87
CA LYS A 130 68.35 -20.17 -8.70
C LYS A 130 69.23 -21.35 -9.09
N LYS A 131 69.18 -21.80 -10.35
CA LYS A 131 69.95 -22.96 -10.79
C LYS A 131 71.16 -22.56 -11.63
N VAL A 132 70.93 -21.81 -12.72
CA VAL A 132 72.00 -21.39 -13.63
C VAL A 132 72.81 -22.59 -14.14
N ASP A 137 69.24 -24.20 -20.21
CA ASP A 137 68.27 -23.95 -21.26
C ASP A 137 68.18 -25.13 -22.23
N GLU A 138 68.62 -26.30 -21.76
CA GLU A 138 68.52 -27.51 -22.58
C GLU A 138 67.06 -27.85 -22.89
N SER A 139 66.19 -27.76 -21.89
CA SER A 139 64.78 -28.04 -22.08
C SER A 139 63.94 -26.90 -21.53
N ASP A 140 62.62 -27.08 -21.50
CA ASP A 140 61.70 -26.07 -20.99
C ASP A 140 61.26 -26.45 -19.59
N ILE A 141 61.27 -25.47 -18.68
CA ILE A 141 60.87 -25.66 -17.29
C ILE A 141 59.60 -24.84 -17.07
N LYS A 142 58.50 -25.53 -16.76
CA LYS A 142 57.22 -24.87 -16.54
C LYS A 142 57.08 -24.50 -15.07
N ILE A 143 57.10 -23.20 -14.79
CA ILE A 143 56.96 -22.70 -13.43
C ILE A 143 55.50 -22.40 -13.16
N ASN A 144 54.97 -22.92 -12.05
CA ASN A 144 53.55 -22.81 -11.74
C ASN A 144 53.26 -21.47 -11.06
N LEU A 145 53.30 -20.41 -11.87
CA LEU A 145 53.00 -19.06 -11.42
C LEU A 145 51.74 -18.56 -12.12
N PHE A 146 50.82 -18.00 -11.34
CA PHE A 146 49.56 -17.49 -11.86
C PHE A 146 49.48 -15.98 -11.62
N CYS A 147 49.16 -15.23 -12.68
CA CYS A 147 48.89 -13.81 -12.57
C CYS A 147 47.38 -13.65 -12.66
N CYS A 148 46.72 -13.70 -11.51
CA CYS A 148 45.26 -13.73 -11.47
C CYS A 148 44.78 -13.25 -10.10
N ASP A 149 43.48 -13.07 -9.99
CA ASP A 149 42.84 -12.77 -8.72
C ASP A 149 42.67 -14.07 -7.94
N SER A 150 43.35 -14.17 -6.79
CA SER A 150 43.29 -15.40 -6.00
C SER A 150 41.89 -15.65 -5.46
N LEU A 151 41.10 -14.59 -5.25
CA LEU A 151 39.75 -14.78 -4.73
C LEU A 151 38.79 -15.29 -5.81
N LYS A 152 39.01 -14.93 -7.07
CA LYS A 152 38.12 -15.30 -8.15
C LYS A 152 38.66 -16.44 -9.01
N LYS A 153 39.79 -17.03 -8.65
CA LYS A 153 40.36 -18.11 -9.44
C LYS A 153 39.69 -19.44 -9.09
N LYS A 154 39.45 -20.25 -10.11
CA LYS A 154 38.95 -21.61 -9.93
C LYS A 154 40.15 -22.52 -9.78
N TRP A 155 40.53 -22.78 -8.53
CA TRP A 155 41.70 -23.60 -8.26
C TRP A 155 41.43 -25.06 -8.60
N ARG A 156 42.33 -25.66 -9.38
CA ARG A 156 42.14 -27.02 -9.85
C ARG A 156 42.43 -28.07 -8.79
N TYR A 157 43.21 -27.75 -7.76
CA TYR A 157 43.58 -28.73 -6.76
C TYR A 157 43.97 -28.02 -5.47
N LYS A 158 43.95 -28.77 -4.39
CA LYS A 158 44.34 -28.26 -3.07
C LYS A 158 45.84 -28.43 -2.86
N PHE A 159 46.35 -27.80 -1.81
CA PHE A 159 47.79 -27.69 -1.57
C PHE A 159 48.14 -28.25 -0.20
N ASP A 160 49.26 -28.98 -0.14
CA ASP A 160 49.71 -29.54 1.13
C ASP A 160 50.09 -28.44 2.12
N TYR A 161 50.73 -27.38 1.65
CA TYR A 161 51.17 -26.29 2.51
C TYR A 161 50.81 -24.95 1.86
N ILE A 162 50.36 -24.01 2.67
CA ILE A 162 50.03 -22.67 2.22
C ILE A 162 50.70 -21.67 3.16
N VAL A 163 51.40 -20.69 2.60
CA VAL A 163 52.10 -19.70 3.41
C VAL A 163 51.93 -18.31 2.82
N GLY A 164 52.09 -17.30 3.68
CA GLY A 164 52.36 -15.98 3.15
C GLY A 164 51.72 -14.85 3.95
N ASN A 165 51.51 -13.74 3.24
CA ASN A 165 51.10 -12.47 3.83
C ASN A 165 50.03 -11.84 2.94
N PRO A 166 48.76 -11.90 3.34
CA PRO A 166 47.70 -11.35 2.51
C PRO A 166 47.81 -9.84 2.40
N PRO A 167 47.26 -9.24 1.35
CA PRO A 167 47.35 -7.79 1.18
C PRO A 167 46.56 -7.04 2.25
N TYR A 168 47.07 -5.86 2.60
CA TYR A 168 46.37 -4.96 3.51
C TYR A 168 46.39 -3.50 3.05
N ILE A 169 47.13 -3.15 2.00
CA ILE A 169 47.15 -1.77 1.53
C ILE A 169 45.77 -1.34 1.08
N GLY A 170 45.07 -2.19 0.33
CA GLY A 170 43.71 -1.91 -0.06
C GLY A 170 42.70 -2.41 0.96
N HIS A 171 42.24 -1.51 1.83
CA HIS A 171 41.29 -1.86 2.89
C HIS A 171 39.86 -1.49 2.51
N LYS A 172 39.63 -0.21 2.22
CA LYS A 172 38.31 0.26 1.79
C LYS A 172 38.34 0.82 0.37
N LYS A 173 39.44 0.63 -0.36
CA LYS A 173 39.59 1.13 -1.71
C LYS A 173 39.01 0.20 -2.77
N LEU A 174 38.21 -0.78 -2.36
CA LEU A 174 37.60 -1.69 -3.31
C LEU A 174 36.50 -0.99 -4.09
N GLU A 175 36.39 -1.31 -5.38
CA GLU A 175 35.33 -0.77 -6.21
C GLU A 175 33.98 -1.35 -5.80
N LYS A 176 32.91 -0.70 -6.25
CA LYS A 176 31.57 -1.14 -5.90
C LYS A 176 31.29 -2.55 -6.41
N LYS A 177 31.69 -2.83 -7.66
CA LYS A 177 31.48 -4.16 -8.22
C LYS A 177 32.29 -5.20 -7.46
N TYR A 178 33.52 -4.86 -7.08
CA TYR A 178 34.35 -5.81 -6.34
C TYR A 178 33.77 -6.09 -4.96
N LYS A 179 33.28 -5.06 -4.27
CA LYS A 179 32.65 -5.28 -2.97
C LYS A 179 31.37 -6.10 -3.10
N LYS A 180 30.60 -5.87 -4.17
CA LYS A 180 29.41 -6.68 -4.41
C LYS A 180 29.79 -8.14 -4.65
N PHE A 181 30.85 -8.39 -5.42
CA PHE A 181 31.31 -9.75 -5.64
C PHE A 181 31.78 -10.39 -4.34
N LEU A 182 32.48 -9.64 -3.50
CA LEU A 182 32.92 -10.17 -2.20
C LEU A 182 31.73 -10.51 -1.32
N LEU A 183 30.71 -9.66 -1.30
CA LEU A 183 29.52 -9.95 -0.52
C LEU A 183 28.79 -11.18 -1.03
N GLU A 184 28.71 -11.33 -2.36
CA GLU A 184 27.95 -12.45 -2.93
C GLU A 184 28.68 -13.78 -2.77
N LYS A 185 30.00 -13.78 -2.95
CA LYS A 185 30.77 -15.02 -2.97
C LYS A 185 31.42 -15.37 -1.64
N TYR A 186 31.60 -14.39 -0.75
CA TYR A 186 32.26 -14.60 0.54
C TYR A 186 31.37 -14.10 1.67
N SER A 187 30.07 -14.43 1.61
CA SER A 187 29.13 -13.94 2.60
C SER A 187 29.38 -14.50 3.99
N GLU A 188 30.18 -15.55 4.12
CA GLU A 188 30.41 -16.19 5.40
C GLU A 188 31.55 -15.56 6.21
N VAL A 189 32.37 -14.69 5.59
CA VAL A 189 33.46 -14.05 6.31
C VAL A 189 33.48 -12.55 6.03
N TYR A 190 32.75 -12.11 4.99
CA TYR A 190 32.81 -10.72 4.54
C TYR A 190 31.40 -10.14 4.56
N LYS A 191 31.22 -9.06 5.34
CA LYS A 191 29.92 -8.40 5.45
C LYS A 191 30.17 -6.93 5.76
N ASP A 192 29.91 -6.06 4.78
CA ASP A 192 29.97 -4.61 4.95
C ASP A 192 31.35 -4.14 5.40
N LYS A 193 31.51 -3.95 6.71
CA LYS A 193 32.73 -3.37 7.28
C LYS A 193 33.89 -4.36 7.33
N ALA A 194 33.76 -5.54 6.75
CA ALA A 194 34.84 -6.51 6.77
C ALA A 194 35.98 -6.06 5.85
N ASP A 195 37.19 -6.43 6.22
CA ASP A 195 38.37 -6.10 5.44
C ASP A 195 38.62 -7.18 4.39
N LEU A 196 39.43 -6.84 3.39
CA LEU A 196 39.64 -7.72 2.24
C LEU A 196 40.27 -9.04 2.67
N TYR A 197 41.33 -8.98 3.49
CA TYR A 197 42.10 -10.17 3.79
C TYR A 197 41.27 -11.25 4.47
N PHE A 198 40.12 -10.88 5.05
CA PHE A 198 39.20 -11.88 5.61
C PHE A 198 38.91 -12.96 4.58
N CYS A 199 38.53 -12.54 3.37
CA CYS A 199 38.22 -13.50 2.32
C CYS A 199 39.41 -14.41 2.06
N PHE A 200 40.62 -13.84 2.05
CA PHE A 200 41.82 -14.64 1.83
C PHE A 200 41.87 -15.81 2.81
N TYR A 201 41.59 -15.54 4.09
CA TYR A 201 41.58 -16.60 5.09
C TYR A 201 40.69 -17.73 4.63
N LYS A 202 39.44 -17.42 4.27
CA LYS A 202 38.52 -18.45 3.82
C LYS A 202 39.13 -19.23 2.65
N LYS A 203 39.66 -18.51 1.66
CA LYS A 203 40.24 -19.18 0.51
C LYS A 203 41.37 -20.11 0.95
N ILE A 204 42.22 -19.63 1.86
CA ILE A 204 43.34 -20.45 2.31
C ILE A 204 42.83 -21.72 2.97
N ILE A 205 41.72 -21.62 3.71
CA ILE A 205 41.14 -22.81 4.32
C ILE A 205 40.54 -23.71 3.25
N ASP A 206 39.95 -23.13 2.22
CA ASP A 206 39.19 -23.92 1.25
C ASP A 206 40.11 -24.74 0.34
N ILE A 207 41.25 -24.17 -0.04
CA ILE A 207 42.17 -24.84 -0.95
C ILE A 207 43.31 -25.55 -0.20
N LEU A 208 43.15 -25.77 1.10
CA LEU A 208 44.15 -26.48 1.89
C LEU A 208 43.85 -27.97 1.87
N LYS A 209 44.86 -28.76 1.51
CA LYS A 209 44.70 -30.21 1.49
C LYS A 209 44.43 -30.73 2.89
N GLN A 210 43.61 -31.78 2.97
CA GLN A 210 43.30 -32.40 4.25
C GLN A 210 44.58 -32.84 4.95
N GLY A 211 44.73 -32.45 6.21
CA GLY A 211 45.96 -32.68 6.93
C GLY A 211 47.09 -31.73 6.60
N GLY A 212 46.83 -30.72 5.76
CA GLY A 212 47.86 -29.77 5.38
C GLY A 212 48.05 -28.68 6.42
N ILE A 213 49.03 -27.82 6.18
CA ILE A 213 49.40 -26.77 7.12
C ILE A 213 49.39 -25.42 6.42
N GLY A 214 48.78 -24.44 7.08
CA GLY A 214 48.79 -23.06 6.60
C GLY A 214 49.44 -22.16 7.63
N SER A 215 50.15 -21.15 7.14
CA SER A 215 50.86 -20.22 8.03
C SER A 215 50.94 -18.86 7.34
N VAL A 216 50.31 -17.87 7.96
CA VAL A 216 50.23 -16.53 7.37
C VAL A 216 50.53 -15.49 8.44
N ILE A 217 50.91 -14.30 7.97
CA ILE A 217 51.03 -13.13 8.82
C ILE A 217 50.00 -12.11 8.33
N THR A 218 49.13 -11.68 9.24
CA THR A 218 47.99 -10.83 8.88
C THR A 218 47.84 -9.70 9.88
N PRO A 219 46.99 -8.71 9.60
CA PRO A 219 46.59 -7.79 10.67
C PRO A 219 45.89 -8.56 11.79
N ARG A 220 46.14 -8.12 13.02
CA ARG A 220 45.61 -8.79 14.21
C ARG A 220 44.20 -8.34 14.57
N TYR A 221 43.62 -7.42 13.80
CA TYR A 221 42.37 -6.78 14.21
C TYR A 221 41.20 -7.75 14.24
N PHE A 222 41.22 -8.81 13.42
CA PHE A 222 40.11 -9.74 13.38
C PHE A 222 39.96 -10.54 14.67
N LEU A 223 41.00 -10.55 15.52
CA LEU A 223 40.92 -11.31 16.76
C LEU A 223 39.89 -10.73 17.72
N GLU A 224 39.74 -9.40 17.74
CA GLU A 224 38.88 -8.73 18.70
C GLU A 224 37.77 -7.89 18.08
N SER A 225 37.92 -7.44 16.83
CA SER A 225 36.93 -6.58 16.23
C SER A 225 35.61 -7.31 16.00
N LEU A 226 34.50 -6.60 16.20
CA LEU A 226 33.19 -7.18 15.97
C LEU A 226 32.96 -7.56 14.51
N SER A 227 33.67 -6.91 13.59
CA SER A 227 33.49 -7.19 12.17
C SER A 227 34.01 -8.57 11.78
N GLY A 228 34.82 -9.20 12.61
CA GLY A 228 35.42 -10.48 12.26
C GLY A 228 34.88 -11.68 13.01
N LYS A 229 33.69 -11.56 13.60
CA LYS A 229 33.11 -12.69 14.31
C LYS A 229 32.82 -13.85 13.37
N ASP A 230 32.31 -13.56 12.18
CA ASP A 230 32.05 -14.63 11.20
C ASP A 230 33.35 -15.31 10.79
N LEU A 231 34.41 -14.53 10.57
CA LEU A 231 35.70 -15.13 10.22
C LEU A 231 36.26 -15.98 11.36
N ARG A 232 36.13 -15.49 12.59
CA ARG A 232 36.62 -16.27 13.74
C ARG A 232 35.86 -17.59 13.88
N GLU A 233 34.54 -17.55 13.72
CA GLU A 233 33.76 -18.79 13.78
C GLU A 233 34.12 -19.73 12.63
N TYR A 234 34.34 -19.18 11.44
CA TYR A 234 34.71 -20.01 10.29
C TYR A 234 36.06 -20.69 10.52
N ILE A 235 37.02 -19.95 11.09
CA ILE A 235 38.32 -20.53 11.38
C ILE A 235 38.20 -21.61 12.46
N LYS A 236 37.46 -21.31 13.53
CA LYS A 236 37.37 -22.23 14.66
C LYS A 236 36.71 -23.55 14.26
N SER A 237 35.66 -23.48 13.45
CA SER A 237 34.85 -24.65 13.16
C SER A 237 35.41 -25.52 12.04
N ASN A 238 36.48 -25.11 11.37
CA ASN A 238 37.03 -25.85 10.25
C ASN A 238 38.42 -26.39 10.52
N VAL A 239 39.37 -25.54 10.89
CA VAL A 239 40.76 -25.95 11.02
C VAL A 239 41.17 -25.92 12.49
N ASN A 240 42.23 -26.67 12.78
CA ASN A 240 42.85 -26.69 14.09
C ASN A 240 43.94 -25.63 14.15
N VAL A 241 43.76 -24.63 14.99
CA VAL A 241 44.77 -23.61 15.19
C VAL A 241 45.84 -24.16 16.12
N GLN A 242 47.10 -24.04 15.71
CA GLN A 242 48.21 -24.55 16.51
C GLN A 242 48.86 -23.48 17.37
N GLU A 243 49.13 -22.31 16.80
CA GLU A 243 49.90 -21.31 17.50
C GLU A 243 49.59 -19.92 16.94
N ILE A 244 49.48 -18.96 17.85
CA ILE A 244 49.19 -17.57 17.54
C ILE A 244 50.31 -16.73 18.12
N VAL A 245 50.97 -15.93 17.28
CA VAL A 245 51.97 -14.98 17.72
C VAL A 245 51.33 -13.60 17.66
N ASP A 246 51.12 -12.99 18.81
CA ASP A 246 50.43 -11.70 18.91
C ASP A 246 51.48 -10.63 19.22
N PHE A 247 51.85 -9.87 18.20
CA PHE A 247 52.81 -8.79 18.34
C PHE A 247 52.21 -7.53 18.94
N LEU A 248 50.89 -7.44 19.05
CA LEU A 248 50.19 -6.28 19.64
C LEU A 248 50.62 -5.04 18.89
N GLY A 249 50.96 -3.95 19.58
CA GLY A 249 51.27 -2.68 18.94
C GLY A 249 52.68 -2.53 18.42
N ALA A 250 53.49 -3.59 18.48
CA ALA A 250 54.84 -3.52 17.93
C ALA A 250 54.79 -3.32 16.42
N ASN A 251 55.64 -2.42 15.93
CA ASN A 251 55.69 -2.09 14.50
C ASN A 251 56.51 -3.16 13.79
N ILE A 252 55.84 -4.24 13.39
CA ILE A 252 56.51 -5.31 12.68
C ILE A 252 56.99 -4.82 11.31
N PHE A 253 56.12 -4.16 10.56
CA PHE A 253 56.47 -3.62 9.26
C PHE A 253 56.98 -2.19 9.42
N LYS A 254 58.23 -1.97 9.02
CA LYS A 254 58.86 -0.67 9.21
C LYS A 254 58.10 0.43 8.47
N ASN A 255 57.83 1.52 9.17
CA ASN A 255 57.14 2.69 8.63
C ASN A 255 55.74 2.35 8.12
N ILE A 256 55.15 1.27 8.64
CA ILE A 256 53.77 0.91 8.34
C ILE A 256 53.06 0.68 9.67
N GLY A 257 51.92 1.36 9.86
CA GLY A 257 51.21 1.28 11.11
C GLY A 257 50.14 0.21 11.16
N VAL A 258 50.55 -1.05 11.07
CA VAL A 258 49.64 -2.19 11.14
C VAL A 258 50.10 -3.12 12.25
N SER A 259 49.18 -3.45 13.16
CA SER A 259 49.46 -4.42 14.21
C SER A 259 49.27 -5.82 13.65
N SER A 260 50.35 -6.59 13.59
CA SER A 260 50.35 -7.87 12.90
C SER A 260 50.31 -9.04 13.88
N CYS A 261 49.93 -10.20 13.35
CA CYS A 261 49.98 -11.45 14.10
C CYS A 261 50.25 -12.59 13.11
N ILE A 262 50.74 -13.70 13.64
CA ILE A 262 51.10 -14.87 12.83
C ILE A 262 50.18 -16.02 13.23
N LEU A 263 49.50 -16.57 12.24
CA LEU A 263 48.56 -17.67 12.44
C LEU A 263 49.09 -18.93 11.76
N THR A 264 49.13 -20.02 12.52
CA THR A 264 49.51 -21.34 12.02
C THR A 264 48.39 -22.31 12.33
N PHE A 265 48.00 -23.12 11.34
CA PHE A 265 46.87 -24.02 11.50
C PHE A 265 47.03 -25.23 10.60
N ASP A 266 46.24 -26.25 10.89
CA ASP A 266 46.31 -27.52 10.16
C ASP A 266 44.92 -28.10 10.05
N LYS A 267 44.78 -29.04 9.12
CA LYS A 267 43.55 -29.84 8.98
C LYS A 267 43.78 -31.30 9.35
N LYS A 268 44.69 -31.55 10.29
CA LYS A 268 44.98 -32.91 10.74
C LYS A 268 43.93 -33.39 11.74
N LYS A 269 43.85 -34.70 11.89
CA LYS A 269 42.87 -35.32 12.77
C LYS A 269 43.38 -35.37 14.22
N THR A 270 43.55 -34.19 14.79
CA THR A 270 43.94 -34.06 16.18
C THR A 270 42.74 -34.26 17.09
N LYS A 271 43.01 -34.53 18.37
CA LYS A 271 41.97 -34.83 19.34
C LYS A 271 41.73 -33.67 20.29
N GLU A 272 42.76 -33.17 20.98
CA GLU A 272 42.58 -32.12 21.96
C GLU A 272 42.68 -30.73 21.36
N THR A 273 43.67 -30.50 20.48
CA THR A 273 43.83 -29.25 19.75
C THR A 273 43.98 -28.06 20.71
N TYR A 274 45.09 -28.07 21.44
CA TYR A 274 45.48 -26.93 22.25
C TYR A 274 46.31 -25.96 21.40
N ILE A 275 46.20 -24.67 21.72
CA ILE A 275 46.82 -23.60 20.96
C ILE A 275 47.91 -22.97 21.82
N ASP A 276 49.13 -22.97 21.30
CA ASP A 276 50.19 -22.14 21.87
C ASP A 276 49.94 -20.69 21.50
N VAL A 277 50.09 -19.80 22.47
CA VAL A 277 49.91 -18.37 22.25
C VAL A 277 51.15 -17.68 22.79
N PHE A 278 51.83 -16.92 21.93
CA PHE A 278 52.98 -16.10 22.28
C PHE A 278 52.55 -14.65 22.17
N LYS A 279 52.21 -14.05 23.31
CA LYS A 279 51.79 -12.65 23.37
C LYS A 279 52.98 -11.79 23.76
N ILE A 280 53.20 -10.71 23.02
CA ILE A 280 54.34 -9.84 23.32
C ILE A 280 54.13 -9.15 24.66
N LYS A 281 55.24 -8.89 25.35
CA LYS A 281 55.23 -8.16 26.62
C LYS A 281 55.67 -6.72 26.46
N ASN A 282 56.83 -6.49 25.86
CA ASN A 282 57.34 -5.16 25.60
C ASN A 282 57.02 -4.81 24.14
N GLU A 283 56.08 -3.88 23.96
CA GLU A 283 55.63 -3.52 22.62
C GLU A 283 56.58 -2.58 21.90
N ASP A 284 57.73 -2.26 22.49
CA ASP A 284 58.70 -1.34 21.90
C ASP A 284 59.95 -2.05 21.42
N ILE A 285 59.92 -3.38 21.30
CA ILE A 285 61.11 -4.11 20.89
C ILE A 285 61.40 -3.89 19.41
N CYS A 286 62.61 -4.24 19.00
CA CYS A 286 63.04 -4.13 17.62
C CYS A 286 63.21 -5.52 17.03
N ILE A 287 62.59 -5.76 15.87
CA ILE A 287 62.63 -7.08 15.25
C ILE A 287 64.03 -7.40 14.73
N ASN A 288 64.71 -6.42 14.13
CA ASN A 288 66.01 -6.66 13.51
C ASN A 288 67.10 -6.98 14.52
N LYS A 289 66.85 -6.78 15.81
CA LYS A 289 67.85 -7.04 16.85
C LYS A 289 67.92 -8.51 17.27
N PHE A 290 67.38 -9.43 16.46
CA PHE A 290 67.42 -10.85 16.76
C PHE A 290 67.82 -11.63 15.50
N GLU A 291 68.55 -12.72 15.72
CA GLU A 291 68.95 -13.58 14.60
C GLU A 291 67.76 -14.37 14.07
N THR A 292 66.95 -14.93 14.96
CA THR A 292 65.79 -15.73 14.59
C THR A 292 64.60 -15.31 15.44
N LEU A 293 63.40 -15.61 14.94
CA LEU A 293 62.19 -15.31 15.69
C LEU A 293 62.01 -16.23 16.89
N GLU A 294 62.61 -17.43 16.85
CA GLU A 294 62.53 -18.32 18.00
C GLU A 294 63.24 -17.72 19.21
N GLU A 295 64.35 -17.01 18.99
CA GLU A 295 65.01 -16.32 20.09
C GLU A 295 64.08 -15.32 20.74
N LEU A 296 63.40 -14.51 19.93
CA LEU A 296 62.49 -13.50 20.47
C LEU A 296 61.31 -14.14 21.18
N LEU A 297 60.75 -15.22 20.62
CA LEU A 297 59.60 -15.87 21.25
C LEU A 297 59.98 -16.52 22.58
N LYS A 298 61.15 -17.15 22.64
CA LYS A 298 61.59 -17.82 23.85
C LYS A 298 62.16 -16.85 24.89
N SER A 299 62.37 -15.59 24.53
CA SER A 299 62.94 -14.62 25.44
C SER A 299 61.87 -14.11 26.41
N SER A 300 62.28 -13.19 27.29
CA SER A 300 61.35 -12.57 28.23
C SER A 300 60.50 -11.49 27.59
N LYS A 301 60.80 -11.09 26.36
CA LYS A 301 59.98 -10.11 25.65
C LYS A 301 58.64 -10.70 25.22
N PHE A 302 58.46 -12.01 25.31
CA PHE A 302 57.22 -12.68 24.98
C PHE A 302 56.80 -13.56 26.16
N GLU A 303 55.51 -13.84 26.23
CA GLU A 303 54.97 -14.81 27.17
C GLU A 303 54.16 -15.86 26.42
N HIS A 304 54.19 -17.08 26.91
CA HIS A 304 53.53 -18.21 26.26
C HIS A 304 52.48 -18.80 27.18
N PHE A 305 51.33 -19.15 26.61
CA PHE A 305 50.32 -19.89 27.35
C PHE A 305 49.46 -20.70 26.38
N ASN A 306 48.81 -21.72 26.93
CA ASN A 306 48.02 -22.65 26.13
C ASN A 306 46.54 -22.37 26.31
N ILE A 307 45.79 -22.46 25.20
CA ILE A 307 44.36 -22.22 25.17
C ILE A 307 43.67 -23.43 24.58
N ASN A 308 42.61 -23.89 25.23
CA ASN A 308 41.79 -24.98 24.69
C ASN A 308 40.89 -24.43 23.60
N GLN A 309 41.09 -24.88 22.36
CA GLN A 309 40.33 -24.33 21.24
C GLN A 309 38.84 -24.61 21.37
N ARG A 310 38.48 -25.76 21.96
CA ARG A 310 37.07 -26.08 22.14
C ARG A 310 36.35 -25.09 23.05
N LEU A 311 37.09 -24.38 23.91
CA LEU A 311 36.50 -23.45 24.86
C LEU A 311 36.55 -22.01 24.38
N LEU A 312 36.91 -21.78 23.12
CA LEU A 312 36.96 -20.41 22.60
C LEU A 312 35.56 -19.83 22.50
N SER A 313 35.41 -18.59 22.95
CA SER A 313 34.18 -17.83 22.75
C SER A 313 34.25 -17.15 21.40
N ASP A 314 33.29 -16.25 21.12
CA ASP A 314 33.34 -15.49 19.87
C ASP A 314 34.39 -14.39 19.92
N GLU A 315 34.64 -13.81 21.09
CA GLU A 315 35.57 -12.69 21.20
C GLU A 315 37.03 -13.13 21.22
N TRP A 316 37.31 -14.41 21.47
CA TRP A 316 38.66 -14.95 21.54
C TRP A 316 39.49 -14.22 22.60
N ILE A 317 39.07 -14.39 23.85
CA ILE A 317 39.79 -13.85 24.99
C ILE A 317 41.02 -14.72 25.22
N LEU A 318 42.21 -14.15 25.03
CA LEU A 318 43.48 -14.89 25.10
C LEU A 318 44.29 -14.34 26.27
N VAL A 319 44.18 -14.99 27.43
CA VAL A 319 44.93 -14.63 28.62
C VAL A 319 45.53 -15.88 29.23
N ASN A 320 46.53 -15.68 30.08
CA ASN A 320 47.20 -16.77 30.76
C ASN A 320 46.34 -17.29 31.91
N LYS A 321 46.85 -18.31 32.60
CA LYS A 321 46.07 -18.94 33.67
C LYS A 321 45.81 -17.98 34.83
N ASP A 322 46.80 -17.18 35.20
CA ASP A 322 46.64 -16.28 36.34
C ASP A 322 45.58 -15.21 36.07
N ASP A 323 45.67 -14.56 34.91
CA ASP A 323 44.68 -13.56 34.54
C ASP A 323 43.30 -14.19 34.40
N GLU A 324 43.23 -15.42 33.88
CA GLU A 324 41.96 -16.11 33.76
C GLU A 324 41.34 -16.36 35.13
N THR A 325 42.16 -16.79 36.10
CA THR A 325 41.66 -17.02 37.45
C THR A 325 41.19 -15.72 38.09
N PHE A 326 41.95 -14.65 37.90
CA PHE A 326 41.56 -13.34 38.42
C PHE A 326 40.21 -12.92 37.84
N TYR A 327 40.06 -13.03 36.52
CA TYR A 327 38.81 -12.66 35.86
C TYR A 327 37.65 -13.52 36.34
N ASN A 328 37.87 -14.83 36.48
CA ASN A 328 36.79 -15.71 36.92
C ASN A 328 36.38 -15.42 38.35
N LYS A 329 37.34 -15.14 39.24
CA LYS A 329 37.00 -14.77 40.61
C LYS A 329 36.14 -13.52 40.63
N ILE A 330 36.54 -12.49 39.88
CA ILE A 330 35.76 -11.26 39.86
C ILE A 330 34.38 -11.51 39.28
N GLN A 331 34.30 -12.31 38.21
CA GLN A 331 33.01 -12.58 37.57
C GLN A 331 32.06 -13.31 38.51
N GLU A 332 32.56 -14.33 39.22
CA GLU A 332 31.69 -15.09 40.11
C GLU A 332 31.34 -14.33 41.38
N LYS A 333 32.20 -13.41 41.82
CA LYS A 333 31.95 -12.71 43.07
C LYS A 333 30.87 -11.63 42.92
N CYS A 334 30.74 -11.05 41.73
CA CYS A 334 29.89 -9.87 41.54
C CYS A 334 28.49 -10.30 41.10
N LYS A 335 27.48 -9.89 41.87
CA LYS A 335 26.10 -10.24 41.55
C LYS A 335 25.54 -9.38 40.42
N TYR A 336 25.92 -8.10 40.37
CA TYR A 336 25.36 -7.16 39.41
C TYR A 336 26.39 -6.81 38.34
N SER A 337 25.89 -6.24 37.25
CA SER A 337 26.72 -5.65 36.21
C SER A 337 26.26 -4.21 35.97
N LEU A 338 27.12 -3.44 35.31
CA LEU A 338 26.79 -2.05 35.02
C LEU A 338 25.53 -1.95 34.15
N GLU A 339 25.42 -2.83 33.16
CA GLU A 339 24.23 -2.84 32.30
C GLU A 339 22.96 -3.06 33.11
N ASP A 340 23.03 -3.89 34.16
CA ASP A 340 21.85 -4.18 34.96
C ASP A 340 21.38 -2.97 35.76
N ILE A 341 22.30 -2.12 36.22
CA ILE A 341 21.99 -1.08 37.19
C ILE A 341 22.25 0.33 36.66
N ALA A 342 22.49 0.48 35.37
CA ALA A 342 22.80 1.79 34.82
C ALA A 342 22.29 1.91 33.40
N ILE A 343 22.16 3.16 32.95
CA ILE A 343 21.75 3.50 31.60
C ILE A 343 22.87 4.31 30.96
N SER A 344 23.36 3.85 29.81
CA SER A 344 24.52 4.43 29.14
C SER A 344 24.12 5.08 27.84
N PHE A 345 24.85 6.14 27.46
CA PHE A 345 24.59 6.83 26.21
C PHE A 345 25.85 7.51 25.70
N GLN A 346 25.88 7.69 24.39
CA GLN A 346 26.94 8.38 23.68
C GLN A 346 26.66 9.88 23.64
N GLY A 347 27.72 10.67 23.52
CA GLY A 347 27.61 12.11 23.61
C GLY A 347 26.99 12.75 22.38
N ILE A 348 26.90 14.07 22.43
CA ILE A 348 26.32 14.85 21.35
C ILE A 348 27.19 14.72 20.10
N ILE A 349 26.54 14.50 18.95
CA ILE A 349 27.22 14.52 17.67
C ILE A 349 26.57 15.64 16.87
N THR A 350 27.26 16.78 16.77
CA THR A 350 26.68 17.94 16.11
C THR A 350 26.68 17.79 14.58
N GLY A 351 27.68 17.12 14.02
CA GLY A 351 27.88 17.09 12.59
C GLY A 351 28.76 18.20 12.07
N CYS A 352 28.87 19.30 12.81
CA CYS A 352 29.84 20.35 12.51
C CYS A 352 30.12 21.06 13.82
N ASP A 353 31.22 20.68 14.48
CA ASP A 353 31.50 21.21 15.82
C ASP A 353 31.82 22.70 15.78
N LYS A 354 32.38 23.19 14.67
CA LYS A 354 32.77 24.60 14.60
C LYS A 354 31.57 25.53 14.66
N ALA A 355 30.40 25.07 14.22
CA ALA A 355 29.22 25.93 14.20
C ALA A 355 28.50 25.99 15.54
N PHE A 356 28.80 25.11 16.48
CA PHE A 356 28.08 25.06 17.75
C PHE A 356 28.96 25.14 18.99
N ILE A 357 30.27 24.98 18.86
CA ILE A 357 31.18 24.99 19.99
C ILE A 357 31.98 26.28 19.95
N LEU A 358 31.94 27.03 21.05
CA LEU A 358 32.66 28.30 21.16
C LEU A 358 33.45 28.32 22.46
N SER A 359 34.49 29.15 22.49
CA SER A 359 35.18 29.42 23.74
C SER A 359 34.26 30.17 24.69
N LYS A 360 34.37 29.87 25.99
CA LYS A 360 33.53 30.55 26.97
C LYS A 360 33.83 32.04 27.03
N ASP A 361 35.05 32.44 26.66
CA ASP A 361 35.41 33.85 26.61
C ASP A 361 34.92 34.56 25.36
N ASP A 362 34.45 33.82 24.37
CA ASP A 362 34.09 34.43 23.09
C ASP A 362 32.97 35.45 23.24
N VAL A 363 33.14 36.59 22.58
CA VAL A 363 32.16 37.66 22.67
C VAL A 363 30.84 37.25 22.01
N LYS A 364 30.91 36.34 21.03
CA LYS A 364 29.69 35.90 20.36
C LYS A 364 28.72 35.20 21.30
N LEU A 365 29.20 34.69 22.44
CA LEU A 365 28.30 34.12 23.44
C LEU A 365 27.37 35.17 24.03
N ASN A 366 27.76 36.45 24.01
CA ASN A 366 26.83 37.51 24.39
C ASN A 366 25.65 37.60 23.44
N LEU A 367 25.79 37.10 22.21
CA LEU A 367 24.72 37.07 21.25
C LEU A 367 23.79 35.88 21.43
N VAL A 368 24.15 34.94 22.29
CA VAL A 368 23.36 33.72 22.51
C VAL A 368 22.76 33.78 23.90
N ASP A 369 21.45 33.55 23.99
CA ASP A 369 20.79 33.47 25.29
C ASP A 369 21.38 32.32 26.09
N ASP A 370 21.59 32.56 27.39
CA ASP A 370 22.22 31.57 28.25
C ASP A 370 21.37 30.33 28.46
N LYS A 371 20.09 30.36 28.10
CA LYS A 371 19.27 29.16 28.14
C LYS A 371 19.68 28.16 27.07
N PHE A 372 20.29 28.62 25.98
CA PHE A 372 20.73 27.76 24.89
C PHE A 372 22.17 27.27 25.06
N LEU A 373 22.89 27.77 26.06
CA LEU A 373 24.30 27.44 26.25
C LEU A 373 24.45 26.32 27.26
N LYS A 374 25.26 25.32 26.91
CA LYS A 374 25.57 24.20 27.79
C LYS A 374 27.08 24.09 27.92
N CYS A 375 27.54 23.63 29.09
CA CYS A 375 28.96 23.42 29.29
C CYS A 375 29.45 22.25 28.43
N TRP A 376 30.64 22.39 27.87
CA TRP A 376 31.17 21.45 26.89
C TRP A 376 32.56 21.02 27.30
N ILE A 377 32.79 19.70 27.34
CA ILE A 377 34.05 19.15 27.80
C ILE A 377 34.59 18.19 26.75
N LYS A 378 35.88 17.93 26.82
CA LYS A 378 36.57 16.97 25.97
C LYS A 378 37.04 15.79 26.83
N SER A 379 37.66 14.81 26.18
CA SER A 379 38.20 13.67 26.92
C SER A 379 39.36 14.08 27.81
N LYS A 380 40.15 15.07 27.39
CA LYS A 380 41.24 15.57 28.21
C LYS A 380 40.75 16.24 29.49
N ASN A 381 39.50 16.69 29.52
CA ASN A 381 38.93 17.30 30.72
C ASN A 381 38.51 16.28 31.76
N ILE A 382 38.55 14.99 31.45
CA ILE A 382 38.10 13.94 32.37
C ILE A 382 39.33 13.31 33.02
N ASN A 383 39.36 13.34 34.33
CA ASN A 383 40.37 12.68 35.15
C ASN A 383 39.67 11.66 36.04
N LYS A 384 40.42 11.07 36.98
CA LYS A 384 39.82 10.15 37.92
C LYS A 384 38.96 10.92 38.92
N TYR A 385 37.70 10.46 39.07
CA TYR A 385 36.74 10.89 40.08
C TYR A 385 36.13 12.27 39.85
N ILE A 386 36.66 13.07 38.92
CA ILE A 386 36.19 14.43 38.73
C ILE A 386 36.45 14.86 37.29
N VAL A 387 35.75 15.91 36.87
CA VAL A 387 35.88 16.49 35.54
C VAL A 387 36.42 17.91 35.67
N ASP A 388 37.35 18.27 34.78
CA ASP A 388 37.90 19.62 34.80
C ASP A 388 36.83 20.65 34.47
N LYS A 389 37.11 21.90 34.83
CA LYS A 389 36.19 22.99 34.51
C LYS A 389 36.03 23.14 33.01
N SER A 390 34.79 23.24 32.55
CA SER A 390 34.52 23.32 31.13
C SER A 390 35.02 24.64 30.56
N GLU A 391 35.83 24.57 29.50
CA GLU A 391 36.36 25.74 28.83
C GLU A 391 35.58 26.09 27.56
N TYR A 392 34.50 25.37 27.26
CA TYR A 392 33.77 25.55 26.02
C TYR A 392 32.27 25.58 26.29
N ARG A 393 31.55 26.23 25.40
CA ARG A 393 30.10 26.29 25.43
C ARG A 393 29.53 25.75 24.13
N LEU A 394 28.51 24.90 24.27
CA LEU A 394 27.77 24.34 23.14
C LEU A 394 26.44 25.07 23.03
N ILE A 395 26.12 25.54 21.83
CA ILE A 395 24.85 26.19 21.55
C ILE A 395 23.87 25.08 21.17
N TYR A 396 23.02 24.69 22.12
CA TYR A 396 22.03 23.64 21.88
C TYR A 396 20.93 24.21 21.00
N SER A 397 21.21 24.26 19.70
CA SER A 397 20.33 24.91 18.73
C SER A 397 19.01 24.17 18.52
N ASN A 398 18.88 22.94 19.03
CA ASN A 398 17.62 22.23 18.91
C ASN A 398 16.50 22.90 19.70
N ASP A 399 16.84 23.77 20.63
CA ASP A 399 15.85 24.52 21.39
C ASP A 399 15.49 25.86 20.75
N ILE A 400 16.10 26.20 19.61
CA ILE A 400 15.72 27.39 18.86
C ILE A 400 14.48 27.04 18.04
N ASP A 401 13.40 27.78 18.24
CA ASP A 401 12.12 27.43 17.61
C ASP A 401 12.04 27.97 16.18
N ASN A 402 12.13 29.29 16.02
CA ASN A 402 11.98 29.92 14.71
C ASN A 402 13.18 30.80 14.42
N GLU A 403 13.44 30.99 13.13
CA GLU A 403 14.58 31.78 12.70
C GLU A 403 14.38 33.28 12.85
N ASN A 404 13.13 33.73 13.01
CA ASN A 404 12.87 35.16 13.10
C ASN A 404 13.31 35.76 14.42
N THR A 405 13.01 35.07 15.53
CA THR A 405 13.31 35.62 16.85
C THR A 405 14.81 35.59 17.15
N ASN A 406 15.50 34.54 16.72
CA ASN A 406 16.92 34.35 16.99
C ASN A 406 17.74 34.44 15.69
N LYS A 407 17.40 35.40 14.83
CA LYS A 407 18.09 35.54 13.56
C LYS A 407 19.57 35.87 13.74
N ARG A 408 19.91 36.59 14.82
CA ARG A 408 21.31 36.93 15.05
C ARG A 408 22.15 35.68 15.27
N ILE A 409 21.65 34.73 16.06
CA ILE A 409 22.38 33.48 16.29
C ILE A 409 22.52 32.69 14.99
N LEU A 410 21.46 32.61 14.21
CA LEU A 410 21.45 31.78 13.01
C LEU A 410 22.21 32.41 11.85
N ASP A 411 22.47 33.72 11.90
CA ASP A 411 23.17 34.39 10.81
C ASP A 411 24.60 34.77 11.13
N GLU A 412 24.90 35.10 12.39
CA GLU A 412 26.22 35.58 12.76
C GLU A 412 27.09 34.50 13.41
N ILE A 413 26.52 33.37 13.81
CA ILE A 413 27.29 32.31 14.46
C ILE A 413 27.13 30.99 13.72
N ILE A 414 25.91 30.48 13.64
CA ILE A 414 25.70 29.15 13.07
C ILE A 414 25.70 29.19 11.55
N GLY A 415 25.18 30.27 10.95
CA GLY A 415 25.09 30.35 9.50
C GLY A 415 26.43 30.39 8.78
N LEU A 416 27.52 30.64 9.53
CA LEU A 416 28.85 30.71 8.93
C LEU A 416 29.21 29.41 8.21
N TYR A 417 28.61 28.28 8.61
CA TYR A 417 28.86 27.00 7.99
C TYR A 417 27.58 26.41 7.38
N LYS A 418 26.61 27.28 7.07
CA LYS A 418 25.28 26.79 6.67
C LYS A 418 25.36 25.78 5.54
N THR A 419 26.11 26.10 4.48
CA THR A 419 26.24 25.18 3.36
C THR A 419 26.71 23.81 3.82
N LYS A 420 27.78 23.76 4.62
CA LYS A 420 28.24 22.49 5.15
C LYS A 420 27.15 21.84 6.00
N LEU A 421 26.48 22.63 6.84
CA LEU A 421 25.39 22.10 7.65
C LEU A 421 24.27 21.55 6.78
N GLU A 422 24.13 22.07 5.55
CA GLU A 422 23.09 21.57 4.66
C GLU A 422 23.46 20.24 4.01
N ASN A 423 24.73 19.82 4.07
CA ASN A 423 25.14 18.57 3.45
C ASN A 423 25.03 17.38 4.39
N ARG A 424 24.64 17.60 5.64
CA ARG A 424 24.43 16.50 6.57
C ARG A 424 23.27 15.63 6.10
N ARG A 425 23.36 14.33 6.42
CA ARG A 425 22.41 13.36 5.87
C ARG A 425 20.98 13.66 6.29
N GLU A 426 20.76 13.96 7.56
CA GLU A 426 19.41 14.23 8.03
C GLU A 426 18.88 15.56 7.51
N CYS A 427 19.75 16.54 7.34
CA CYS A 427 19.33 17.80 6.74
C CYS A 427 18.90 17.60 5.29
N LYS A 428 19.65 16.79 4.54
CA LYS A 428 19.27 16.51 3.15
C LYS A 428 18.00 15.68 3.08
N SER A 429 17.80 14.77 4.04
CA SER A 429 16.58 13.97 4.06
C SER A 429 15.40 14.71 4.66
N GLY A 430 15.62 15.85 5.32
CA GLY A 430 14.55 16.64 5.88
C GLY A 430 14.15 16.29 7.30
N ILE A 431 14.94 15.49 8.00
CA ILE A 431 14.60 15.13 9.38
C ILE A 431 15.00 16.25 10.33
N ARG A 432 16.18 16.81 10.16
CA ARG A 432 16.70 17.88 11.01
C ARG A 432 16.81 19.16 10.22
N LYS A 433 16.49 20.28 10.86
CA LYS A 433 16.67 21.58 10.24
C LYS A 433 18.15 21.93 10.17
N TRP A 434 18.49 22.81 9.22
CA TRP A 434 19.89 23.05 8.90
C TRP A 434 20.68 23.60 10.08
N TYR A 435 20.03 24.34 10.97
CA TYR A 435 20.73 24.93 12.11
C TYR A 435 20.71 24.05 13.35
N GLU A 436 19.99 22.93 13.33
CA GLU A 436 19.89 22.06 14.49
C GLU A 436 21.06 21.09 14.56
N LEU A 437 21.28 20.54 15.75
CA LEU A 437 22.31 19.52 15.92
C LEU A 437 21.91 18.24 15.22
N GLN A 438 22.88 17.57 14.59
CA GLN A 438 22.58 16.35 13.86
C GLN A 438 22.09 15.25 14.81
N TRP A 439 22.76 15.09 15.95
CA TRP A 439 22.35 14.16 16.99
C TRP A 439 22.46 14.88 18.33
N GLY A 440 21.40 15.59 18.71
CA GLY A 440 21.35 16.32 19.95
C GLY A 440 20.93 15.51 21.16
N ARG A 441 20.68 14.21 20.96
CA ARG A 441 20.33 13.29 22.04
C ARG A 441 19.17 13.83 22.88
N GLU A 442 19.28 13.69 24.20
CA GLU A 442 18.30 14.21 25.14
C GLU A 442 19.02 15.07 26.18
N LYS A 443 18.50 16.29 26.38
CA LYS A 443 19.10 17.18 27.37
C LYS A 443 19.03 16.57 28.77
N LEU A 444 17.88 15.99 29.12
CA LEU A 444 17.66 15.49 30.47
C LEU A 444 18.60 14.33 30.81
N PHE A 445 19.15 13.64 29.81
CA PHE A 445 20.20 12.67 30.09
C PHE A 445 21.47 13.36 30.59
N PHE A 446 21.87 14.43 29.93
CA PHE A 446 23.11 15.12 30.28
C PHE A 446 22.94 15.98 31.54
N GLU A 447 21.79 16.62 31.70
CA GLU A 447 21.57 17.57 32.78
C GLU A 447 21.16 16.85 34.07
N ARG A 448 22.06 15.98 34.54
CA ARG A 448 21.85 15.26 35.78
C ARG A 448 23.20 14.78 36.31
N LYS A 449 23.21 14.36 37.56
CA LYS A 449 24.38 13.74 38.14
C LYS A 449 24.63 12.39 37.46
N LYS A 450 25.78 12.25 36.81
CA LYS A 450 26.08 11.07 36.01
C LYS A 450 27.57 10.77 36.13
N ILE A 451 28.00 9.71 35.45
CA ILE A 451 29.40 9.31 35.39
C ILE A 451 29.84 9.37 33.93
N MET A 452 30.98 10.00 33.68
CA MET A 452 31.52 10.16 32.34
C MET A 452 32.90 9.54 32.27
N TYR A 453 33.24 9.03 31.07
CA TYR A 453 34.55 8.44 30.86
C TYR A 453 34.97 8.58 29.40
N PRO A 454 36.26 8.78 29.15
CA PRO A 454 36.73 8.81 27.76
C PRO A 454 36.61 7.44 27.11
N TYR A 455 36.46 7.46 25.78
CA TYR A 455 36.30 6.21 25.05
C TYR A 455 37.62 5.57 24.66
N LYS A 456 38.74 6.29 24.75
CA LYS A 456 40.06 5.74 24.46
C LYS A 456 41.03 6.28 25.50
N SER A 457 41.52 5.41 26.36
CA SER A 457 42.39 5.84 27.46
C SER A 457 43.36 4.72 27.81
N ASN A 458 44.44 5.09 28.48
CA ASN A 458 45.44 4.15 28.94
C ASN A 458 45.12 3.54 30.30
N GLU A 459 44.08 4.03 30.98
CA GLU A 459 43.70 3.51 32.29
C GLU A 459 42.25 3.88 32.54
N ASN A 460 41.69 3.29 33.60
CA ASN A 460 40.31 3.58 33.98
C ASN A 460 40.20 5.01 34.50
N ARG A 461 39.40 5.82 33.81
CA ARG A 461 39.15 7.21 34.22
C ARG A 461 37.65 7.44 34.21
N PHE A 462 37.00 7.12 35.32
CA PHE A 462 35.57 7.36 35.50
C PHE A 462 35.37 8.52 36.47
N ALA A 463 34.62 9.53 36.04
CA ALA A 463 34.47 10.75 36.81
C ALA A 463 32.99 11.05 37.06
N ILE A 464 32.67 11.53 38.25
CA ILE A 464 31.33 12.00 38.54
C ILE A 464 31.19 13.42 38.00
N ASP A 465 30.19 13.64 37.16
CA ASP A 465 29.92 14.96 36.62
C ASP A 465 28.93 15.68 37.54
N TYR A 466 29.34 16.85 38.03
CA TYR A 466 28.51 17.65 38.92
C TYR A 466 27.94 18.90 38.28
N ASP A 467 28.41 19.28 37.09
CA ASP A 467 28.07 20.56 36.48
C ASP A 467 27.19 20.39 35.23
N ASN A 468 26.59 19.22 35.05
CA ASN A 468 25.72 18.94 33.90
C ASN A 468 26.46 19.24 32.59
N ASN A 469 27.58 18.55 32.41
CA ASN A 469 28.43 18.80 31.25
C ASN A 469 27.94 18.01 30.04
N PHE A 470 27.98 18.67 28.88
CA PHE A 470 27.75 18.03 27.60
C PHE A 470 29.08 17.69 26.95
N SER A 471 29.08 16.68 26.08
CA SER A 471 30.32 16.20 25.49
C SER A 471 30.04 15.66 24.09
N SER A 472 31.11 15.55 23.32
CA SER A 472 31.04 14.94 22.00
C SER A 472 31.07 13.42 22.13
N ALA A 473 31.24 12.72 21.02
CA ALA A 473 31.29 11.27 21.04
C ALA A 473 32.56 10.72 21.65
N ASP A 474 33.56 11.57 21.92
CA ASP A 474 34.79 11.12 22.55
C ASP A 474 34.63 10.83 24.03
N VAL A 475 33.46 11.08 24.61
CA VAL A 475 33.17 10.79 26.01
C VAL A 475 31.84 10.07 26.08
N TYR A 476 31.79 8.95 26.80
CA TYR A 476 30.55 8.24 27.04
C TYR A 476 30.07 8.52 28.46
N SER A 477 28.76 8.39 28.67
CA SER A 477 28.18 8.71 29.96
C SER A 477 27.21 7.62 30.36
N PHE A 478 26.98 7.51 31.67
CA PHE A 478 25.91 6.65 32.16
C PHE A 478 25.45 7.16 33.52
N PHE A 479 24.18 6.87 33.84
CA PHE A 479 23.61 7.25 35.11
C PHE A 479 22.90 6.04 35.73
N ILE A 480 22.91 5.99 37.07
CA ILE A 480 22.35 4.87 37.78
C ILE A 480 20.84 4.83 37.60
N LYS A 481 20.30 3.63 37.42
CA LYS A 481 18.86 3.46 37.30
C LYS A 481 18.18 3.85 38.61
N GLU A 482 16.92 4.27 38.51
CA GLU A 482 16.21 4.82 39.66
C GLU A 482 16.07 3.78 40.78
N GLU A 483 15.74 2.54 40.42
CA GLU A 483 15.50 1.52 41.44
C GLU A 483 16.79 1.00 42.08
N TYR A 484 17.95 1.28 41.50
CA TYR A 484 19.22 0.86 42.07
C TYR A 484 19.95 2.00 42.78
N LEU A 485 19.34 3.18 42.88
CA LEU A 485 19.99 4.30 43.54
C LEU A 485 20.18 4.04 45.03
N ASP A 486 19.29 3.26 45.65
CA ASP A 486 19.45 2.95 47.06
C ASP A 486 20.57 1.93 47.29
N LYS A 487 20.82 1.06 46.32
CA LYS A 487 21.86 0.04 46.47
C LYS A 487 23.23 0.53 46.05
N PHE A 488 23.31 1.36 45.00
CA PHE A 488 24.58 1.83 44.49
C PHE A 488 24.59 3.35 44.41
N SER A 489 25.73 3.94 44.78
CA SER A 489 25.93 5.38 44.73
C SER A 489 27.06 5.69 43.74
N TYR A 490 27.01 6.89 43.17
CA TYR A 490 28.02 7.28 42.21
C TYR A 490 29.42 7.28 42.83
N GLU A 491 29.52 7.68 44.10
CA GLU A 491 30.82 7.72 44.76
C GLU A 491 31.42 6.31 44.88
N TYR A 492 30.61 5.33 45.30
CA TYR A 492 31.10 3.96 45.39
C TYR A 492 31.46 3.41 44.01
N LEU A 493 30.64 3.74 43.00
CA LEU A 493 30.91 3.24 41.66
C LEU A 493 32.24 3.76 41.13
N VAL A 494 32.48 5.07 41.26
CA VAL A 494 33.76 5.60 40.79
C VAL A 494 34.91 5.17 41.67
N GLY A 495 34.64 4.84 42.94
CA GLY A 495 35.70 4.29 43.77
C GLY A 495 36.17 2.93 43.28
N ILE A 496 35.23 2.02 43.06
CA ILE A 496 35.62 0.67 42.63
C ILE A 496 36.13 0.70 41.19
N LEU A 497 35.50 1.49 40.32
CA LEU A 497 35.88 1.50 38.91
C LEU A 497 37.27 2.08 38.69
N ASN A 498 37.67 3.06 39.49
CA ASN A 498 38.98 3.69 39.31
C ASN A 498 40.09 2.93 40.02
N SER A 499 39.77 1.88 40.77
CA SER A 499 40.80 1.13 41.48
C SER A 499 41.66 0.34 40.51
N SER A 500 42.86 -0.02 40.97
CA SER A 500 43.75 -0.84 40.15
C SER A 500 43.15 -2.22 39.89
N VAL A 501 42.36 -2.73 40.85
CA VAL A 501 41.72 -4.04 40.67
C VAL A 501 40.84 -4.02 39.43
N TYR A 502 39.95 -3.03 39.33
CA TYR A 502 39.06 -2.96 38.18
C TYR A 502 39.77 -2.50 36.93
N ASP A 503 40.89 -1.76 37.07
CA ASP A 503 41.70 -1.46 35.90
C ASP A 503 42.22 -2.75 35.25
N LYS A 504 42.80 -3.63 36.06
CA LYS A 504 43.25 -4.93 35.55
C LYS A 504 42.09 -5.75 35.03
N TYR A 505 40.97 -5.76 35.76
CA TYR A 505 39.80 -6.55 35.38
C TYR A 505 39.27 -6.12 34.01
N PHE A 506 39.20 -4.81 33.75
CA PHE A 506 38.74 -4.34 32.46
C PHE A 506 39.78 -4.60 31.37
N LYS A 507 41.05 -4.34 31.66
CA LYS A 507 42.09 -4.52 30.65
C LYS A 507 42.26 -5.97 30.23
N ILE A 508 41.81 -6.92 31.07
CA ILE A 508 41.92 -8.33 30.69
C ILE A 508 41.15 -8.60 29.39
N THR A 509 39.92 -8.11 29.30
CA THR A 509 39.05 -8.41 28.18
C THR A 509 38.88 -7.24 27.22
N ALA A 510 39.47 -6.09 27.51
CA ALA A 510 39.28 -4.91 26.67
C ALA A 510 40.03 -5.06 25.35
N LYS A 511 39.46 -4.46 24.30
CA LYS A 511 40.12 -4.40 23.01
C LYS A 511 41.25 -3.38 23.04
N LYS A 512 42.43 -3.77 22.57
CA LYS A 512 43.59 -2.90 22.51
C LYS A 512 43.70 -2.37 21.09
N MET A 513 43.35 -1.10 20.88
CA MET A 513 43.32 -0.56 19.53
C MET A 513 44.71 -0.12 19.07
N SER A 514 45.52 0.44 19.97
CA SER A 514 46.87 0.85 19.63
C SER A 514 47.77 0.60 20.84
N LYS A 515 49.04 0.98 20.71
CA LYS A 515 49.99 0.76 21.78
C LYS A 515 49.65 1.63 22.98
N ASN A 516 49.47 0.99 24.14
CA ASN A 516 49.18 1.64 25.41
C ASN A 516 47.85 2.37 25.42
N ILE A 517 46.94 2.04 24.49
CA ILE A 517 45.63 2.67 24.41
C ILE A 517 44.57 1.59 24.32
N TYR A 518 43.56 1.66 25.18
CA TYR A 518 42.44 0.74 25.18
C TYR A 518 41.16 1.48 24.79
N ASP A 519 40.24 0.75 24.17
CA ASP A 519 38.95 1.31 23.77
C ASP A 519 37.95 1.09 24.91
N TYR A 520 37.39 2.18 25.42
CA TYR A 520 36.41 2.17 26.49
C TYR A 520 35.05 2.50 25.88
N TYR A 521 34.37 1.49 25.38
CA TYR A 521 33.07 1.62 24.74
C TYR A 521 32.00 0.90 25.55
N PRO A 522 30.75 1.32 25.45
CA PRO A 522 29.70 0.71 26.28
C PRO A 522 29.56 -0.79 26.10
N ASN A 523 29.80 -1.31 24.89
CA ASN A 523 29.68 -2.75 24.67
C ASN A 523 30.67 -3.54 25.51
N LYS A 524 31.73 -2.90 25.99
CA LYS A 524 32.67 -3.50 26.93
C LYS A 524 32.55 -2.93 28.34
N VAL A 525 32.39 -1.62 28.46
CA VAL A 525 32.31 -0.98 29.77
C VAL A 525 31.09 -1.46 30.54
N MET A 526 29.94 -1.55 29.86
CA MET A 526 28.71 -1.92 30.54
C MET A 526 28.65 -3.39 30.94
N LYS A 527 29.57 -4.21 30.43
CA LYS A 527 29.64 -5.60 30.86
C LYS A 527 30.45 -5.78 32.14
N ILE A 528 31.07 -4.71 32.65
CA ILE A 528 31.80 -4.79 33.90
C ILE A 528 30.83 -5.18 35.02
N ARG A 529 31.24 -6.14 35.83
CA ARG A 529 30.43 -6.61 36.94
C ARG A 529 30.86 -5.92 38.22
N ILE A 530 29.88 -5.57 39.06
CA ILE A 530 30.13 -4.87 40.31
C ILE A 530 29.46 -5.62 41.45
N PHE A 531 29.95 -5.33 42.67
CA PHE A 531 29.55 -6.06 43.87
C PHE A 531 29.11 -5.08 44.95
N ARG A 532 28.58 -5.63 46.02
CA ARG A 532 28.31 -4.87 47.23
C ARG A 532 28.30 -5.83 48.41
N ASP A 533 29.02 -5.47 49.47
CA ASP A 533 29.15 -6.34 50.64
C ASP A 533 29.46 -5.46 51.85
N ASN A 534 29.91 -6.09 52.93
CA ASN A 534 30.13 -5.37 54.19
C ASN A 534 31.19 -4.28 54.07
N ASN A 535 32.02 -4.31 53.03
CA ASN A 535 33.03 -3.28 52.81
C ASN A 535 32.49 -2.09 52.03
N TYR A 536 31.19 -2.09 51.69
CA TYR A 536 30.64 -1.05 50.82
C TYR A 536 30.80 0.34 51.44
N GLU A 537 30.44 0.48 52.72
CA GLU A 537 30.42 1.81 53.33
C GLU A 537 31.82 2.40 53.44
N GLU A 538 32.81 1.58 53.80
CA GLU A 538 34.17 2.10 53.91
C GLU A 538 34.73 2.50 52.54
N ILE A 539 34.43 1.72 51.50
CA ILE A 539 34.86 2.07 50.15
C ILE A 539 34.21 3.37 49.70
N GLU A 540 32.92 3.53 49.97
CA GLU A 540 32.23 4.77 49.61
C GLU A 540 32.83 5.96 50.36
N ASN A 541 33.15 5.78 51.64
CA ASN A 541 33.75 6.87 52.41
C ASN A 541 35.12 7.24 51.88
N LEU A 542 35.93 6.24 51.52
CA LEU A 542 37.24 6.54 50.93
C LEU A 542 37.11 7.27 49.61
N SER A 543 36.14 6.86 48.78
CA SER A 543 35.91 7.56 47.52
C SER A 543 35.49 9.01 47.77
N LYS A 544 34.61 9.22 48.76
CA LYS A 544 34.21 10.58 49.10
C LYS A 544 35.40 11.41 49.56
N GLN A 545 36.29 10.81 50.37
CA GLN A 545 37.50 11.53 50.80
C GLN A 545 38.36 11.90 49.61
N ILE A 546 38.55 10.98 48.66
CA ILE A 546 39.36 11.26 47.49
C ILE A 546 38.76 12.40 46.68
N ILE A 547 37.44 12.36 46.47
CA ILE A 547 36.78 13.43 45.71
C ILE A 547 36.92 14.76 46.43
N SER A 548 36.72 14.77 47.75
CA SER A 548 36.84 16.01 48.51
C SER A 548 38.25 16.59 48.42
N ILE A 549 39.27 15.73 48.49
CA ILE A 549 40.63 16.23 48.35
C ILE A 549 40.85 16.78 46.94
N LEU A 550 40.40 16.05 45.93
CA LEU A 550 40.63 16.48 44.55
C LEU A 550 39.89 17.77 44.20
N LEU A 551 38.82 18.10 44.93
CA LEU A 551 37.99 19.24 44.54
C LEU A 551 38.52 20.57 45.05
N ASN A 552 39.14 20.62 46.23
CA ASN A 552 39.48 21.91 46.80
C ASN A 552 40.62 22.58 46.03
N LYS A 553 40.70 23.91 46.15
CA LYS A 553 41.67 24.69 45.39
C LYS A 553 43.09 24.40 45.86
N SER A 554 43.33 24.45 47.16
CA SER A 554 44.65 24.19 47.72
C SER A 554 44.85 22.68 47.86
N ILE A 555 45.05 22.04 46.71
CA ILE A 555 45.08 20.58 46.62
C ILE A 555 46.50 20.13 46.32
N ASP A 556 46.98 19.17 47.10
CA ASP A 556 48.12 18.35 46.75
C ASP A 556 47.63 16.92 46.61
N LYS A 557 48.05 16.25 45.53
CA LYS A 557 47.53 14.90 45.25
C LYS A 557 47.78 13.99 46.44
N GLY A 558 49.04 13.70 46.74
CA GLY A 558 49.46 13.17 48.02
C GLY A 558 48.59 12.09 48.63
N LYS A 559 47.93 12.46 49.74
CA LYS A 559 47.07 11.60 50.54
C LYS A 559 46.16 10.73 49.68
N VAL A 560 45.69 11.27 48.56
CA VAL A 560 44.76 10.55 47.70
C VAL A 560 45.32 9.17 47.36
N GLU A 561 46.58 9.13 46.90
CA GLU A 561 47.21 7.86 46.58
C GLU A 561 47.10 6.89 47.75
N LYS A 562 47.50 7.35 48.95
CA LYS A 562 47.39 6.52 50.14
C LYS A 562 45.96 6.01 50.28
N LEU A 563 44.98 6.92 50.22
CA LEU A 563 43.59 6.52 50.32
C LEU A 563 43.26 5.44 49.30
N GLN A 564 43.67 5.67 48.04
CA GLN A 564 43.41 4.70 46.99
C GLN A 564 43.92 3.33 47.40
N ILE A 565 45.16 3.28 47.90
CA ILE A 565 45.74 1.99 48.29
C ILE A 565 44.83 1.29 49.29
N LYS A 566 44.39 2.01 50.32
CA LYS A 566 43.52 1.41 51.32
C LYS A 566 42.27 0.85 50.66
N MET A 567 41.65 1.65 49.79
CA MET A 567 40.44 1.19 49.11
C MET A 567 40.71 -0.11 48.37
N ASP A 568 41.84 -0.17 47.65
CA ASP A 568 42.15 -1.38 46.89
C ASP A 568 42.20 -2.59 47.79
N ASN A 569 42.81 -2.45 48.97
CA ASN A 569 42.85 -3.55 49.92
C ASN A 569 41.44 -4.07 50.18
N LEU A 570 40.54 -3.17 50.54
CA LEU A 570 39.16 -3.57 50.81
C LEU A 570 38.58 -4.30 49.62
N ILE A 571 38.80 -3.76 48.41
CA ILE A 571 38.24 -4.39 47.22
C ILE A 571 38.77 -5.81 47.09
N MET A 572 40.08 -5.98 47.28
CA MET A 572 40.63 -7.33 47.23
C MET A 572 40.05 -8.19 48.35
N ASP A 573 39.91 -7.60 49.55
CA ASP A 573 39.25 -8.32 50.63
C ASP A 573 37.86 -8.76 50.23
N SER A 574 37.17 -7.94 49.44
CA SER A 574 35.82 -8.28 49.02
C SER A 574 35.81 -9.36 47.93
N LEU A 575 36.89 -9.46 47.14
CA LEU A 575 36.89 -10.34 45.99
C LEU A 575 37.71 -11.61 46.20
N GLY A 576 38.35 -11.77 47.35
CA GLY A 576 39.17 -12.95 47.60
C GLY A 576 40.33 -13.07 46.63
N ILE A 577 41.02 -11.96 46.37
CA ILE A 577 42.12 -11.95 45.40
C ILE A 577 43.39 -11.41 46.06
N SER B 27 -14.85 6.76 -12.96
CA SER B 27 -14.25 6.37 -11.68
C SER B 27 -13.41 7.51 -11.10
N GLY B 28 -12.61 8.13 -11.95
CA GLY B 28 -11.75 9.24 -11.56
C GLY B 28 -12.36 10.62 -11.72
N ILE B 29 -13.65 10.71 -12.05
CA ILE B 29 -14.33 11.98 -12.26
C ILE B 29 -15.36 12.16 -11.14
N TYR B 30 -15.28 13.30 -10.46
CA TYR B 30 -16.17 13.61 -9.35
C TYR B 30 -17.06 14.78 -9.75
N TYR B 31 -18.37 14.64 -9.50
CA TYR B 31 -19.35 15.62 -9.95
C TYR B 31 -19.55 16.67 -8.86
N THR B 32 -19.20 17.92 -9.19
CA THR B 32 -19.42 19.05 -8.30
C THR B 32 -20.90 19.47 -8.35
N PRO B 33 -21.51 19.76 -7.20
CA PRO B 33 -22.91 20.23 -7.21
C PRO B 33 -23.06 21.50 -8.02
N LYS B 34 -24.20 21.61 -8.72
CA LYS B 34 -24.38 22.71 -9.66
C LYS B 34 -24.43 24.06 -8.96
N ILE B 35 -25.01 24.12 -7.76
CA ILE B 35 -25.09 25.39 -7.04
C ILE B 35 -23.69 25.89 -6.68
N ILE B 36 -22.80 24.98 -6.29
CA ILE B 36 -21.42 25.35 -6.00
C ILE B 36 -20.75 25.91 -7.25
N VAL B 37 -20.94 25.24 -8.40
CA VAL B 37 -20.31 25.69 -9.64
C VAL B 37 -20.82 27.07 -10.03
N ASP B 38 -22.14 27.28 -9.95
CA ASP B 38 -22.72 28.58 -10.25
C ASP B 38 -22.12 29.65 -9.34
N TYR B 39 -22.02 29.34 -8.04
CA TYR B 39 -21.48 30.31 -7.10
C TYR B 39 -20.04 30.66 -7.45
N ILE B 40 -19.22 29.66 -7.76
CA ILE B 40 -17.80 29.90 -8.04
C ILE B 40 -17.65 30.76 -9.31
N VAL B 41 -18.34 30.37 -10.38
CA VAL B 41 -18.21 31.09 -11.64
C VAL B 41 -18.70 32.53 -11.50
N LYS B 42 -19.84 32.73 -10.84
CA LYS B 42 -20.31 34.09 -10.61
C LYS B 42 -19.34 34.87 -9.72
N LYS B 43 -18.80 34.22 -8.69
CA LYS B 43 -17.86 34.86 -7.79
C LYS B 43 -16.64 35.37 -8.55
N THR B 44 -16.21 34.64 -9.57
CA THR B 44 -15.06 35.09 -10.35
C THR B 44 -15.42 36.08 -11.45
N LEU B 45 -16.66 36.06 -11.95
CA LEU B 45 -17.00 36.81 -13.16
C LEU B 45 -18.06 37.88 -12.99
N LYS B 46 -18.63 38.06 -11.79
CA LYS B 46 -19.80 38.93 -11.67
C LYS B 46 -19.48 40.41 -11.86
N ASN B 47 -18.21 40.80 -11.90
CA ASN B 47 -17.85 42.20 -12.01
C ASN B 47 -16.74 42.41 -13.03
N HIS B 48 -16.75 41.62 -14.10
CA HIS B 48 -15.76 41.78 -15.17
C HIS B 48 -16.25 42.81 -16.19
N ASP B 49 -15.39 43.78 -16.49
CA ASP B 49 -15.68 44.80 -17.48
C ASP B 49 -15.35 44.24 -18.86
N ILE B 50 -16.38 43.76 -19.57
CA ILE B 50 -16.15 43.16 -20.88
C ILE B 50 -15.86 44.22 -21.94
N ILE B 51 -16.25 45.48 -21.71
CA ILE B 51 -15.96 46.54 -22.66
C ILE B 51 -14.47 46.86 -22.66
N LYS B 52 -13.87 46.95 -21.47
CA LYS B 52 -12.44 47.26 -21.38
C LYS B 52 -11.59 46.08 -21.85
N ASN B 53 -11.97 44.87 -21.47
CA ASN B 53 -11.21 43.66 -21.80
C ASN B 53 -12.16 42.62 -22.39
N PRO B 54 -12.38 42.66 -23.70
CA PRO B 54 -13.19 41.62 -24.36
C PRO B 54 -12.45 40.32 -24.63
N TYR B 55 -11.25 40.13 -24.07
CA TYR B 55 -10.46 38.92 -24.28
C TYR B 55 -10.07 38.33 -22.93
N PRO B 56 -11.03 37.84 -22.15
CA PRO B 56 -10.69 37.23 -20.86
C PRO B 56 -10.42 35.73 -20.99
N ARG B 57 -9.36 35.30 -20.32
CA ARG B 57 -8.99 33.88 -20.32
C ARG B 57 -9.51 33.24 -19.03
N ILE B 58 -10.33 32.21 -19.18
CA ILE B 58 -10.85 31.45 -18.05
C ILE B 58 -10.36 30.02 -18.20
N LEU B 59 -9.63 29.53 -17.21
CA LEU B 59 -8.95 28.25 -17.27
C LEU B 59 -9.49 27.30 -16.20
N ASP B 60 -9.62 26.03 -16.58
CA ASP B 60 -9.95 24.95 -15.65
C ASP B 60 -8.97 23.80 -15.90
N ILE B 61 -8.06 23.55 -14.96
CA ILE B 61 -7.02 22.56 -15.15
C ILE B 61 -7.42 21.16 -14.69
N SER B 62 -8.62 20.99 -14.16
CA SER B 62 -9.16 19.67 -13.86
C SER B 62 -10.63 19.61 -14.28
N CYS B 63 -10.91 20.08 -15.50
CA CYS B 63 -12.28 20.28 -15.94
C CYS B 63 -13.05 18.96 -16.01
N GLY B 64 -12.40 17.89 -16.44
CA GLY B 64 -13.13 16.64 -16.63
C GLY B 64 -14.15 16.79 -17.73
N CYS B 65 -15.40 16.45 -17.42
CA CYS B 65 -16.48 16.70 -18.36
C CYS B 65 -16.76 18.18 -18.55
N GLY B 66 -16.42 19.00 -17.55
CA GLY B 66 -16.43 20.44 -17.71
C GLY B 66 -17.72 21.14 -17.32
N ASN B 67 -18.22 20.89 -16.12
CA ASN B 67 -19.36 21.65 -15.61
C ASN B 67 -19.00 23.12 -15.49
N PHE B 68 -17.81 23.39 -14.92
CA PHE B 68 -17.36 24.76 -14.76
C PHE B 68 -17.21 25.46 -16.11
N LEU B 69 -16.66 24.76 -17.10
CA LEU B 69 -16.43 25.41 -18.39
C LEU B 69 -17.74 25.66 -19.13
N LEU B 70 -18.71 24.76 -19.02
CA LEU B 70 -20.01 25.01 -19.63
C LEU B 70 -20.72 26.18 -18.97
N GLU B 71 -20.67 26.25 -17.63
CA GLU B 71 -21.25 27.41 -16.94
C GLU B 71 -20.54 28.69 -17.34
N VAL B 72 -19.21 28.62 -17.50
CA VAL B 72 -18.44 29.78 -17.95
C VAL B 72 -18.87 30.19 -19.34
N TYR B 73 -19.12 29.22 -20.22
CA TYR B 73 -19.59 29.54 -21.57
C TYR B 73 -20.94 30.25 -21.51
N ASP B 74 -21.86 29.77 -20.68
CA ASP B 74 -23.15 30.42 -20.57
C ASP B 74 -23.00 31.87 -20.08
N ILE B 75 -22.21 32.06 -19.01
CA ILE B 75 -22.03 33.39 -18.44
C ILE B 75 -21.37 34.33 -19.45
N LEU B 76 -20.34 33.82 -20.15
CA LEU B 76 -19.65 34.64 -21.14
C LEU B 76 -20.55 34.99 -22.31
N TYR B 77 -21.39 34.05 -22.77
CA TYR B 77 -22.29 34.35 -23.86
C TYR B 77 -23.28 35.43 -23.45
N ASP B 78 -23.85 35.33 -22.25
CA ASP B 78 -24.77 36.36 -21.79
C ASP B 78 -24.06 37.71 -21.65
N LEU B 79 -22.84 37.72 -21.12
CA LEU B 79 -22.11 38.97 -20.94
C LEU B 79 -21.78 39.61 -22.29
N PHE B 80 -21.34 38.81 -23.25
CA PHE B 80 -21.02 39.34 -24.57
C PHE B 80 -22.26 39.84 -25.29
N GLU B 81 -23.39 39.13 -25.17
CA GLU B 81 -24.60 39.54 -25.86
C GLU B 81 -25.17 40.81 -25.25
N GLU B 82 -25.10 40.96 -23.92
CA GLU B 82 -25.67 42.14 -23.28
C GLU B 82 -24.93 43.41 -23.69
N ASN B 83 -23.65 43.32 -24.05
CA ASN B 83 -22.85 44.47 -24.41
C ASN B 83 -22.32 44.38 -25.84
N ILE B 84 -23.07 43.72 -26.72
CA ILE B 84 -22.58 43.49 -28.08
C ILE B 84 -22.45 44.80 -28.85
N TYR B 85 -23.43 45.71 -28.69
CA TYR B 85 -23.40 46.95 -29.45
C TYR B 85 -22.30 47.89 -28.97
N GLU B 86 -22.04 47.91 -27.66
CA GLU B 86 -20.94 48.72 -27.14
C GLU B 86 -19.60 48.24 -27.70
N LEU B 87 -19.40 46.92 -27.74
CA LEU B 87 -18.19 46.37 -28.34
C LEU B 87 -18.11 46.68 -29.83
N LYS B 88 -19.26 46.61 -30.52
CA LYS B 88 -19.29 46.91 -31.95
C LYS B 88 -18.89 48.36 -32.20
N LYS B 89 -19.34 49.27 -31.33
CA LYS B 89 -19.02 50.68 -31.51
C LYS B 89 -17.57 50.97 -31.14
N LYS B 90 -17.09 50.42 -30.02
CA LYS B 90 -15.74 50.73 -29.56
C LYS B 90 -14.68 50.11 -30.46
N TYR B 91 -14.82 48.82 -30.76
CA TYR B 91 -13.85 48.07 -31.53
C TYR B 91 -14.34 47.89 -32.97
N ASP B 92 -13.64 47.03 -33.72
CA ASP B 92 -14.04 46.67 -35.07
C ASP B 92 -15.52 46.29 -35.11
N GLU B 93 -16.31 47.06 -35.86
CA GLU B 93 -17.74 46.85 -35.90
C GLU B 93 -18.15 45.64 -36.74
N ASN B 94 -17.27 45.17 -37.64
CA ASN B 94 -17.59 43.98 -38.41
C ASN B 94 -17.37 42.69 -37.63
N TYR B 95 -16.39 42.68 -36.72
CA TYR B 95 -16.10 41.48 -35.96
C TYR B 95 -17.20 41.17 -34.94
N TRP B 96 -17.70 42.20 -34.26
CA TRP B 96 -18.58 42.00 -33.11
C TRP B 96 -20.03 41.89 -33.58
N THR B 97 -20.41 40.67 -33.96
CA THR B 97 -21.79 40.31 -34.23
C THR B 97 -22.16 39.13 -33.34
N VAL B 98 -23.45 39.06 -32.98
CA VAL B 98 -23.91 38.02 -32.06
C VAL B 98 -23.60 36.64 -32.62
N ASP B 99 -23.82 36.43 -33.92
CA ASP B 99 -23.57 35.15 -34.53
C ASP B 99 -22.11 34.72 -34.39
N ASN B 100 -21.20 35.68 -34.27
CA ASN B 100 -19.78 35.37 -34.11
C ASN B 100 -19.39 35.05 -32.66
N ILE B 101 -20.25 35.38 -31.70
CA ILE B 101 -19.88 35.26 -30.28
C ILE B 101 -19.41 33.85 -29.96
N HIS B 102 -20.17 32.85 -30.42
CA HIS B 102 -19.82 31.47 -30.13
C HIS B 102 -18.40 31.13 -30.56
N ARG B 103 -17.97 31.65 -31.70
CA ARG B 103 -16.58 31.43 -32.11
C ARG B 103 -15.62 32.09 -31.14
N HIS B 104 -15.86 33.37 -30.84
CA HIS B 104 -14.91 34.15 -30.04
C HIS B 104 -14.63 33.47 -28.71
N ILE B 105 -15.69 33.08 -28.00
CA ILE B 105 -15.54 32.45 -26.70
C ILE B 105 -14.68 31.19 -26.81
N LEU B 106 -14.88 30.42 -27.88
CA LEU B 106 -14.12 29.19 -28.03
C LEU B 106 -12.70 29.41 -28.51
N ASN B 107 -12.37 30.60 -29.02
CA ASN B 107 -11.05 30.83 -29.60
C ASN B 107 -10.10 31.56 -28.67
N TYR B 108 -10.60 32.43 -27.79
CA TYR B 108 -9.75 33.25 -26.95
C TYR B 108 -10.10 33.22 -25.47
N CYS B 109 -11.18 32.57 -25.07
CA CYS B 109 -11.70 32.72 -23.71
C CYS B 109 -11.63 31.44 -22.90
N ILE B 110 -12.16 30.33 -23.40
CA ILE B 110 -12.28 29.11 -22.61
C ILE B 110 -11.01 28.28 -22.79
N TYR B 111 -10.42 27.86 -21.67
CA TYR B 111 -9.26 26.98 -21.66
C TYR B 111 -9.49 25.87 -20.65
N GLY B 112 -9.32 24.63 -21.07
CA GLY B 112 -9.47 23.49 -20.18
C GLY B 112 -8.31 22.53 -20.36
N ALA B 113 -8.04 21.78 -19.30
CA ALA B 113 -6.98 20.79 -19.31
C ALA B 113 -7.36 19.61 -18.44
N ASP B 114 -7.10 18.40 -18.93
CA ASP B 114 -7.37 17.22 -18.12
C ASP B 114 -6.53 16.05 -18.64
N ILE B 115 -6.36 15.04 -17.78
CA ILE B 115 -5.56 13.87 -18.14
C ILE B 115 -6.39 12.76 -18.76
N ASP B 116 -7.71 12.94 -18.88
CA ASP B 116 -8.58 11.92 -19.44
C ASP B 116 -8.99 12.32 -20.86
N GLU B 117 -8.76 11.41 -21.82
CA GLU B 117 -9.12 11.69 -23.20
C GLU B 117 -10.63 11.73 -23.40
N LYS B 118 -11.36 10.77 -22.81
CA LYS B 118 -12.79 10.69 -23.04
C LYS B 118 -13.51 11.92 -22.47
N ALA B 119 -13.11 12.37 -21.28
CA ALA B 119 -13.72 13.55 -20.70
C ALA B 119 -13.47 14.78 -21.55
N ILE B 120 -12.26 14.93 -22.08
CA ILE B 120 -11.95 16.07 -22.93
C ILE B 120 -12.76 16.01 -24.22
N SER B 121 -12.90 14.82 -24.80
CA SER B 121 -13.70 14.68 -26.02
C SER B 121 -15.17 15.02 -25.77
N ILE B 122 -15.71 14.56 -24.64
CA ILE B 122 -17.09 14.86 -24.29
C ILE B 122 -17.28 16.36 -24.08
N LEU B 123 -16.32 17.00 -23.40
CA LEU B 123 -16.41 18.45 -23.19
C LEU B 123 -16.31 19.21 -24.51
N LYS B 124 -15.44 18.74 -25.42
CA LYS B 124 -15.35 19.37 -26.73
C LYS B 124 -16.65 19.25 -27.50
N ASP B 125 -17.27 18.06 -27.48
CA ASP B 125 -18.56 17.89 -28.15
C ASP B 125 -19.62 18.78 -27.53
N SER B 126 -19.64 18.89 -26.20
CA SER B 126 -20.62 19.74 -25.53
C SER B 126 -20.42 21.21 -25.90
N LEU B 127 -19.17 21.67 -25.92
CA LEU B 127 -18.90 23.06 -26.29
C LEU B 127 -19.29 23.34 -27.73
N THR B 128 -19.00 22.41 -28.65
CA THR B 128 -19.41 22.60 -30.04
C THR B 128 -20.92 22.60 -30.17
N ASN B 129 -21.61 21.72 -29.45
CA ASN B 129 -23.07 21.64 -29.52
C ASN B 129 -23.77 22.72 -28.71
N LYS B 130 -23.02 23.53 -27.96
CA LYS B 130 -23.62 24.69 -27.30
C LYS B 130 -24.29 25.61 -28.32
N LYS B 131 -23.70 25.71 -29.52
CA LYS B 131 -24.32 26.42 -30.63
C LYS B 131 -25.10 25.40 -31.45
N VAL B 132 -26.38 25.22 -31.12
CA VAL B 132 -27.22 24.27 -31.84
C VAL B 132 -27.48 24.70 -33.27
N VAL B 133 -27.10 25.91 -33.65
CA VAL B 133 -27.27 26.40 -35.02
C VAL B 133 -26.04 25.95 -35.79
N ASN B 134 -26.11 24.72 -36.31
CA ASN B 134 -25.06 24.17 -37.15
C ASN B 134 -25.47 24.29 -38.62
N ASP B 135 -24.63 23.74 -39.50
CA ASP B 135 -24.84 23.75 -40.95
C ASP B 135 -24.89 25.15 -41.54
N LEU B 136 -24.54 26.17 -40.75
CA LEU B 136 -24.47 27.54 -41.25
C LEU B 136 -23.05 28.06 -41.41
N ASP B 137 -22.06 27.44 -40.76
CA ASP B 137 -20.67 27.83 -40.92
C ASP B 137 -19.75 26.61 -41.00
N GLU B 138 -20.28 25.44 -41.33
CA GLU B 138 -19.59 24.16 -41.45
C GLU B 138 -19.11 23.61 -40.11
N SER B 139 -19.30 24.34 -39.01
CA SER B 139 -18.93 23.89 -37.67
C SER B 139 -17.45 23.51 -37.60
N ASP B 140 -16.60 24.48 -37.94
CA ASP B 140 -15.14 24.31 -37.91
C ASP B 140 -14.56 25.37 -36.99
N ILE B 141 -14.50 25.07 -35.69
CA ILE B 141 -13.99 25.99 -34.68
C ILE B 141 -12.86 25.31 -33.93
N LYS B 142 -11.92 26.12 -33.44
CA LYS B 142 -10.81 25.64 -32.65
C LYS B 142 -11.09 25.86 -31.17
N ILE B 143 -10.87 24.84 -30.36
CA ILE B 143 -11.16 24.89 -28.93
C ILE B 143 -9.86 24.68 -28.17
N ASN B 144 -9.66 25.48 -27.12
CA ASN B 144 -8.44 25.45 -26.33
C ASN B 144 -8.56 24.43 -25.19
N LEU B 145 -8.71 23.16 -25.56
CA LEU B 145 -8.78 22.06 -24.61
C LEU B 145 -7.54 21.18 -24.78
N PHE B 146 -6.89 20.88 -23.67
CA PHE B 146 -5.64 20.12 -23.66
C PHE B 146 -5.84 18.83 -22.87
N CYS B 147 -5.39 17.72 -23.45
CA CYS B 147 -5.34 16.43 -22.77
C CYS B 147 -3.90 16.22 -22.32
N CYS B 148 -3.60 16.67 -21.10
CA CYS B 148 -2.23 16.67 -20.60
C CYS B 148 -2.25 16.72 -19.08
N ASP B 149 -1.08 16.53 -18.49
CA ASP B 149 -0.91 16.71 -17.06
C ASP B 149 -0.75 18.20 -16.76
N SER B 150 -1.71 18.76 -16.01
CA SER B 150 -1.71 20.21 -15.78
C SER B 150 -0.47 20.66 -15.02
N LEU B 151 0.10 19.78 -14.19
CA LEU B 151 1.27 20.14 -13.39
C LEU B 151 2.57 20.05 -14.17
N LYS B 152 2.55 19.55 -15.41
CA LYS B 152 3.74 19.47 -16.22
C LYS B 152 3.71 20.40 -17.43
N LYS B 153 2.56 20.93 -17.80
CA LYS B 153 2.46 21.77 -18.99
C LYS B 153 3.21 23.08 -18.78
N LYS B 154 3.95 23.49 -19.82
CA LYS B 154 4.67 24.76 -19.81
C LYS B 154 3.77 25.82 -20.43
N TRP B 155 2.95 26.45 -19.60
CA TRP B 155 2.02 27.47 -20.09
C TRP B 155 2.78 28.70 -20.54
N ARG B 156 2.42 29.23 -21.72
CA ARG B 156 3.12 30.39 -22.26
C ARG B 156 2.59 31.71 -21.73
N TYR B 157 1.45 31.71 -21.04
CA TYR B 157 0.88 32.95 -20.54
C TYR B 157 -0.02 32.65 -19.34
N LYS B 158 -0.23 33.67 -18.53
CA LYS B 158 -1.09 33.56 -17.36
C LYS B 158 -2.54 33.83 -17.74
N PHE B 159 -3.44 33.56 -16.79
CA PHE B 159 -4.87 33.55 -17.07
C PHE B 159 -5.60 34.55 -16.18
N ASP B 160 -6.62 35.19 -16.76
CA ASP B 160 -7.41 36.17 -16.03
C ASP B 160 -8.19 35.52 -14.88
N TYR B 161 -8.80 34.36 -15.13
CA TYR B 161 -9.63 33.71 -14.13
C TYR B 161 -9.41 32.21 -14.18
N ILE B 162 -9.39 31.59 -12.99
CA ILE B 162 -9.22 30.15 -12.87
C ILE B 162 -10.28 29.61 -11.92
N VAL B 163 -11.01 28.58 -12.35
CA VAL B 163 -12.02 27.92 -11.54
C VAL B 163 -11.80 26.41 -11.67
N GLY B 164 -12.56 25.66 -10.87
CA GLY B 164 -12.60 24.22 -11.03
C GLY B 164 -12.50 23.49 -9.71
N ASN B 165 -12.29 22.18 -9.82
CA ASN B 165 -12.24 21.29 -8.66
C ASN B 165 -11.09 20.32 -8.85
N PRO B 166 -9.94 20.58 -8.23
CA PRO B 166 -8.75 19.74 -8.47
C PRO B 166 -8.91 18.37 -7.86
N PRO B 167 -8.09 17.40 -8.28
CA PRO B 167 -8.16 16.07 -7.66
C PRO B 167 -7.64 16.07 -6.23
N TYR B 168 -8.19 15.16 -5.42
CA TYR B 168 -7.73 14.94 -4.05
C TYR B 168 -7.15 13.54 -4.00
N ILE B 169 -5.83 13.45 -3.88
CA ILE B 169 -5.15 12.15 -3.80
C ILE B 169 -4.18 12.20 -2.62
N GLY B 170 -4.42 11.35 -1.62
CA GLY B 170 -3.56 11.30 -0.46
C GLY B 170 -2.24 10.60 -0.74
N HIS B 171 -1.41 10.53 0.30
CA HIS B 171 -0.08 9.95 0.13
C HIS B 171 -0.14 8.45 -0.11
N LYS B 172 -1.18 7.78 0.37
CA LYS B 172 -1.31 6.35 0.15
C LYS B 172 -1.64 6.03 -1.31
N LYS B 173 -2.61 6.74 -1.87
CA LYS B 173 -3.19 6.39 -3.16
C LYS B 173 -2.46 7.03 -4.34
N LEU B 174 -1.41 7.78 -4.09
CA LEU B 174 -0.62 8.42 -5.15
C LEU B 174 0.58 7.54 -5.47
N GLU B 175 0.83 7.31 -6.75
CA GLU B 175 1.94 6.45 -7.15
C GLU B 175 3.27 7.12 -6.82
N LYS B 176 4.24 6.32 -6.40
CA LYS B 176 5.51 6.86 -5.91
C LYS B 176 6.32 7.52 -7.02
N LYS B 177 6.22 6.99 -8.24
CA LYS B 177 6.92 7.61 -9.37
C LYS B 177 6.46 9.06 -9.56
N TYR B 178 5.16 9.31 -9.46
CA TYR B 178 4.65 10.67 -9.54
C TYR B 178 5.03 11.49 -8.32
N LYS B 179 5.09 10.85 -7.15
CA LYS B 179 5.45 11.57 -5.94
C LYS B 179 6.89 12.06 -5.98
N LYS B 180 7.78 11.33 -6.64
CA LYS B 180 9.15 11.82 -6.81
C LYS B 180 9.16 13.13 -7.59
N PHE B 181 8.39 13.20 -8.68
CA PHE B 181 8.30 14.42 -9.46
C PHE B 181 7.69 15.55 -8.64
N LEU B 182 6.64 15.24 -7.87
CA LEU B 182 6.01 16.27 -7.04
C LEU B 182 6.99 16.83 -6.02
N LEU B 183 7.75 15.95 -5.37
CA LEU B 183 8.74 16.40 -4.38
C LEU B 183 9.86 17.20 -5.04
N GLU B 184 10.24 16.85 -6.27
CA GLU B 184 11.31 17.58 -6.93
C GLU B 184 10.85 18.97 -7.36
N LYS B 185 9.65 19.08 -7.94
CA LYS B 185 9.22 20.32 -8.57
C LYS B 185 8.26 21.15 -7.73
N TYR B 186 7.46 20.53 -6.88
CA TYR B 186 6.47 21.23 -6.06
C TYR B 186 6.82 21.19 -4.58
N SER B 187 8.12 21.29 -4.26
CA SER B 187 8.56 21.23 -2.87
C SER B 187 8.10 22.43 -2.06
N GLU B 188 7.67 23.52 -2.71
CA GLU B 188 7.22 24.68 -1.96
C GLU B 188 5.93 24.40 -1.20
N VAL B 189 5.13 23.43 -1.63
CA VAL B 189 3.86 23.15 -0.95
C VAL B 189 3.68 21.66 -0.68
N TYR B 190 4.48 20.81 -1.32
CA TYR B 190 4.31 19.36 -1.22
C TYR B 190 5.54 18.73 -0.58
N LYS B 191 5.33 18.07 0.55
CA LYS B 191 6.34 17.25 1.22
C LYS B 191 5.63 16.36 2.22
N ASP B 192 6.26 15.21 2.51
CA ASP B 192 5.79 14.25 3.52
C ASP B 192 4.38 13.82 3.15
N LYS B 193 3.38 13.97 4.02
CA LYS B 193 2.04 13.46 3.77
C LYS B 193 1.13 14.49 3.11
N ALA B 194 1.69 15.39 2.31
CA ALA B 194 0.88 16.41 1.63
C ALA B 194 0.02 15.76 0.56
N ASP B 195 -0.87 16.57 -0.01
CA ASP B 195 -1.83 16.10 -1.00
C ASP B 195 -1.59 16.78 -2.34
N LEU B 196 -2.18 16.20 -3.39
CA LEU B 196 -1.96 16.70 -4.75
C LEU B 196 -2.60 18.07 -4.97
N TYR B 197 -3.73 18.34 -4.32
CA TYR B 197 -4.36 19.63 -4.52
C TYR B 197 -3.53 20.77 -3.94
N PHE B 198 -2.54 20.47 -3.10
CA PHE B 198 -1.54 21.47 -2.74
C PHE B 198 -0.79 21.93 -3.99
N CYS B 199 -0.33 20.97 -4.78
CA CYS B 199 0.37 21.28 -6.02
C CYS B 199 -0.55 22.01 -6.99
N PHE B 200 -1.83 21.60 -7.03
CA PHE B 200 -2.77 22.31 -7.91
C PHE B 200 -2.99 23.75 -7.45
N TYR B 201 -3.05 23.99 -6.13
CA TYR B 201 -3.10 25.36 -5.61
C TYR B 201 -1.90 26.16 -6.08
N LYS B 202 -0.71 25.59 -5.93
CA LYS B 202 0.50 26.32 -6.33
C LYS B 202 0.48 26.62 -7.83
N LYS B 203 0.08 25.64 -8.65
CA LYS B 203 0.03 25.84 -10.09
C LYS B 203 -0.96 26.93 -10.45
N ILE B 204 -2.14 26.92 -9.83
CA ILE B 204 -3.14 27.94 -10.09
C ILE B 204 -2.61 29.32 -9.72
N ILE B 205 -1.98 29.43 -8.55
CA ILE B 205 -1.45 30.71 -8.11
C ILE B 205 -0.36 31.21 -9.05
N ASP B 206 0.47 30.30 -9.56
CA ASP B 206 1.59 30.71 -10.39
C ASP B 206 1.14 31.27 -11.73
N ILE B 207 0.12 30.67 -12.34
CA ILE B 207 -0.31 31.07 -13.69
C ILE B 207 -1.53 31.98 -13.64
N LEU B 208 -1.79 32.62 -12.50
CA LEU B 208 -2.88 33.59 -12.39
C LEU B 208 -2.35 34.95 -12.77
N LYS B 209 -2.99 35.58 -13.77
CA LYS B 209 -2.54 36.88 -14.24
C LYS B 209 -2.73 37.94 -13.15
N GLN B 210 -1.86 38.94 -13.18
CA GLN B 210 -1.95 40.03 -12.20
C GLN B 210 -3.31 40.70 -12.30
N GLY B 211 -3.95 40.89 -11.14
CA GLY B 211 -5.31 41.37 -11.09
C GLY B 211 -6.37 40.32 -11.34
N GLY B 212 -5.98 39.06 -11.55
CA GLY B 212 -6.94 38.01 -11.80
C GLY B 212 -7.57 37.47 -10.54
N ILE B 213 -8.62 36.67 -10.74
CA ILE B 213 -9.38 36.08 -9.64
C ILE B 213 -9.45 34.57 -9.85
N GLY B 214 -9.10 33.82 -8.81
CA GLY B 214 -9.28 32.38 -8.82
C GLY B 214 -10.25 31.98 -7.72
N SER B 215 -10.99 30.90 -7.97
CA SER B 215 -11.91 30.37 -6.98
C SER B 215 -12.06 28.87 -7.21
N VAL B 216 -11.79 28.09 -6.16
CA VAL B 216 -11.80 26.64 -6.25
C VAL B 216 -12.53 26.06 -5.05
N ILE B 217 -12.91 24.79 -5.17
CA ILE B 217 -13.45 24.01 -4.07
C ILE B 217 -12.50 22.85 -3.81
N THR B 218 -12.01 22.78 -2.57
CA THR B 218 -11.00 21.79 -2.20
C THR B 218 -11.41 21.17 -0.87
N PRO B 219 -10.67 20.18 -0.35
CA PRO B 219 -10.90 19.79 1.04
C PRO B 219 -10.53 20.92 1.98
N ARG B 220 -11.21 20.95 3.12
CA ARG B 220 -10.94 21.96 4.14
C ARG B 220 -9.74 21.61 5.02
N TYR B 221 -9.14 20.44 4.83
CA TYR B 221 -8.14 19.94 5.76
C TYR B 221 -6.87 20.78 5.76
N PHE B 222 -6.50 21.36 4.61
CA PHE B 222 -5.27 22.14 4.54
C PHE B 222 -5.32 23.39 5.41
N LEU B 223 -6.53 23.86 5.76
CA LEU B 223 -6.65 25.04 6.60
C LEU B 223 -6.08 24.80 7.99
N GLU B 224 -6.10 23.56 8.46
CA GLU B 224 -5.69 23.24 9.82
C GLU B 224 -4.63 22.15 9.93
N SER B 225 -4.40 21.36 8.87
CA SER B 225 -3.51 20.20 8.99
C SER B 225 -2.05 20.64 9.10
N LEU B 226 -1.24 19.74 9.66
CA LEU B 226 0.20 19.97 9.76
C LEU B 226 0.84 20.05 8.38
N SER B 227 0.41 19.20 7.44
CA SER B 227 1.01 19.17 6.12
C SER B 227 0.73 20.42 5.31
N GLY B 228 -0.36 21.14 5.61
CA GLY B 228 -0.74 22.32 4.87
C GLY B 228 -0.07 23.61 5.30
N LYS B 229 0.90 23.54 6.21
CA LYS B 229 1.55 24.75 6.70
C LYS B 229 2.26 25.49 5.58
N ASP B 230 3.03 24.77 4.75
CA ASP B 230 3.72 25.41 3.63
C ASP B 230 2.72 25.93 2.61
N LEU B 231 1.65 25.19 2.36
CA LEU B 231 0.61 25.66 1.45
C LEU B 231 -0.04 26.93 1.97
N ARG B 232 -0.33 26.98 3.28
CA ARG B 232 -0.89 28.19 3.87
C ARG B 232 0.06 29.37 3.71
N GLU B 233 1.35 29.15 3.94
CA GLU B 233 2.31 30.23 3.77
C GLU B 233 2.35 30.72 2.32
N TYR B 234 2.34 29.79 1.37
CA TYR B 234 2.37 30.17 -0.04
C TYR B 234 1.15 30.99 -0.42
N ILE B 235 -0.04 30.52 -0.01
CA ILE B 235 -1.28 31.24 -0.31
C ILE B 235 -1.25 32.63 0.31
N LYS B 236 -0.85 32.72 1.58
CA LYS B 236 -0.83 34.00 2.26
C LYS B 236 0.14 34.97 1.60
N SER B 237 1.32 34.47 1.21
CA SER B 237 2.39 35.35 0.72
C SER B 237 2.26 35.69 -0.76
N ASN B 238 1.45 34.98 -1.53
CA ASN B 238 1.42 35.21 -2.96
C ASN B 238 0.12 35.81 -3.50
N VAL B 239 -1.02 35.60 -2.83
CA VAL B 239 -2.29 36.13 -3.30
C VAL B 239 -3.05 36.76 -2.13
N ASN B 240 -4.04 37.57 -2.47
CA ASN B 240 -4.97 38.13 -1.49
C ASN B 240 -6.19 37.22 -1.42
N VAL B 241 -6.43 36.64 -0.24
CA VAL B 241 -7.54 35.73 -0.05
C VAL B 241 -8.82 36.55 0.15
N GLN B 242 -9.67 36.57 -0.87
CA GLN B 242 -10.92 37.33 -0.76
C GLN B 242 -11.89 36.67 0.20
N GLU B 243 -12.09 35.36 0.08
CA GLU B 243 -13.18 34.72 0.79
C GLU B 243 -12.87 33.26 1.05
N ILE B 244 -13.28 32.77 2.21
CA ILE B 244 -13.20 31.36 2.57
C ILE B 244 -14.56 30.93 3.07
N VAL B 245 -15.15 29.93 2.43
CA VAL B 245 -16.40 29.31 2.87
C VAL B 245 -16.05 27.92 3.39
N ASP B 246 -16.23 27.73 4.70
CA ASP B 246 -15.90 26.46 5.35
C ASP B 246 -17.19 25.73 5.67
N PHE B 247 -17.41 24.60 5.00
CA PHE B 247 -18.59 23.78 5.26
C PHE B 247 -18.40 22.83 6.42
N LEU B 248 -17.21 22.78 7.02
CA LEU B 248 -16.88 21.91 8.15
C LEU B 248 -17.21 20.47 7.74
N GLY B 249 -17.87 19.68 8.58
CA GLY B 249 -18.12 18.29 8.28
C GLY B 249 -19.28 17.99 7.36
N ALA B 250 -19.95 19.03 6.85
CA ALA B 250 -21.08 18.82 5.94
C ALA B 250 -20.61 18.12 4.67
N ASN B 251 -21.47 17.24 4.14
CA ASN B 251 -21.15 16.45 2.96
C ASN B 251 -21.67 17.19 1.73
N ILE B 252 -20.81 18.01 1.13
CA ILE B 252 -21.15 18.68 -0.12
C ILE B 252 -21.28 17.67 -1.25
N PHE B 253 -20.36 16.71 -1.32
CA PHE B 253 -20.33 15.72 -2.38
C PHE B 253 -21.06 14.47 -1.91
N LYS B 254 -22.06 14.04 -2.68
CA LYS B 254 -22.90 12.92 -2.29
C LYS B 254 -22.11 11.61 -2.31
N ASN B 255 -22.25 10.83 -1.23
CA ASN B 255 -21.61 9.52 -1.11
C ASN B 255 -20.09 9.60 -1.27
N ILE B 256 -19.50 10.67 -0.76
CA ILE B 256 -18.05 10.86 -0.77
C ILE B 256 -17.62 11.25 0.64
N GLY B 257 -16.60 10.59 1.16
CA GLY B 257 -16.12 10.86 2.50
C GLY B 257 -15.10 11.98 2.55
N VAL B 258 -15.51 13.18 2.17
CA VAL B 258 -14.63 14.35 2.20
C VAL B 258 -15.40 15.53 2.79
N SER B 259 -14.65 16.44 3.39
CA SER B 259 -15.19 17.70 3.91
C SER B 259 -14.59 18.84 3.11
N SER B 260 -15.46 19.70 2.57
CA SER B 260 -15.05 20.64 1.53
C SER B 260 -15.10 22.08 2.02
N CYS B 261 -14.36 22.93 1.30
CA CYS B 261 -14.37 24.37 1.49
C CYS B 261 -14.19 25.02 0.12
N ILE B 262 -14.57 26.29 0.05
CA ILE B 262 -14.44 27.09 -1.17
C ILE B 262 -13.50 28.25 -0.86
N LEU B 263 -12.51 28.45 -1.71
CA LEU B 263 -11.55 29.54 -1.56
C LEU B 263 -11.61 30.44 -2.78
N THR B 264 -11.67 31.75 -2.54
CA THR B 264 -11.63 32.75 -3.58
C THR B 264 -10.53 33.75 -3.26
N PHE B 265 -9.61 33.93 -4.21
CA PHE B 265 -8.44 34.78 -4.03
C PHE B 265 -8.20 35.60 -5.27
N ASP B 266 -7.41 36.66 -5.13
CA ASP B 266 -7.13 37.57 -6.23
C ASP B 266 -5.67 38.01 -6.18
N LYS B 267 -5.21 38.55 -7.30
CA LYS B 267 -3.91 39.20 -7.40
C LYS B 267 -4.05 40.71 -7.61
N LYS B 268 -5.13 41.30 -7.11
CA LYS B 268 -5.34 42.73 -7.22
C LYS B 268 -4.51 43.48 -6.18
N LYS B 269 -4.36 44.78 -6.41
CA LYS B 269 -3.58 45.64 -5.53
C LYS B 269 -4.52 46.27 -4.49
N THR B 270 -4.39 45.83 -3.25
CA THR B 270 -5.17 46.38 -2.14
C THR B 270 -4.23 46.82 -1.03
N LYS B 271 -4.54 47.95 -0.40
CA LYS B 271 -3.72 48.44 0.69
C LYS B 271 -3.80 47.51 1.90
N GLU B 272 -5.01 47.17 2.32
CA GLU B 272 -5.23 46.23 3.40
C GLU B 272 -6.25 45.19 2.95
N THR B 273 -5.91 43.90 3.12
CA THR B 273 -6.76 42.81 2.69
C THR B 273 -7.43 42.17 3.91
N TYR B 274 -8.75 42.05 3.86
CA TYR B 274 -9.54 41.39 4.88
C TYR B 274 -10.27 40.22 4.24
N ILE B 275 -10.16 39.05 4.86
CA ILE B 275 -10.77 37.83 4.36
C ILE B 275 -12.16 37.70 4.97
N ASP B 276 -13.16 37.56 4.11
CA ASP B 276 -14.50 37.16 4.55
C ASP B 276 -14.49 35.66 4.84
N VAL B 277 -14.90 35.29 6.04
CA VAL B 277 -14.96 33.89 6.45
C VAL B 277 -16.42 33.56 6.75
N PHE B 278 -16.96 32.58 6.02
CA PHE B 278 -18.30 32.06 6.23
C PHE B 278 -18.17 30.64 6.76
N LYS B 279 -18.46 30.46 8.05
CA LYS B 279 -18.36 29.16 8.70
C LYS B 279 -19.77 28.63 8.95
N ILE B 280 -19.99 27.36 8.56
CA ILE B 280 -21.31 26.78 8.71
C ILE B 280 -21.64 26.58 10.18
N LYS B 281 -22.92 26.71 10.52
CA LYS B 281 -23.38 26.55 11.89
C LYS B 281 -23.92 25.16 12.17
N ASN B 282 -24.60 24.54 11.21
CA ASN B 282 -25.12 23.19 11.34
C ASN B 282 -24.71 22.39 10.11
N GLU B 283 -24.31 21.13 10.34
CA GLU B 283 -23.75 20.29 9.29
C GLU B 283 -24.78 19.42 8.60
N ASP B 284 -26.07 19.64 8.86
CA ASP B 284 -27.16 18.91 8.23
C ASP B 284 -27.92 19.80 7.25
N ILE B 285 -27.19 20.62 6.49
CA ILE B 285 -27.79 21.71 5.74
C ILE B 285 -28.69 21.21 4.62
N CYS B 286 -28.39 20.06 4.02
CA CYS B 286 -29.05 19.63 2.79
C CYS B 286 -28.86 20.69 1.69
N ILE B 287 -27.60 20.81 1.28
CA ILE B 287 -27.02 21.94 0.57
C ILE B 287 -27.95 22.59 -0.45
N ASN B 288 -28.78 21.79 -1.14
CA ASN B 288 -29.70 22.38 -2.11
C ASN B 288 -30.96 22.91 -1.42
N LYS B 289 -30.77 23.72 -0.37
CA LYS B 289 -31.91 24.30 0.33
C LYS B 289 -32.47 25.49 -0.41
N PHE B 290 -31.60 26.34 -0.95
CA PHE B 290 -32.00 27.52 -1.71
C PHE B 290 -31.60 27.33 -3.18
N GLU B 291 -32.15 28.20 -4.02
CA GLU B 291 -31.75 28.21 -5.42
C GLU B 291 -30.30 28.64 -5.59
N THR B 292 -29.86 29.61 -4.79
CA THR B 292 -28.52 30.16 -4.87
C THR B 292 -27.77 29.93 -3.56
N LEU B 293 -26.45 29.80 -3.65
CA LEU B 293 -25.63 29.63 -2.46
C LEU B 293 -25.54 30.92 -1.65
N GLU B 294 -25.71 32.07 -2.30
CA GLU B 294 -25.70 33.34 -1.58
C GLU B 294 -26.81 33.40 -0.55
N GLU B 295 -27.99 32.90 -0.89
CA GLU B 295 -29.10 32.89 0.06
C GLU B 295 -28.74 32.05 1.29
N LEU B 296 -28.13 30.89 1.08
CA LEU B 296 -27.72 30.05 2.21
C LEU B 296 -26.66 30.73 3.05
N LEU B 297 -25.69 31.40 2.40
CA LEU B 297 -24.60 32.04 3.13
C LEU B 297 -25.10 33.20 3.98
N LYS B 298 -26.06 33.97 3.46
CA LYS B 298 -26.59 35.12 4.19
C LYS B 298 -27.62 34.74 5.24
N SER B 299 -28.04 33.48 5.30
CA SER B 299 -29.03 33.05 6.26
C SER B 299 -28.39 32.80 7.63
N SER B 300 -29.21 32.38 8.58
CA SER B 300 -28.73 32.04 9.92
C SER B 300 -28.00 30.70 9.97
N LYS B 301 -27.98 29.96 8.87
CA LYS B 301 -27.24 28.70 8.82
C LYS B 301 -25.74 28.91 8.72
N PHE B 302 -25.28 30.13 8.51
CA PHE B 302 -23.87 30.45 8.41
C PHE B 302 -23.54 31.63 9.31
N GLU B 303 -22.30 31.66 9.78
CA GLU B 303 -21.75 32.79 10.52
C GLU B 303 -20.68 33.45 9.65
N HIS B 304 -20.64 34.78 9.69
CA HIS B 304 -19.67 35.52 8.90
C HIS B 304 -18.80 36.37 9.83
N PHE B 305 -17.50 36.38 9.56
CA PHE B 305 -16.60 37.31 10.23
C PHE B 305 -15.45 37.66 9.28
N ASN B 306 -14.56 38.52 9.75
CA ASN B 306 -13.43 38.98 8.95
C ASN B 306 -12.13 38.62 9.65
N ILE B 307 -11.11 38.30 8.84
CA ILE B 307 -9.79 37.98 9.34
C ILE B 307 -8.77 38.83 8.59
N ASN B 308 -7.89 39.51 9.33
CA ASN B 308 -6.85 40.30 8.69
C ASN B 308 -5.76 39.34 8.20
N GLN B 309 -5.60 39.25 6.88
CA GLN B 309 -4.63 38.32 6.31
C GLN B 309 -3.21 38.66 6.73
N ARG B 310 -2.91 39.95 6.89
CA ARG B 310 -1.56 40.35 7.25
C ARG B 310 -1.18 39.85 8.64
N LEU B 311 -2.16 39.62 9.51
CA LEU B 311 -1.91 39.17 10.87
C LEU B 311 -1.93 37.65 11.00
N LEU B 312 -2.15 36.92 9.91
CA LEU B 312 -2.13 35.47 9.97
C LEU B 312 -0.72 34.96 10.22
N SER B 313 -0.59 33.96 11.09
CA SER B 313 0.68 33.33 11.38
C SER B 313 0.89 32.14 10.44
N ASP B 314 1.87 31.29 10.76
CA ASP B 314 2.11 30.10 9.96
C ASP B 314 0.90 29.17 9.97
N GLU B 315 0.08 29.24 11.01
CA GLU B 315 -1.19 28.53 11.08
C GLU B 315 -2.32 29.53 11.18
N TRP B 316 -3.44 29.22 10.51
CA TRP B 316 -4.57 30.13 10.42
C TRP B 316 -5.61 29.76 11.48
N ILE B 317 -5.88 30.69 12.39
CA ILE B 317 -6.90 30.50 13.41
C ILE B 317 -8.08 31.37 12.99
N LEU B 318 -9.03 30.76 12.30
CA LEU B 318 -10.16 31.49 11.72
C LEU B 318 -11.38 31.29 12.61
N VAL B 319 -11.46 32.11 13.66
CA VAL B 319 -12.59 32.12 14.58
C VAL B 319 -12.97 33.58 14.84
N ASN B 320 -14.15 33.75 15.43
CA ASN B 320 -14.66 35.09 15.71
C ASN B 320 -13.90 35.72 16.87
N LYS B 321 -14.30 36.95 17.22
CA LYS B 321 -13.58 37.71 18.25
C LYS B 321 -13.68 37.04 19.61
N ASP B 322 -14.87 36.55 19.98
CA ASP B 322 -15.04 35.94 21.29
C ASP B 322 -14.19 34.69 21.43
N ASP B 323 -14.20 33.83 20.42
CA ASP B 323 -13.38 32.63 20.45
C ASP B 323 -11.89 32.97 20.44
N GLU B 324 -11.51 34.01 19.70
CA GLU B 324 -10.12 34.44 19.68
C GLU B 324 -9.66 34.89 21.07
N THR B 325 -10.49 35.69 21.75
CA THR B 325 -10.13 36.16 23.07
C THR B 325 -10.10 35.02 24.09
N PHE B 326 -11.05 34.09 23.97
CA PHE B 326 -11.04 32.89 24.80
C PHE B 326 -9.74 32.10 24.63
N TYR B 327 -9.36 31.86 23.37
CA TYR B 327 -8.14 31.13 23.07
C TYR B 327 -6.91 31.85 23.60
N ASN B 328 -6.84 33.18 23.43
CA ASN B 328 -5.69 33.93 23.90
C ASN B 328 -5.60 33.92 25.42
N LYS B 329 -6.73 34.05 26.11
CA LYS B 329 -6.73 33.97 27.57
C LYS B 329 -6.18 32.62 28.03
N ILE B 330 -6.67 31.54 27.44
CA ILE B 330 -6.21 30.21 27.87
C ILE B 330 -4.74 30.02 27.54
N GLN B 331 -4.30 30.48 26.37
CA GLN B 331 -2.89 30.34 26.01
C GLN B 331 -1.98 31.11 26.96
N GLU B 332 -2.38 32.33 27.33
CA GLU B 332 -1.55 33.12 28.23
C GLU B 332 -1.52 32.54 29.64
N LYS B 333 -2.68 32.13 30.16
CA LYS B 333 -2.75 31.71 31.56
C LYS B 333 -1.93 30.45 31.82
N CYS B 334 -1.79 29.57 30.84
CA CYS B 334 -1.11 28.30 31.03
C CYS B 334 0.38 28.43 30.73
N LYS B 335 1.21 28.01 31.68
CA LYS B 335 2.66 28.10 31.55
C LYS B 335 3.30 26.82 31.06
N TYR B 336 2.56 25.72 30.98
CA TYR B 336 3.08 24.44 30.54
C TYR B 336 2.24 23.90 29.39
N SER B 337 2.86 23.09 28.54
CA SER B 337 2.16 22.37 27.49
C SER B 337 2.32 20.87 27.72
N LEU B 338 1.39 20.10 27.16
CA LEU B 338 1.44 18.65 27.32
C LEU B 338 2.73 18.07 26.75
N GLU B 339 3.26 18.67 25.68
CA GLU B 339 4.54 18.23 25.15
C GLU B 339 5.66 18.44 26.15
N ASP B 340 5.57 19.49 26.98
CA ASP B 340 6.61 19.77 27.96
C ASP B 340 6.64 18.72 29.07
N ILE B 341 5.50 18.16 29.44
CA ILE B 341 5.39 17.35 30.64
C ILE B 341 5.19 15.87 30.37
N ALA B 342 4.99 15.47 29.11
CA ALA B 342 4.57 14.10 28.83
C ALA B 342 5.34 13.53 27.65
N ILE B 343 5.41 12.20 27.62
CA ILE B 343 5.94 11.44 26.50
C ILE B 343 4.76 10.77 25.82
N SER B 344 4.59 11.04 24.53
CA SER B 344 3.46 10.56 23.74
C SER B 344 3.91 9.53 22.72
N PHE B 345 2.99 8.64 22.36
CA PHE B 345 3.29 7.61 21.36
C PHE B 345 1.99 7.12 20.73
N GLN B 346 2.16 6.53 19.55
CA GLN B 346 1.09 5.95 18.75
C GLN B 346 0.95 4.46 19.04
N GLY B 347 -0.23 3.92 18.76
CA GLY B 347 -0.51 2.53 19.04
C GLY B 347 0.25 1.58 18.13
N ILE B 348 0.04 0.29 18.37
CA ILE B 348 0.73 -0.75 17.63
C ILE B 348 0.24 -0.77 16.19
N ILE B 349 1.17 -0.75 15.25
CA ILE B 349 0.82 -0.95 13.84
C ILE B 349 1.30 -2.33 13.43
N THR B 350 0.42 -3.32 13.51
CA THR B 350 0.80 -4.69 13.19
C THR B 350 1.16 -4.84 11.71
N GLY B 351 0.43 -4.16 10.84
CA GLY B 351 0.52 -4.36 9.41
C GLY B 351 -0.55 -5.29 8.86
N CYS B 352 -1.11 -6.15 9.70
CA CYS B 352 -2.30 -6.94 9.34
C CYS B 352 -2.97 -7.33 10.65
N ASP B 353 -4.02 -6.58 11.02
CA ASP B 353 -4.68 -6.82 12.30
C ASP B 353 -5.35 -8.19 12.35
N LYS B 354 -5.76 -8.73 11.20
CA LYS B 354 -6.44 -10.01 11.19
C LYS B 354 -5.51 -11.15 11.59
N ALA B 355 -4.21 -11.01 11.34
CA ALA B 355 -3.26 -12.07 11.63
C ALA B 355 -2.80 -12.09 13.09
N PHE B 356 -3.05 -11.04 13.85
CA PHE B 356 -2.57 -10.95 15.23
C PHE B 356 -3.65 -10.69 16.26
N ILE B 357 -4.74 -10.01 15.89
CA ILE B 357 -5.80 -9.68 16.83
C ILE B 357 -6.84 -10.77 16.81
N LEU B 358 -7.23 -11.25 18.00
CA LEU B 358 -8.23 -12.31 18.13
C LEU B 358 -9.27 -11.90 19.15
N SER B 359 -10.49 -12.37 18.96
CA SER B 359 -11.52 -12.17 19.97
C SER B 359 -11.14 -12.94 21.23
N LYS B 360 -11.49 -12.35 22.38
CA LYS B 360 -11.18 -13.02 23.65
C LYS B 360 -11.93 -14.33 23.81
N ASP B 361 -13.02 -14.52 23.05
CA ASP B 361 -13.76 -15.78 23.05
C ASP B 361 -13.31 -16.73 21.95
N ASP B 362 -12.27 -16.39 21.20
CA ASP B 362 -11.79 -17.24 20.12
C ASP B 362 -11.14 -18.50 20.68
N VAL B 363 -11.39 -19.63 20.01
CA VAL B 363 -10.80 -20.90 20.43
C VAL B 363 -9.29 -20.89 20.22
N LYS B 364 -8.84 -20.25 19.13
CA LYS B 364 -7.42 -20.27 18.78
C LYS B 364 -6.53 -19.67 19.86
N LEU B 365 -7.08 -18.83 20.73
CA LEU B 365 -6.29 -18.28 21.84
C LEU B 365 -5.74 -19.39 22.73
N ASN B 366 -6.40 -20.54 22.79
CA ASN B 366 -5.89 -21.65 23.58
C ASN B 366 -4.57 -22.20 23.03
N LEU B 367 -4.25 -21.91 21.78
CA LEU B 367 -3.00 -22.37 21.18
C LEU B 367 -1.85 -21.42 21.41
N VAL B 368 -2.10 -20.27 22.03
CA VAL B 368 -1.07 -19.25 22.27
C VAL B 368 -0.86 -19.10 23.76
N ASP B 369 0.41 -19.14 24.17
CA ASP B 369 0.74 -18.96 25.57
C ASP B 369 0.31 -17.57 26.04
N ASP B 370 -0.13 -17.50 27.30
CA ASP B 370 -0.64 -16.24 27.84
C ASP B 370 0.45 -15.17 27.95
N LYS B 371 1.73 -15.57 27.89
CA LYS B 371 2.80 -14.58 27.91
C LYS B 371 2.80 -13.72 26.66
N PHE B 372 2.42 -14.28 25.51
CA PHE B 372 2.35 -13.50 24.29
C PHE B 372 1.12 -12.60 24.24
N LEU B 373 0.02 -13.02 24.86
CA LEU B 373 -1.24 -12.30 24.72
C LEU B 373 -1.23 -10.98 25.48
N LYS B 374 -1.77 -9.95 24.85
CA LYS B 374 -1.92 -8.63 25.45
C LYS B 374 -3.35 -8.15 25.27
N CYS B 375 -3.83 -7.35 26.20
CA CYS B 375 -5.16 -6.76 26.07
C CYS B 375 -5.17 -5.71 24.96
N TRP B 376 -6.26 -5.67 24.19
CA TRP B 376 -6.33 -4.87 22.97
C TRP B 376 -7.64 -4.12 22.96
N ILE B 377 -7.56 -2.79 22.82
CA ILE B 377 -8.74 -1.94 22.84
C ILE B 377 -8.80 -1.16 21.53
N LYS B 378 -10.01 -0.73 21.19
CA LYS B 378 -10.26 0.10 20.02
C LYS B 378 -10.64 1.51 20.46
N SER B 379 -10.90 2.37 19.47
CA SER B 379 -11.19 3.77 19.76
C SER B 379 -12.48 3.94 20.56
N LYS B 380 -13.46 3.07 20.34
CA LYS B 380 -14.74 3.21 21.02
C LYS B 380 -14.72 2.72 22.45
N ASN B 381 -13.68 1.98 22.85
CA ASN B 381 -13.58 1.52 24.24
C ASN B 381 -13.21 2.63 25.21
N ILE B 382 -12.81 3.79 24.72
CA ILE B 382 -12.31 4.88 25.57
C ILE B 382 -13.46 5.83 25.85
N ASN B 383 -13.83 5.95 27.12
CA ASN B 383 -14.74 6.97 27.61
C ASN B 383 -13.93 8.05 28.33
N LYS B 384 -14.63 8.97 28.99
CA LYS B 384 -13.94 9.92 29.84
C LYS B 384 -13.50 9.22 31.13
N TYR B 385 -12.22 9.38 31.46
CA TYR B 385 -11.59 8.96 32.72
C TYR B 385 -11.38 7.45 32.85
N ILE B 386 -11.95 6.64 31.96
CA ILE B 386 -11.87 5.19 32.09
C ILE B 386 -11.92 4.55 30.71
N VAL B 387 -11.43 3.32 30.63
CA VAL B 387 -11.39 2.53 29.41
C VAL B 387 -12.26 1.30 29.60
N ASP B 388 -13.14 1.04 28.65
CA ASP B 388 -14.00 -0.13 28.72
C ASP B 388 -13.17 -1.42 28.64
N LYS B 389 -13.73 -2.50 29.19
CA LYS B 389 -13.02 -3.77 29.23
C LYS B 389 -12.68 -4.23 27.82
N SER B 390 -11.43 -4.62 27.61
CA SER B 390 -10.99 -5.06 26.30
C SER B 390 -11.62 -6.39 25.94
N GLU B 391 -12.07 -6.49 24.69
CA GLU B 391 -12.65 -7.72 24.17
C GLU B 391 -11.76 -8.39 23.13
N TYR B 392 -10.51 -7.92 22.99
CA TYR B 392 -9.59 -8.45 22.00
C TYR B 392 -8.22 -8.70 22.62
N ARG B 393 -7.50 -9.65 22.04
CA ARG B 393 -6.16 -10.01 22.47
C ARG B 393 -5.21 -9.90 21.29
N LEU B 394 -4.09 -9.23 21.52
CA LEU B 394 -3.01 -9.10 20.54
C LEU B 394 -1.94 -10.14 20.84
N ILE B 395 -1.54 -10.88 19.80
CA ILE B 395 -0.44 -11.83 19.91
C ILE B 395 0.84 -11.06 19.60
N TYR B 396 1.59 -10.69 20.64
CA TYR B 396 2.81 -9.92 20.44
C TYR B 396 3.89 -10.84 19.85
N SER B 397 3.89 -10.98 18.53
CA SER B 397 4.71 -11.96 17.85
C SER B 397 6.20 -11.62 17.86
N ASN B 398 6.57 -10.39 18.21
CA ASN B 398 7.99 -10.03 18.25
C ASN B 398 8.76 -10.76 19.33
N ASP B 399 8.06 -11.41 20.26
CA ASP B 399 8.70 -12.15 21.34
C ASP B 399 8.91 -13.63 21.01
N ILE B 400 8.65 -14.03 19.77
CA ILE B 400 8.92 -15.39 19.32
C ILE B 400 10.33 -15.42 18.75
N ASP B 401 11.22 -16.21 19.37
CA ASP B 401 12.62 -16.24 18.97
C ASP B 401 12.83 -17.12 17.76
N ASN B 402 12.52 -18.41 17.89
CA ASN B 402 12.69 -19.38 16.81
C ASN B 402 11.32 -19.84 16.32
N GLU B 403 11.23 -20.08 15.01
CA GLU B 403 9.98 -20.59 14.46
C GLU B 403 9.70 -22.02 14.93
N ASN B 404 10.75 -22.77 15.29
CA ASN B 404 10.56 -24.17 15.68
C ASN B 404 9.87 -24.29 17.03
N THR B 405 10.19 -23.40 17.97
CA THR B 405 9.64 -23.50 19.31
C THR B 405 8.14 -23.31 19.32
N ASN B 406 7.63 -22.37 18.51
CA ASN B 406 6.20 -22.05 18.50
C ASN B 406 5.62 -22.29 17.11
N LYS B 407 5.93 -23.44 16.51
CA LYS B 407 5.44 -23.73 15.16
C LYS B 407 3.93 -23.77 15.10
N ARG B 408 3.27 -24.16 16.20
CA ARG B 408 1.81 -24.25 16.20
C ARG B 408 1.18 -22.88 15.94
N ILE B 409 1.62 -21.86 16.67
CA ILE B 409 1.04 -20.53 16.54
C ILE B 409 1.30 -19.97 15.14
N LEU B 410 2.52 -20.12 14.64
CA LEU B 410 2.85 -19.60 13.31
C LEU B 410 2.03 -20.31 12.24
N ASP B 411 1.89 -21.63 12.34
CA ASP B 411 1.18 -22.37 11.29
C ASP B 411 -0.31 -22.08 11.31
N GLU B 412 -0.92 -22.05 12.49
CA GLU B 412 -2.38 -22.10 12.56
C GLU B 412 -3.04 -20.74 12.82
N ILE B 413 -2.28 -19.70 13.17
CA ILE B 413 -2.89 -18.39 13.40
C ILE B 413 -2.23 -17.32 12.53
N ILE B 414 -0.94 -17.10 12.74
CA ILE B 414 -0.26 -16.00 12.05
C ILE B 414 -0.08 -16.32 10.57
N GLY B 415 0.30 -17.56 10.26
CA GLY B 415 0.62 -17.94 8.88
C GLY B 415 -0.53 -17.87 7.91
N LEU B 416 -1.77 -17.80 8.40
CA LEU B 416 -2.92 -17.74 7.51
C LEU B 416 -2.85 -16.55 6.57
N TYR B 417 -2.14 -15.50 6.95
CA TYR B 417 -1.96 -14.31 6.13
C TYR B 417 -0.51 -14.11 5.73
N LYS B 418 0.29 -15.19 5.75
CA LYS B 418 1.74 -15.09 5.59
C LYS B 418 2.10 -14.29 4.35
N THR B 419 1.50 -14.64 3.20
CA THR B 419 1.80 -13.94 1.96
C THR B 419 1.61 -12.43 2.13
N LYS B 420 0.46 -12.01 2.64
CA LYS B 420 0.25 -10.59 2.87
C LYS B 420 1.27 -10.04 3.86
N LEU B 421 1.56 -10.80 4.92
CA LEU B 421 2.59 -10.37 5.87
C LEU B 421 3.94 -10.21 5.19
N GLU B 422 4.22 -11.01 4.16
CA GLU B 422 5.50 -10.90 3.48
C GLU B 422 5.55 -9.67 2.58
N ASN B 423 4.40 -9.05 2.29
CA ASN B 423 4.36 -7.91 1.38
C ASN B 423 4.65 -6.58 2.07
N ARG B 424 4.74 -6.57 3.41
CA ARG B 424 5.07 -5.35 4.12
C ARG B 424 6.48 -4.89 3.78
N ARG B 425 6.69 -3.57 3.83
CA ARG B 425 7.94 -2.99 3.34
C ARG B 425 9.15 -3.50 4.10
N GLU B 426 9.05 -3.56 5.43
CA GLU B 426 10.19 -4.00 6.24
C GLU B 426 10.48 -5.48 6.03
N CYS B 427 9.44 -6.30 5.80
CA CYS B 427 9.68 -7.70 5.49
C CYS B 427 10.41 -7.85 4.16
N LYS B 428 10.01 -7.09 3.14
CA LYS B 428 10.68 -7.14 1.85
C LYS B 428 12.13 -6.66 1.96
N SER B 429 12.37 -5.61 2.75
CA SER B 429 13.73 -5.14 2.96
C SER B 429 14.56 -6.10 3.81
N GLY B 430 13.93 -7.09 4.44
CA GLY B 430 14.65 -8.09 5.20
C GLY B 430 15.01 -7.70 6.61
N ILE B 431 14.52 -6.57 7.12
CA ILE B 431 14.81 -6.14 8.48
C ILE B 431 13.66 -6.45 9.43
N ARG B 432 12.73 -7.31 9.03
CA ARG B 432 11.59 -7.67 9.85
C ARG B 432 11.14 -9.08 9.47
N LYS B 433 11.08 -9.97 10.45
CA LYS B 433 10.64 -11.33 10.18
C LYS B 433 9.18 -11.34 9.74
N TRP B 434 8.83 -12.31 8.88
CA TRP B 434 7.53 -12.29 8.22
C TRP B 434 6.38 -12.37 9.23
N TYR B 435 6.61 -12.99 10.38
CA TYR B 435 5.56 -13.16 11.38
C TYR B 435 5.58 -12.09 12.47
N GLU B 436 6.52 -11.15 12.43
CA GLU B 436 6.61 -10.14 13.47
C GLU B 436 5.69 -8.96 13.17
N LEU B 437 5.35 -8.23 14.22
CA LEU B 437 4.59 -6.99 14.06
C LEU B 437 5.43 -5.96 13.33
N GLN B 438 4.80 -5.24 12.40
CA GLN B 438 5.53 -4.28 11.58
C GLN B 438 6.09 -3.14 12.43
N TRP B 439 5.28 -2.60 13.35
CA TRP B 439 5.73 -1.58 14.30
C TRP B 439 5.19 -1.98 15.67
N GLY B 440 5.96 -2.80 16.39
CA GLY B 440 5.58 -3.26 17.70
C GLY B 440 5.85 -2.30 18.83
N ARG B 441 6.44 -1.15 18.53
CA ARG B 441 6.71 -0.08 19.51
C ARG B 441 7.58 -0.65 20.63
N GLU B 442 7.44 -0.13 21.84
CA GLU B 442 8.14 -0.63 23.01
C GLU B 442 7.10 -1.03 24.05
N LYS B 443 7.17 -2.28 24.51
CA LYS B 443 6.17 -2.78 25.45
C LYS B 443 6.20 -2.01 26.77
N LEU B 444 7.37 -1.47 27.15
CA LEU B 444 7.48 -0.74 28.40
C LEU B 444 6.63 0.53 28.41
N PHE B 445 6.33 1.10 27.24
CA PHE B 445 5.46 2.26 27.19
C PHE B 445 4.00 1.90 27.39
N PHE B 446 3.58 0.73 26.93
CA PHE B 446 2.18 0.34 27.04
C PHE B 446 1.86 -0.29 28.39
N GLU B 447 2.73 -1.18 28.88
CA GLU B 447 2.47 -1.91 30.12
C GLU B 447 2.84 -1.03 31.32
N ARG B 448 2.02 0.00 31.52
CA ARG B 448 2.16 0.92 32.63
C ARG B 448 0.87 1.73 32.74
N LYS B 449 0.76 2.48 33.82
CA LYS B 449 -0.33 3.43 33.96
C LYS B 449 -0.09 4.61 33.03
N LYS B 450 -1.07 4.92 32.18
CA LYS B 450 -0.87 5.98 31.19
C LYS B 450 -2.22 6.65 30.92
N ILE B 451 -2.24 7.54 29.94
CA ILE B 451 -3.48 8.19 29.50
C ILE B 451 -3.65 7.88 28.02
N MET B 452 -4.85 7.41 27.66
CA MET B 452 -5.16 7.04 26.29
C MET B 452 -6.37 7.84 25.81
N TYR B 453 -6.36 8.14 24.51
CA TYR B 453 -7.47 8.86 23.89
C TYR B 453 -7.65 8.44 22.45
N PRO B 454 -8.89 8.36 21.96
CA PRO B 454 -9.12 7.98 20.56
C PRO B 454 -8.58 9.02 19.60
N TYR B 455 -8.11 8.54 18.45
CA TYR B 455 -7.50 9.42 17.47
C TYR B 455 -8.52 10.24 16.69
N LYS B 456 -9.80 9.86 16.74
CA LYS B 456 -10.88 10.58 16.09
C LYS B 456 -12.12 10.47 16.97
N SER B 457 -12.63 11.63 17.40
CA SER B 457 -13.77 11.64 18.30
C SER B 457 -14.53 12.95 18.14
N ASN B 458 -15.77 12.95 18.63
CA ASN B 458 -16.58 14.15 18.65
C ASN B 458 -16.26 15.07 19.82
N GLU B 459 -15.52 14.57 20.82
CA GLU B 459 -15.26 15.32 22.03
C GLU B 459 -13.96 14.82 22.64
N ASN B 460 -13.54 15.46 23.73
CA ASN B 460 -12.35 15.05 24.46
C ASN B 460 -12.67 13.82 25.31
N ARG B 461 -12.05 12.69 24.99
CA ARG B 461 -12.18 11.46 25.77
C ARG B 461 -10.79 11.00 26.16
N PHE B 462 -10.29 11.54 27.28
CA PHE B 462 -9.00 11.13 27.83
C PHE B 462 -9.25 10.24 29.04
N ALA B 463 -8.61 9.07 29.07
CA ALA B 463 -8.86 8.09 30.11
C ALA B 463 -7.55 7.60 30.70
N ILE B 464 -7.58 7.28 31.99
CA ILE B 464 -6.44 6.69 32.68
C ILE B 464 -6.49 5.19 32.49
N ASP B 465 -5.43 4.63 31.93
CA ASP B 465 -5.31 3.19 31.73
C ASP B 465 -4.41 2.61 32.81
N TYR B 466 -4.97 1.68 33.59
CA TYR B 466 -4.23 0.88 34.56
C TYR B 466 -3.93 -0.53 34.06
N ASP B 467 -4.77 -1.07 33.18
CA ASP B 467 -4.75 -2.48 32.81
C ASP B 467 -3.76 -2.80 31.71
N ASN B 468 -2.79 -1.92 31.45
CA ASN B 468 -1.73 -2.17 30.46
C ASN B 468 -2.32 -2.50 29.10
N ASN B 469 -3.35 -1.76 28.70
CA ASN B 469 -4.01 -2.01 27.43
C ASN B 469 -3.12 -1.60 26.27
N PHE B 470 -3.12 -2.43 25.23
CA PHE B 470 -2.49 -2.11 23.95
C PHE B 470 -3.56 -1.68 22.95
N SER B 471 -3.14 -0.98 21.91
CA SER B 471 -4.07 -0.45 20.94
C SER B 471 -3.39 -0.31 19.59
N SER B 472 -4.21 -0.20 18.55
CA SER B 472 -3.72 0.12 17.22
C SER B 472 -3.50 1.64 17.14
N ALA B 473 -3.21 2.14 15.94
CA ALA B 473 -2.99 3.58 15.77
C ALA B 473 -4.27 4.39 15.82
N ASP B 474 -5.41 3.76 16.14
CA ASP B 474 -6.64 4.50 16.36
C ASP B 474 -6.75 5.05 17.78
N VAL B 475 -5.76 4.77 18.63
CA VAL B 475 -5.69 5.29 19.99
C VAL B 475 -4.27 5.80 20.22
N TYR B 476 -4.16 7.00 20.78
CA TYR B 476 -2.87 7.56 21.15
C TYR B 476 -2.71 7.53 22.66
N SER B 477 -1.47 7.36 23.12
CA SER B 477 -1.21 7.27 24.56
C SER B 477 -0.09 8.22 24.94
N PHE B 478 -0.07 8.58 26.21
CA PHE B 478 1.06 9.34 26.75
C PHE B 478 1.16 9.10 28.24
N PHE B 479 2.39 9.23 28.76
CA PHE B 479 2.63 9.14 30.19
C PHE B 479 3.45 10.34 30.65
N ILE B 480 3.19 10.78 31.88
CA ILE B 480 3.86 11.95 32.42
C ILE B 480 5.35 11.66 32.58
N LYS B 481 6.17 12.64 32.21
CA LYS B 481 7.61 12.50 32.37
C LYS B 481 7.96 12.36 33.84
N GLU B 482 9.05 11.63 34.12
CA GLU B 482 9.47 11.41 35.49
C GLU B 482 9.81 12.73 36.18
N GLU B 483 10.36 13.70 35.43
CA GLU B 483 10.75 14.97 36.01
C GLU B 483 9.54 15.84 36.38
N TYR B 484 8.39 15.59 35.77
CA TYR B 484 7.19 16.38 36.02
C TYR B 484 6.17 15.66 36.89
N LEU B 485 6.54 14.52 37.48
CA LEU B 485 5.58 13.75 38.27
C LEU B 485 5.16 14.49 39.53
N ASP B 486 6.07 15.27 40.12
CA ASP B 486 5.75 15.99 41.35
C ASP B 486 4.87 17.21 41.11
N LYS B 487 4.77 17.69 39.87
CA LYS B 487 3.94 18.85 39.55
C LYS B 487 2.57 18.47 39.02
N PHE B 488 2.48 17.42 38.19
CA PHE B 488 1.22 17.04 37.57
C PHE B 488 0.97 15.55 37.75
N SER B 489 -0.26 15.20 38.11
CA SER B 489 -0.70 13.82 38.22
C SER B 489 -1.65 13.49 37.07
N TYR B 490 -1.80 12.19 36.82
CA TYR B 490 -2.72 11.76 35.78
C TYR B 490 -4.15 12.17 36.09
N GLU B 491 -4.52 12.15 37.38
CA GLU B 491 -5.88 12.51 37.77
C GLU B 491 -6.20 13.97 37.43
N TYR B 492 -5.27 14.87 37.74
CA TYR B 492 -5.47 16.28 37.40
C TYR B 492 -5.52 16.49 35.90
N LEU B 493 -4.67 15.78 35.16
CA LEU B 493 -4.67 15.92 33.70
C LEU B 493 -6.00 15.48 33.10
N VAL B 494 -6.49 14.31 33.49
CA VAL B 494 -7.77 13.86 32.92
C VAL B 494 -8.91 14.72 33.44
N GLY B 495 -8.77 15.31 34.63
CA GLY B 495 -9.80 16.21 35.11
C GLY B 495 -9.91 17.47 34.27
N ILE B 496 -8.78 18.08 33.93
CA ILE B 496 -8.86 19.31 33.14
C ILE B 496 -9.09 19.03 31.67
N LEU B 497 -8.58 17.92 31.14
CA LEU B 497 -8.71 17.65 29.71
C LEU B 497 -10.12 17.23 29.33
N ASN B 498 -10.83 16.54 30.22
CA ASN B 498 -12.19 16.12 29.97
C ASN B 498 -13.21 17.19 30.31
N SER B 499 -12.78 18.35 30.78
CA SER B 499 -13.69 19.45 31.08
C SER B 499 -14.26 20.05 29.81
N SER B 500 -15.38 20.75 29.96
CA SER B 500 -15.96 21.49 28.84
C SER B 500 -15.02 22.59 28.37
N VAL B 501 -14.32 23.23 29.31
CA VAL B 501 -13.41 24.32 28.97
C VAL B 501 -12.34 23.84 27.99
N TYR B 502 -11.68 22.73 28.32
CA TYR B 502 -10.60 22.25 27.47
C TYR B 502 -11.13 21.61 26.19
N ASP B 503 -12.35 21.07 26.22
CA ASP B 503 -12.97 20.61 24.99
C ASP B 503 -13.15 21.75 23.99
N LYS B 504 -13.75 22.85 24.45
CA LYS B 504 -13.89 24.02 23.59
C LYS B 504 -12.54 24.57 23.18
N TYR B 505 -11.59 24.62 24.11
CA TYR B 505 -10.26 25.17 23.83
C TYR B 505 -9.54 24.37 22.75
N PHE B 506 -9.60 23.04 22.82
CA PHE B 506 -8.97 22.21 21.79
C PHE B 506 -9.70 22.34 20.47
N LYS B 507 -11.03 22.40 20.49
CA LYS B 507 -11.78 22.45 19.23
C LYS B 507 -11.62 23.77 18.49
N ILE B 508 -11.04 24.80 19.11
CA ILE B 508 -10.82 26.06 18.42
C ILE B 508 -9.86 25.87 17.24
N THR B 509 -8.77 25.15 17.46
CA THR B 509 -7.75 24.95 16.46
C THR B 509 -7.65 23.50 15.98
N ALA B 510 -8.58 22.65 16.40
CA ALA B 510 -8.53 21.24 16.04
C ALA B 510 -8.82 21.06 14.54
N LYS B 511 -8.66 19.84 14.07
CA LYS B 511 -8.80 19.48 12.66
C LYS B 511 -10.13 18.76 12.48
N LYS B 512 -11.12 19.46 11.90
CA LYS B 512 -12.43 18.85 11.65
C LYS B 512 -12.33 17.93 10.45
N MET B 513 -12.63 16.65 10.65
CA MET B 513 -12.46 15.64 9.61
C MET B 513 -13.76 15.32 8.88
N SER B 514 -14.78 14.91 9.63
CA SER B 514 -16.09 14.61 9.07
C SER B 514 -17.13 15.20 10.01
N LYS B 515 -18.40 14.84 9.78
CA LYS B 515 -19.47 15.35 10.61
C LYS B 515 -19.30 14.84 12.04
N ASN B 516 -19.18 15.77 12.99
CA ASN B 516 -19.01 15.45 14.40
C ASN B 516 -17.79 14.58 14.66
N ILE B 517 -16.70 14.86 13.94
CA ILE B 517 -15.43 14.14 14.13
C ILE B 517 -14.28 15.12 14.05
N TYR B 518 -13.48 15.19 15.11
CA TYR B 518 -12.24 15.94 15.13
C TYR B 518 -11.06 14.98 15.20
N ASP B 519 -9.91 15.46 14.75
CA ASP B 519 -8.67 14.69 14.75
C ASP B 519 -7.94 14.93 16.06
N TYR B 520 -7.86 13.90 16.90
CA TYR B 520 -7.13 13.96 18.16
C TYR B 520 -5.78 13.28 17.97
N TYR B 521 -4.83 14.01 17.38
CA TYR B 521 -3.49 13.53 17.09
C TYR B 521 -2.47 14.28 17.91
N PRO B 522 -1.30 13.67 18.18
CA PRO B 522 -0.28 14.37 18.98
C PRO B 522 0.19 15.69 18.39
N ASN B 523 0.15 15.84 17.06
CA ASN B 523 0.63 17.08 16.46
C ASN B 523 -0.20 18.28 16.90
N LYS B 524 -1.40 18.07 17.43
CA LYS B 524 -2.19 19.12 18.03
C LYS B 524 -2.52 18.88 19.49
N VAL B 525 -2.70 17.62 19.90
CA VAL B 525 -3.01 17.33 21.31
C VAL B 525 -1.83 17.69 22.21
N MET B 526 -0.61 17.37 21.78
CA MET B 526 0.56 17.71 22.58
C MET B 526 0.82 19.21 22.64
N LYS B 527 0.17 20.01 21.79
CA LYS B 527 0.29 21.46 21.86
C LYS B 527 -0.67 22.08 22.86
N ILE B 528 -1.55 21.28 23.47
CA ILE B 528 -2.47 21.80 24.47
C ILE B 528 -1.70 22.31 25.66
N ARG B 529 -2.00 23.53 26.09
CA ARG B 529 -1.31 24.14 27.22
C ARG B 529 -2.08 23.90 28.51
N ILE B 530 -1.34 23.68 29.60
CA ILE B 530 -1.93 23.33 30.89
C ILE B 530 -1.36 24.22 31.97
N PHE B 531 -2.07 24.28 33.09
CA PHE B 531 -1.77 25.21 34.17
C PHE B 531 -1.78 24.47 35.51
N ARG B 532 -1.20 25.12 36.52
CA ARG B 532 -1.33 24.68 37.91
C ARG B 532 -1.37 25.90 38.80
N ASP B 533 -2.29 25.89 39.76
CA ASP B 533 -2.48 27.02 40.66
C ASP B 533 -3.16 26.51 41.93
N ASN B 534 -3.71 27.44 42.72
CA ASN B 534 -4.30 27.09 44.01
C ASN B 534 -5.53 26.20 43.89
N ASN B 535 -6.11 26.07 42.70
CA ASN B 535 -7.23 25.17 42.47
C ASN B 535 -6.79 23.75 42.13
N TYR B 536 -5.48 23.48 42.12
CA TYR B 536 -4.99 22.17 41.72
C TYR B 536 -5.56 21.05 42.60
N GLU B 537 -5.51 21.25 43.92
CA GLU B 537 -5.91 20.19 44.84
C GLU B 537 -7.40 19.87 44.71
N GLU B 538 -8.25 20.89 44.63
CA GLU B 538 -9.69 20.64 44.54
C GLU B 538 -10.06 20.00 43.21
N ILE B 539 -9.43 20.46 42.12
CA ILE B 539 -9.69 19.86 40.81
C ILE B 539 -9.28 18.39 40.81
N GLU B 540 -8.11 18.08 41.37
CA GLU B 540 -7.65 16.70 41.43
C GLU B 540 -8.57 15.85 42.30
N ASN B 541 -9.05 16.40 43.41
CA ASN B 541 -9.97 15.66 44.27
C ASN B 541 -11.28 15.38 43.56
N LEU B 542 -11.80 16.36 42.82
CA LEU B 542 -13.02 16.12 42.05
C LEU B 542 -12.80 15.07 40.97
N SER B 543 -11.64 15.09 40.31
CA SER B 543 -11.34 14.08 39.31
C SER B 543 -11.29 12.69 39.94
N LYS B 544 -10.66 12.58 41.12
CA LYS B 544 -10.60 11.30 41.81
C LYS B 544 -11.98 10.81 42.22
N GLN B 545 -12.84 11.73 42.68
CA GLN B 545 -14.21 11.36 43.00
C GLN B 545 -14.94 10.83 41.79
N ILE B 546 -14.77 11.50 40.63
CA ILE B 546 -15.43 11.04 39.41
C ILE B 546 -14.93 9.65 39.03
N ILE B 547 -13.61 9.44 39.10
CA ILE B 547 -13.05 8.13 38.77
C ILE B 547 -13.58 7.06 39.71
N SER B 548 -13.69 7.38 41.00
CA SER B 548 -14.23 6.42 41.96
C SER B 548 -15.68 6.07 41.64
N ILE B 549 -16.49 7.06 41.27
CA ILE B 549 -17.88 6.78 40.93
C ILE B 549 -17.97 5.92 39.68
N LEU B 550 -17.14 6.22 38.66
CA LEU B 550 -17.20 5.47 37.41
C LEU B 550 -16.81 4.01 37.59
N LEU B 551 -15.88 3.72 38.50
CA LEU B 551 -15.46 2.36 38.78
C LEU B 551 -16.34 1.65 39.79
N ASN B 552 -17.33 2.34 40.35
CA ASN B 552 -18.18 1.75 41.38
C ASN B 552 -19.14 0.73 40.78
N LYS B 553 -19.67 -0.13 41.65
CA LYS B 553 -20.61 -1.16 41.20
C LYS B 553 -21.87 -0.53 40.61
N SER B 554 -22.42 0.48 41.29
CA SER B 554 -23.59 1.21 40.81
C SER B 554 -23.15 2.64 40.47
N ILE B 555 -23.40 3.05 39.23
CA ILE B 555 -22.96 4.34 38.73
C ILE B 555 -24.16 5.27 38.65
N ASP B 556 -24.04 6.44 39.26
CA ASP B 556 -25.05 7.48 39.20
C ASP B 556 -24.51 8.63 38.37
N LYS B 557 -25.09 8.84 37.19
CA LYS B 557 -24.61 9.90 36.30
C LYS B 557 -24.85 11.29 36.88
N GLY B 558 -25.83 11.44 37.78
CA GLY B 558 -26.11 12.76 38.32
C GLY B 558 -24.98 13.31 39.17
N LYS B 559 -24.42 12.48 40.04
CA LYS B 559 -23.32 12.93 40.88
C LYS B 559 -22.07 13.23 40.04
N VAL B 560 -21.82 12.41 39.02
CA VAL B 560 -20.72 12.68 38.10
C VAL B 560 -20.94 14.01 37.40
N GLU B 561 -22.18 14.28 36.99
CA GLU B 561 -22.50 15.54 36.33
C GLU B 561 -22.25 16.72 37.27
N LYS B 562 -22.68 16.61 38.53
CA LYS B 562 -22.48 17.69 39.49
C LYS B 562 -20.99 17.94 39.72
N LEU B 563 -20.22 16.87 39.91
CA LEU B 563 -18.79 17.03 40.13
C LEU B 563 -18.09 17.61 38.91
N GLN B 564 -18.50 17.19 37.71
CA GLN B 564 -17.92 17.74 36.49
C GLN B 564 -18.25 19.22 36.34
N ILE B 565 -19.48 19.61 36.69
CA ILE B 565 -19.85 21.03 36.64
C ILE B 565 -19.01 21.84 37.63
N LYS B 566 -18.82 21.30 38.83
CA LYS B 566 -17.99 21.99 39.82
C LYS B 566 -16.56 22.15 39.31
N MET B 567 -16.01 21.09 38.71
CA MET B 567 -14.66 21.16 38.17
C MET B 567 -14.58 22.15 37.01
N ASP B 568 -15.61 22.19 36.16
CA ASP B 568 -15.63 23.16 35.06
C ASP B 568 -15.62 24.57 35.60
N ASN B 569 -16.41 24.84 36.65
CA ASN B 569 -16.43 26.16 37.24
C ASN B 569 -15.08 26.51 37.85
N LEU B 570 -14.42 25.53 38.49
CA LEU B 570 -13.09 25.78 39.04
C LEU B 570 -12.09 26.12 37.94
N ILE B 571 -12.16 25.40 36.81
CA ILE B 571 -11.23 25.65 35.72
C ILE B 571 -11.50 27.01 35.08
N MET B 572 -12.77 27.37 34.94
CA MET B 572 -13.11 28.70 34.43
C MET B 572 -12.59 29.79 35.35
N ASP B 573 -12.74 29.60 36.67
CA ASP B 573 -12.22 30.58 37.63
C ASP B 573 -10.70 30.68 37.52
N SER B 574 -10.03 29.54 37.36
CA SER B 574 -8.57 29.54 37.24
C SER B 574 -8.12 30.26 35.97
N LEU B 575 -8.80 30.03 34.85
CA LEU B 575 -8.40 30.60 33.58
C LEU B 575 -8.96 31.99 33.34
N GLY B 576 -9.82 32.50 34.22
CA GLY B 576 -10.36 33.83 34.08
C GLY B 576 -11.22 34.04 32.86
N ILE B 577 -12.14 33.10 32.62
CA ILE B 577 -13.05 33.21 31.49
C ILE B 577 -14.50 33.21 31.98
N GLY C 28 -36.09 -32.11 -12.54
CA GLY C 28 -36.25 -31.37 -13.78
C GLY C 28 -35.26 -31.77 -14.86
N ILE C 29 -35.66 -32.72 -15.70
CA ILE C 29 -34.85 -33.19 -16.81
C ILE C 29 -35.62 -32.92 -18.10
N TYR C 30 -34.98 -32.24 -19.05
CA TYR C 30 -35.61 -31.82 -20.29
C TYR C 30 -35.00 -32.57 -21.47
N TYR C 31 -35.86 -33.05 -22.36
CA TYR C 31 -35.44 -33.86 -23.50
C TYR C 31 -35.07 -32.95 -24.67
N THR C 32 -33.84 -33.10 -25.16
CA THR C 32 -33.32 -32.36 -26.31
C THR C 32 -33.68 -33.08 -27.60
N PRO C 33 -34.14 -32.37 -28.63
CA PRO C 33 -34.50 -33.04 -29.89
C PRO C 33 -33.33 -33.79 -30.50
N LYS C 34 -33.65 -34.91 -31.15
CA LYS C 34 -32.62 -35.77 -31.72
C LYS C 34 -31.83 -35.04 -32.81
N ILE C 35 -32.51 -34.23 -33.63
CA ILE C 35 -31.82 -33.52 -34.71
C ILE C 35 -30.78 -32.58 -34.14
N ILE C 36 -31.11 -31.86 -33.07
CA ILE C 36 -30.17 -30.92 -32.46
C ILE C 36 -28.97 -31.67 -31.89
N VAL C 37 -29.21 -32.80 -31.22
CA VAL C 37 -28.12 -33.59 -30.65
C VAL C 37 -27.19 -34.08 -31.74
N ASP C 38 -27.76 -34.61 -32.84
CA ASP C 38 -26.95 -35.09 -33.94
C ASP C 38 -26.14 -33.97 -34.57
N TYR C 39 -26.77 -32.79 -34.73
CA TYR C 39 -26.04 -31.66 -35.30
C TYR C 39 -24.89 -31.22 -34.41
N ILE C 40 -25.10 -31.19 -33.09
CA ILE C 40 -24.05 -30.77 -32.17
C ILE C 40 -22.89 -31.76 -32.21
N VAL C 41 -23.20 -33.07 -32.20
CA VAL C 41 -22.15 -34.07 -32.28
C VAL C 41 -21.39 -33.96 -33.60
N LYS C 42 -22.12 -33.75 -34.70
CA LYS C 42 -21.49 -33.58 -36.01
C LYS C 42 -20.56 -32.38 -36.03
N LYS C 43 -21.00 -31.25 -35.45
CA LYS C 43 -20.18 -30.05 -35.45
C LYS C 43 -18.94 -30.23 -34.59
N THR C 44 -19.06 -30.95 -33.47
CA THR C 44 -17.91 -31.13 -32.59
C THR C 44 -16.90 -32.12 -33.18
N LEU C 45 -17.37 -33.22 -33.75
CA LEU C 45 -16.51 -34.30 -34.22
C LEU C 45 -16.40 -34.36 -35.74
N LYS C 46 -16.52 -33.20 -36.40
CA LYS C 46 -16.50 -33.19 -37.86
C LYS C 46 -15.13 -33.56 -38.41
N ASN C 47 -14.08 -32.96 -37.88
CA ASN C 47 -12.75 -33.10 -38.47
C ASN C 47 -11.73 -33.64 -37.47
N HIS C 48 -12.11 -34.68 -36.74
CA HIS C 48 -11.18 -35.31 -35.80
C HIS C 48 -10.33 -36.34 -36.54
N ASP C 49 -9.02 -36.28 -36.33
CA ASP C 49 -8.08 -37.22 -36.93
C ASP C 49 -7.97 -38.43 -36.01
N ILE C 50 -8.59 -39.54 -36.41
CA ILE C 50 -8.65 -40.72 -35.54
C ILE C 50 -7.27 -41.34 -35.38
N ILE C 51 -6.49 -41.39 -36.46
CA ILE C 51 -5.16 -42.00 -36.38
C ILE C 51 -4.22 -41.13 -35.56
N LYS C 52 -4.26 -39.81 -35.78
CA LYS C 52 -3.36 -38.92 -35.05
C LYS C 52 -3.65 -38.91 -33.55
N ASN C 53 -4.93 -38.91 -33.19
CA ASN C 53 -5.35 -38.89 -31.78
C ASN C 53 -6.34 -40.03 -31.55
N PRO C 54 -5.84 -41.26 -31.36
CA PRO C 54 -6.75 -42.38 -31.07
C PRO C 54 -7.26 -42.41 -29.64
N TYR C 55 -6.90 -41.43 -28.81
CA TYR C 55 -7.33 -41.36 -27.42
C TYR C 55 -8.00 -40.01 -27.17
N PRO C 56 -9.23 -39.82 -27.66
CA PRO C 56 -9.94 -38.55 -27.42
C PRO C 56 -10.78 -38.62 -26.16
N ARG C 57 -11.04 -37.44 -25.61
CA ARG C 57 -11.92 -37.29 -24.45
C ARG C 57 -13.07 -36.37 -24.82
N ILE C 58 -14.29 -36.87 -24.70
CA ILE C 58 -15.51 -36.12 -25.01
C ILE C 58 -16.31 -36.01 -23.73
N LEU C 59 -16.71 -34.78 -23.39
CA LEU C 59 -17.35 -34.49 -22.11
C LEU C 59 -18.79 -34.04 -22.31
N ASP C 60 -19.67 -34.49 -21.42
CA ASP C 60 -21.06 -34.06 -21.38
C ASP C 60 -21.35 -33.58 -19.96
N ILE C 61 -21.47 -32.26 -19.79
CA ILE C 61 -21.58 -31.69 -18.45
C ILE C 61 -22.99 -31.82 -17.90
N SER C 62 -23.99 -31.91 -18.76
CA SER C 62 -25.40 -31.99 -18.36
C SER C 62 -26.09 -33.14 -19.06
N CYS C 63 -25.47 -34.33 -19.01
CA CYS C 63 -25.95 -35.48 -19.75
C CYS C 63 -27.36 -35.87 -19.31
N GLY C 64 -27.60 -35.92 -18.01
CA GLY C 64 -28.89 -36.37 -17.53
C GLY C 64 -29.12 -37.81 -17.92
N CYS C 65 -30.14 -38.06 -18.74
CA CYS C 65 -30.33 -39.40 -19.31
C CYS C 65 -29.22 -39.74 -20.30
N GLY C 66 -28.47 -38.75 -20.77
CA GLY C 66 -27.37 -38.99 -21.68
C GLY C 66 -27.79 -39.00 -23.13
N ASN C 67 -28.58 -38.00 -23.53
CA ASN C 67 -29.02 -37.91 -24.92
C ASN C 67 -27.84 -37.73 -25.86
N PHE C 68 -26.88 -36.88 -25.48
CA PHE C 68 -25.73 -36.60 -26.34
C PHE C 68 -24.73 -37.75 -26.33
N LEU C 69 -24.56 -38.41 -25.19
CA LEU C 69 -23.50 -39.41 -25.05
C LEU C 69 -23.80 -40.66 -25.87
N LEU C 70 -25.06 -41.02 -26.05
CA LEU C 70 -25.39 -42.18 -26.88
C LEU C 70 -24.99 -41.93 -28.33
N GLU C 71 -25.31 -40.75 -28.87
CA GLU C 71 -24.88 -40.43 -30.22
C GLU C 71 -23.36 -40.29 -30.31
N VAL C 72 -22.73 -39.78 -29.25
CA VAL C 72 -21.27 -39.73 -29.21
C VAL C 72 -20.69 -41.14 -29.32
N TYR C 73 -21.26 -42.08 -28.58
CA TYR C 73 -20.81 -43.47 -28.64
C TYR C 73 -21.01 -44.04 -30.04
N ASP C 74 -22.16 -43.76 -30.66
CA ASP C 74 -22.41 -44.28 -32.01
C ASP C 74 -21.39 -43.74 -33.00
N ILE C 75 -21.12 -42.42 -32.94
CA ILE C 75 -20.18 -41.81 -33.87
C ILE C 75 -18.77 -42.35 -33.63
N LEU C 76 -18.38 -42.49 -32.35
CA LEU C 76 -17.06 -43.01 -32.04
C LEU C 76 -16.90 -44.45 -32.52
N TYR C 77 -17.94 -45.28 -32.33
CA TYR C 77 -17.88 -46.66 -32.78
C TYR C 77 -17.76 -46.74 -34.29
N ASP C 78 -18.54 -45.92 -35.02
CA ASP C 78 -18.44 -45.91 -36.47
C ASP C 78 -17.05 -45.47 -36.92
N LEU C 79 -16.50 -44.43 -36.29
CA LEU C 79 -15.18 -43.94 -36.67
C LEU C 79 -14.08 -44.97 -36.38
N PHE C 80 -14.17 -45.64 -35.22
CA PHE C 80 -13.18 -46.67 -34.89
C PHE C 80 -13.26 -47.85 -35.84
N GLU C 81 -14.48 -48.28 -36.19
CA GLU C 81 -14.62 -49.41 -37.11
C GLU C 81 -14.25 -49.03 -38.54
N GLU C 82 -14.34 -47.75 -38.90
CA GLU C 82 -14.04 -47.32 -40.26
C GLU C 82 -12.55 -47.36 -40.59
N ASN C 83 -11.68 -47.55 -39.59
CA ASN C 83 -10.24 -47.50 -39.80
C ASN C 83 -9.59 -48.79 -39.31
N ILE C 84 -8.62 -49.27 -40.08
CA ILE C 84 -7.81 -50.43 -39.68
C ILE C 84 -6.33 -50.10 -39.58
N TYR C 85 -5.90 -48.92 -40.02
CA TYR C 85 -4.48 -48.58 -40.03
C TYR C 85 -3.92 -48.43 -38.63
N GLU C 86 -4.75 -48.04 -37.66
CA GLU C 86 -4.27 -47.90 -36.29
C GLU C 86 -3.84 -49.25 -35.73
N LEU C 87 -4.64 -50.30 -35.97
CA LEU C 87 -4.23 -51.64 -35.57
C LEU C 87 -3.08 -52.15 -36.43
N LYS C 88 -3.04 -51.76 -37.70
CA LYS C 88 -2.00 -52.22 -38.60
C LYS C 88 -0.66 -51.52 -38.34
N LYS C 89 -0.69 -50.21 -38.14
CA LYS C 89 0.54 -49.42 -38.11
C LYS C 89 0.80 -48.77 -36.76
N LYS C 90 -0.17 -48.02 -36.21
CA LYS C 90 0.10 -47.18 -35.05
C LYS C 90 0.31 -48.03 -33.80
N TYR C 91 -0.71 -48.77 -33.38
CA TYR C 91 -0.65 -49.55 -32.15
C TYR C 91 -0.52 -51.04 -32.48
N ASP C 92 -0.55 -51.85 -31.43
CA ASP C 92 -0.46 -53.30 -31.61
C ASP C 92 -1.69 -53.83 -32.32
N GLU C 93 -1.49 -54.85 -33.14
CA GLU C 93 -2.60 -55.49 -33.84
C GLU C 93 -3.57 -56.12 -32.86
N ASN C 94 -3.06 -56.75 -31.80
CA ASN C 94 -3.92 -57.36 -30.79
C ASN C 94 -4.54 -56.32 -29.87
N TYR C 95 -3.79 -55.27 -29.53
CA TYR C 95 -4.32 -54.24 -28.62
C TYR C 95 -5.50 -53.52 -29.24
N TRP C 96 -5.41 -53.18 -30.53
CA TRP C 96 -6.49 -52.51 -31.24
C TRP C 96 -7.32 -53.57 -31.94
N THR C 97 -8.31 -54.12 -31.22
CA THR C 97 -9.18 -55.16 -31.73
C THR C 97 -10.63 -54.76 -31.50
N VAL C 98 -11.53 -55.34 -32.31
CA VAL C 98 -12.95 -55.04 -32.19
C VAL C 98 -13.49 -55.51 -30.84
N ASP C 99 -12.88 -56.55 -30.27
CA ASP C 99 -13.31 -57.03 -28.96
C ASP C 99 -13.06 -55.98 -27.88
N ASN C 100 -11.90 -55.30 -27.95
CA ASN C 100 -11.54 -54.29 -26.96
C ASN C 100 -11.96 -52.88 -27.35
N ILE C 101 -12.59 -52.70 -28.52
CA ILE C 101 -12.99 -51.37 -28.95
C ILE C 101 -14.06 -50.80 -28.02
N HIS C 102 -15.04 -51.62 -27.65
CA HIS C 102 -16.08 -51.16 -26.73
C HIS C 102 -15.50 -50.77 -25.38
N ARG C 103 -14.58 -51.58 -24.85
CA ARG C 103 -13.94 -51.26 -23.59
C ARG C 103 -13.13 -49.98 -23.68
N HIS C 104 -12.41 -49.80 -24.80
CA HIS C 104 -11.64 -48.57 -24.98
C HIS C 104 -12.53 -47.35 -25.02
N ILE C 105 -13.66 -47.43 -25.74
CA ILE C 105 -14.57 -46.30 -25.83
C ILE C 105 -15.19 -45.99 -24.47
N LEU C 106 -15.57 -47.03 -23.71
CA LEU C 106 -16.24 -46.82 -22.44
C LEU C 106 -15.29 -46.51 -21.29
N ASN C 107 -13.99 -46.70 -21.47
CA ASN C 107 -13.03 -46.42 -20.40
C ASN C 107 -12.04 -45.30 -20.73
N TYR C 108 -12.05 -44.76 -21.94
CA TYR C 108 -11.09 -43.72 -22.29
C TYR C 108 -11.75 -42.52 -22.97
N CYS C 109 -12.89 -42.74 -23.62
CA CYS C 109 -13.49 -41.72 -24.50
C CYS C 109 -14.61 -40.94 -23.82
N ILE C 110 -15.64 -41.63 -23.33
CA ILE C 110 -16.87 -40.98 -22.91
C ILE C 110 -16.75 -40.58 -21.44
N TYR C 111 -17.05 -39.32 -21.15
CA TYR C 111 -17.15 -38.79 -19.79
C TYR C 111 -18.44 -38.01 -19.66
N GLY C 112 -19.11 -38.18 -18.52
CA GLY C 112 -20.37 -37.48 -18.27
C GLY C 112 -20.54 -37.21 -16.80
N ALA C 113 -21.20 -36.08 -16.50
CA ALA C 113 -21.44 -35.67 -15.13
C ALA C 113 -22.87 -35.17 -14.98
N ASP C 114 -23.44 -35.41 -13.80
CA ASP C 114 -24.80 -34.95 -13.50
C ASP C 114 -24.97 -34.90 -12.00
N ILE C 115 -25.98 -34.14 -11.56
CA ILE C 115 -26.31 -34.01 -10.15
C ILE C 115 -27.48 -34.91 -9.76
N ASP C 116 -27.87 -35.84 -10.63
CA ASP C 116 -28.99 -36.74 -10.39
C ASP C 116 -28.48 -38.17 -10.39
N GLU C 117 -28.79 -38.91 -9.32
CA GLU C 117 -28.33 -40.30 -9.22
C GLU C 117 -29.10 -41.21 -10.17
N LYS C 118 -30.42 -41.01 -10.29
CA LYS C 118 -31.23 -41.87 -11.15
C LYS C 118 -30.86 -41.69 -12.61
N ALA C 119 -30.61 -40.45 -13.05
CA ALA C 119 -30.20 -40.22 -14.43
C ALA C 119 -28.86 -40.87 -14.74
N ILE C 120 -27.91 -40.77 -13.80
CA ILE C 120 -26.61 -41.40 -13.99
C ILE C 120 -26.75 -42.92 -14.05
N SER C 121 -27.61 -43.48 -13.19
CA SER C 121 -27.83 -44.93 -13.22
C SER C 121 -28.45 -45.36 -14.55
N ILE C 122 -29.43 -44.60 -15.05
CA ILE C 122 -30.05 -44.94 -16.32
C ILE C 122 -29.04 -44.86 -17.46
N LEU C 123 -28.21 -43.82 -17.45
CA LEU C 123 -27.20 -43.68 -18.49
C LEU C 123 -26.18 -44.81 -18.44
N LYS C 124 -25.76 -45.20 -17.24
CA LYS C 124 -24.82 -46.30 -17.10
C LYS C 124 -25.44 -47.61 -17.60
N ASP C 125 -26.71 -47.85 -17.26
CA ASP C 125 -27.39 -49.05 -17.74
C ASP C 125 -27.51 -49.05 -19.25
N SER C 126 -27.82 -47.89 -19.84
CA SER C 126 -27.95 -47.80 -21.29
C SER C 126 -26.61 -48.04 -21.99
N LEU C 127 -25.54 -47.45 -21.46
CA LEU C 127 -24.23 -47.63 -22.07
C LEU C 127 -23.70 -49.04 -21.87
N THR C 128 -24.11 -49.71 -20.79
CA THR C 128 -23.71 -51.10 -20.58
C THR C 128 -24.28 -52.02 -21.64
N ASN C 129 -25.49 -51.73 -22.13
CA ASN C 129 -26.15 -52.54 -23.14
C ASN C 129 -25.85 -52.08 -24.56
N LYS C 130 -24.97 -51.09 -24.72
CA LYS C 130 -24.60 -50.61 -26.05
C LYS C 130 -23.32 -51.27 -26.54
N ASN C 144 -17.59 -45.13 -16.53
CA ASN C 144 -16.59 -44.07 -16.46
C ASN C 144 -17.26 -42.70 -16.53
N LEU C 145 -18.04 -42.37 -15.52
CA LEU C 145 -18.74 -41.09 -15.47
C LEU C 145 -18.92 -40.68 -14.02
N PHE C 146 -18.28 -39.57 -13.64
CA PHE C 146 -18.43 -39.05 -12.28
C PHE C 146 -19.81 -38.41 -12.11
N CYS C 147 -20.34 -38.52 -10.89
CA CYS C 147 -21.63 -37.95 -10.54
C CYS C 147 -21.42 -36.98 -9.39
N CYS C 148 -21.29 -35.69 -9.72
CA CYS C 148 -21.03 -34.65 -8.73
C CYS C 148 -21.48 -33.32 -9.31
N ASP C 149 -21.41 -32.28 -8.47
CA ASP C 149 -21.71 -30.93 -8.93
C ASP C 149 -20.68 -30.50 -9.97
N SER C 150 -21.16 -30.10 -11.15
CA SER C 150 -20.27 -29.78 -12.26
C SER C 150 -19.55 -28.46 -12.08
N LEU C 151 -20.15 -27.52 -11.36
CA LEU C 151 -19.56 -26.20 -11.17
C LEU C 151 -18.61 -26.14 -9.97
N LYS C 152 -18.48 -27.23 -9.22
CA LYS C 152 -17.59 -27.26 -8.05
C LYS C 152 -16.71 -28.51 -8.06
N LYS C 153 -16.31 -28.96 -9.25
CA LYS C 153 -15.50 -30.16 -9.40
C LYS C 153 -14.35 -29.87 -10.38
N LYS C 154 -13.18 -29.59 -9.83
CA LYS C 154 -11.99 -29.40 -10.65
C LYS C 154 -11.47 -30.75 -11.14
N TRP C 155 -10.93 -30.75 -12.36
CA TRP C 155 -10.41 -31.96 -12.98
C TRP C 155 -8.92 -31.79 -13.30
N ARG C 156 -8.17 -32.88 -13.13
CA ARG C 156 -6.73 -32.82 -13.37
C ARG C 156 -6.40 -32.61 -14.84
N TYR C 157 -7.19 -33.21 -15.73
CA TYR C 157 -6.96 -33.11 -17.17
C TYR C 157 -8.16 -32.49 -17.86
N LYS C 158 -7.89 -31.75 -18.92
CA LYS C 158 -8.92 -31.06 -19.68
C LYS C 158 -9.58 -32.04 -20.66
N PHE C 159 -10.44 -31.53 -21.53
CA PHE C 159 -11.21 -32.35 -22.46
C PHE C 159 -11.08 -31.79 -23.86
N ASP C 160 -11.01 -32.70 -24.84
CA ASP C 160 -10.88 -32.27 -26.24
C ASP C 160 -12.19 -31.68 -26.76
N TYR C 161 -13.32 -32.34 -26.49
CA TYR C 161 -14.61 -31.91 -26.98
C TYR C 161 -15.60 -31.85 -25.83
N ILE C 162 -16.48 -30.84 -25.86
CA ILE C 162 -17.51 -30.66 -24.85
C ILE C 162 -18.83 -30.44 -25.56
N VAL C 163 -19.83 -31.28 -25.23
CA VAL C 163 -21.19 -31.14 -25.74
C VAL C 163 -22.15 -31.29 -24.57
N GLY C 164 -23.38 -30.83 -24.78
CA GLY C 164 -24.41 -31.02 -23.78
C GLY C 164 -25.43 -29.91 -23.83
N ASN C 165 -26.38 -30.00 -22.90
CA ASN C 165 -27.49 -29.05 -22.77
C ASN C 165 -27.56 -28.61 -21.32
N PRO C 166 -26.87 -27.52 -20.96
CA PRO C 166 -26.79 -27.11 -19.56
C PRO C 166 -28.14 -26.67 -19.02
N PRO C 167 -28.36 -26.76 -17.71
CA PRO C 167 -29.64 -26.29 -17.15
C PRO C 167 -29.78 -24.78 -17.23
N TYR C 168 -31.02 -24.32 -17.36
CA TYR C 168 -31.35 -22.90 -17.35
C TYR C 168 -32.11 -22.61 -16.06
N ILE C 169 -31.52 -21.80 -15.17
CA ILE C 169 -32.16 -21.42 -13.93
C ILE C 169 -32.01 -19.91 -13.77
N GLY C 170 -33.14 -19.20 -13.71
CA GLY C 170 -33.14 -17.77 -13.54
C GLY C 170 -32.86 -17.36 -12.10
N HIS C 171 -32.84 -16.04 -11.88
CA HIS C 171 -32.56 -15.51 -10.55
C HIS C 171 -33.69 -15.74 -9.57
N LYS C 172 -34.86 -16.16 -10.04
CA LYS C 172 -36.00 -16.42 -9.16
C LYS C 172 -36.05 -17.86 -8.67
N LYS C 173 -35.62 -18.82 -9.48
CA LYS C 173 -35.74 -20.24 -9.16
C LYS C 173 -34.44 -20.84 -8.64
N LEU C 174 -33.45 -20.01 -8.32
CA LEU C 174 -32.15 -20.47 -7.87
C LEU C 174 -32.02 -20.31 -6.37
N GLU C 175 -31.52 -21.34 -5.70
CA GLU C 175 -31.31 -21.27 -4.26
C GLU C 175 -30.26 -20.20 -3.93
N LYS C 176 -30.50 -19.46 -2.85
CA LYS C 176 -29.67 -18.30 -2.55
C LYS C 176 -28.28 -18.69 -2.09
N LYS C 177 -28.14 -19.82 -1.40
CA LYS C 177 -26.80 -20.29 -1.03
C LYS C 177 -25.98 -20.64 -2.28
N TYR C 178 -26.61 -21.32 -3.24
CA TYR C 178 -25.94 -21.59 -4.50
C TYR C 178 -25.64 -20.30 -5.26
N LYS C 179 -26.52 -19.30 -5.13
CA LYS C 179 -26.25 -18.01 -5.76
C LYS C 179 -25.03 -17.34 -5.12
N LYS C 180 -24.88 -17.45 -3.80
CA LYS C 180 -23.69 -16.93 -3.14
C LYS C 180 -22.44 -17.65 -3.61
N PHE C 181 -22.53 -18.98 -3.76
CA PHE C 181 -21.39 -19.73 -4.29
C PHE C 181 -21.03 -19.27 -5.69
N LEU C 182 -22.03 -19.06 -6.55
CA LEU C 182 -21.77 -18.59 -7.90
C LEU C 182 -21.15 -17.21 -7.91
N LEU C 183 -21.64 -16.30 -7.05
CA LEU C 183 -21.06 -14.98 -6.97
C LEU C 183 -19.62 -15.02 -6.46
N GLU C 184 -19.31 -16.00 -5.61
CA GLU C 184 -17.93 -16.15 -5.12
C GLU C 184 -17.02 -16.67 -6.22
N LYS C 185 -17.32 -17.86 -6.76
CA LYS C 185 -16.40 -18.57 -7.63
C LYS C 185 -16.61 -18.26 -9.12
N TYR C 186 -17.70 -17.62 -9.50
CA TYR C 186 -17.99 -17.33 -10.90
C TYR C 186 -18.37 -15.86 -11.08
N SER C 187 -17.68 -14.97 -10.36
CA SER C 187 -17.98 -13.55 -10.45
C SER C 187 -17.58 -12.93 -11.80
N GLU C 188 -16.82 -13.65 -12.61
CA GLU C 188 -16.41 -13.09 -13.90
C GLU C 188 -17.55 -13.06 -14.90
N VAL C 189 -18.55 -13.93 -14.74
CA VAL C 189 -19.67 -13.99 -15.67
C VAL C 189 -21.03 -13.91 -14.99
N TYR C 190 -21.16 -14.22 -13.70
CA TYR C 190 -22.44 -14.25 -13.02
C TYR C 190 -22.54 -13.09 -12.04
N LYS C 191 -23.60 -12.30 -12.17
CA LYS C 191 -23.90 -11.23 -11.23
C LYS C 191 -25.31 -10.72 -11.53
N ASP C 192 -25.97 -10.21 -10.48
CA ASP C 192 -27.29 -9.58 -10.57
C ASP C 192 -28.29 -10.62 -11.09
N LYS C 193 -28.95 -10.41 -12.23
CA LYS C 193 -29.99 -11.30 -12.72
C LYS C 193 -29.45 -12.31 -13.74
N ALA C 194 -28.21 -12.74 -13.58
CA ALA C 194 -27.61 -13.67 -14.51
C ALA C 194 -28.21 -15.08 -14.34
N ASP C 195 -27.85 -15.96 -15.27
CA ASP C 195 -28.40 -17.30 -15.32
C ASP C 195 -27.31 -18.34 -15.10
N LEU C 196 -27.72 -19.55 -14.74
CA LEU C 196 -26.79 -20.62 -14.42
C LEU C 196 -25.98 -21.04 -15.65
N TYR C 197 -26.58 -20.98 -16.83
CA TYR C 197 -25.84 -21.38 -18.02
C TYR C 197 -24.70 -20.41 -18.36
N PHE C 198 -24.70 -19.20 -17.78
CA PHE C 198 -23.52 -18.36 -17.87
C PHE C 198 -22.32 -19.04 -17.20
N CYS C 199 -22.55 -19.53 -15.97
CA CYS C 199 -21.50 -20.25 -15.25
C CYS C 199 -21.13 -21.54 -15.96
N PHE C 200 -22.12 -22.22 -16.56
CA PHE C 200 -21.81 -23.42 -17.34
C PHE C 200 -20.95 -23.10 -18.55
N TYR C 201 -21.23 -21.97 -19.23
CA TYR C 201 -20.39 -21.52 -20.33
C TYR C 201 -18.96 -21.29 -19.84
N LYS C 202 -18.80 -20.61 -18.71
CA LYS C 202 -17.46 -20.34 -18.20
C LYS C 202 -16.73 -21.64 -17.86
N LYS C 203 -17.44 -22.57 -17.22
CA LYS C 203 -16.82 -23.86 -16.88
C LYS C 203 -16.40 -24.63 -18.12
N ILE C 204 -17.25 -24.62 -19.15
CA ILE C 204 -16.91 -25.32 -20.40
C ILE C 204 -15.69 -24.68 -21.05
N ILE C 205 -15.62 -23.35 -21.08
CA ILE C 205 -14.50 -22.67 -21.69
C ILE C 205 -13.21 -22.98 -20.93
N ASP C 206 -13.27 -22.96 -19.59
CA ASP C 206 -12.06 -23.11 -18.79
C ASP C 206 -11.45 -24.49 -18.95
N ILE C 207 -12.26 -25.56 -18.92
CA ILE C 207 -11.73 -26.91 -18.91
C ILE C 207 -11.67 -27.45 -20.34
N LEU C 208 -11.80 -26.58 -21.32
CA LEU C 208 -11.64 -26.98 -22.71
C LEU C 208 -10.16 -26.98 -23.06
N LYS C 209 -9.66 -28.12 -23.54
CA LYS C 209 -8.24 -28.23 -23.87
C LYS C 209 -7.89 -27.29 -25.02
N GLN C 210 -6.68 -26.76 -24.98
CA GLN C 210 -6.23 -25.81 -25.99
C GLN C 210 -6.24 -26.46 -27.37
N GLY C 211 -7.07 -25.92 -28.26
CA GLY C 211 -7.27 -26.50 -29.58
C GLY C 211 -8.51 -27.34 -29.73
N GLY C 212 -9.32 -27.49 -28.66
CA GLY C 212 -10.52 -28.29 -28.74
C GLY C 212 -11.71 -27.51 -29.26
N ILE C 213 -12.81 -28.24 -29.47
CA ILE C 213 -14.04 -27.68 -30.01
C ILE C 213 -15.18 -27.96 -29.04
N GLY C 214 -15.94 -26.92 -28.70
CA GLY C 214 -17.10 -27.08 -27.86
C GLY C 214 -18.38 -26.61 -28.52
N SER C 215 -19.41 -27.44 -28.49
CA SER C 215 -20.70 -27.11 -29.11
C SER C 215 -21.82 -27.37 -28.10
N VAL C 216 -22.63 -26.34 -27.85
CA VAL C 216 -23.71 -26.41 -26.86
C VAL C 216 -24.96 -25.75 -27.42
N ILE C 217 -26.08 -26.01 -26.75
CA ILE C 217 -27.35 -25.35 -27.02
C ILE C 217 -27.82 -24.69 -25.72
N THR C 218 -28.08 -23.38 -25.78
CA THR C 218 -28.41 -22.59 -24.60
C THR C 218 -29.58 -21.67 -24.94
N PRO C 219 -30.11 -20.90 -23.98
CA PRO C 219 -31.04 -19.84 -24.36
C PRO C 219 -30.34 -18.77 -25.17
N ARG C 220 -31.10 -18.15 -26.07
CA ARG C 220 -30.57 -17.14 -26.97
C ARG C 220 -30.51 -15.75 -26.34
N TYR C 221 -30.97 -15.59 -25.10
CA TYR C 221 -31.17 -14.26 -24.53
C TYR C 221 -29.84 -13.57 -24.21
N PHE C 222 -28.81 -14.33 -23.85
CA PHE C 222 -27.53 -13.72 -23.49
C PHE C 222 -26.86 -13.02 -24.67
N LEU C 223 -27.30 -13.30 -25.89
CA LEU C 223 -26.74 -12.62 -27.06
C LEU C 223 -27.05 -11.12 -27.03
N GLU C 224 -28.16 -10.74 -26.40
CA GLU C 224 -28.59 -9.35 -26.37
C GLU C 224 -28.91 -8.83 -24.98
N SER C 225 -29.05 -9.68 -23.97
CA SER C 225 -29.48 -9.23 -22.66
C SER C 225 -28.40 -8.41 -21.97
N LEU C 226 -28.85 -7.55 -21.05
CA LEU C 226 -27.92 -6.75 -20.26
C LEU C 226 -27.07 -7.62 -19.33
N SER C 227 -27.65 -8.70 -18.81
CA SER C 227 -26.90 -9.57 -17.90
C SER C 227 -25.77 -10.29 -18.61
N GLY C 228 -25.92 -10.57 -19.89
CA GLY C 228 -24.94 -11.33 -20.64
C GLY C 228 -23.73 -10.56 -21.12
N LYS C 229 -23.59 -9.29 -20.71
CA LYS C 229 -22.46 -8.49 -21.17
C LYS C 229 -21.12 -9.09 -20.74
N ASP C 230 -21.02 -9.46 -19.46
CA ASP C 230 -19.79 -10.08 -18.97
C ASP C 230 -19.54 -11.42 -19.65
N LEU C 231 -20.60 -12.22 -19.82
CA LEU C 231 -20.45 -13.50 -20.49
C LEU C 231 -19.99 -13.32 -21.94
N ARG C 232 -20.56 -12.32 -22.65
CA ARG C 232 -20.14 -12.06 -24.01
C ARG C 232 -18.68 -11.63 -24.06
N GLU C 233 -18.25 -10.78 -23.12
CA GLU C 233 -16.84 -10.39 -23.08
C GLU C 233 -15.95 -11.60 -22.83
N TYR C 234 -16.35 -12.48 -21.91
CA TYR C 234 -15.56 -13.66 -21.60
C TYR C 234 -15.43 -14.57 -22.83
N ILE C 235 -16.55 -14.81 -23.51
CA ILE C 235 -16.53 -15.67 -24.69
C ILE C 235 -15.69 -15.06 -25.80
N LYS C 236 -15.82 -13.75 -26.01
CA LYS C 236 -15.05 -13.10 -27.07
C LYS C 236 -13.56 -13.14 -26.79
N SER C 237 -13.16 -12.91 -25.53
CA SER C 237 -11.75 -12.81 -25.18
C SER C 237 -11.12 -14.14 -24.81
N ASN C 238 -11.88 -15.23 -24.76
CA ASN C 238 -11.32 -16.53 -24.40
C ASN C 238 -11.25 -17.52 -25.54
N VAL C 239 -12.28 -17.61 -26.38
CA VAL C 239 -12.33 -18.61 -27.45
C VAL C 239 -12.72 -17.95 -28.76
N ASN C 240 -12.40 -18.65 -29.85
CA ASN C 240 -12.86 -18.25 -31.19
C ASN C 240 -14.22 -18.88 -31.46
N VAL C 241 -15.13 -18.09 -31.98
CA VAL C 241 -16.49 -18.53 -32.24
C VAL C 241 -16.58 -19.04 -33.67
N GLN C 242 -16.92 -20.33 -33.82
CA GLN C 242 -17.07 -20.91 -35.15
C GLN C 242 -18.44 -20.60 -35.73
N GLU C 243 -19.50 -21.03 -35.05
CA GLU C 243 -20.84 -20.93 -35.62
C GLU C 243 -21.87 -20.59 -34.56
N ILE C 244 -22.87 -19.81 -34.96
CA ILE C 244 -24.03 -19.50 -34.14
C ILE C 244 -25.28 -19.81 -34.96
N VAL C 245 -26.19 -20.58 -34.37
CA VAL C 245 -27.49 -20.87 -34.96
C VAL C 245 -28.54 -20.28 -34.05
N ASP C 246 -29.25 -19.26 -34.54
CA ASP C 246 -30.22 -18.51 -33.74
C ASP C 246 -31.62 -18.87 -34.22
N PHE C 247 -32.39 -19.55 -33.38
CA PHE C 247 -33.75 -19.94 -33.70
C PHE C 247 -34.78 -18.87 -33.37
N LEU C 248 -34.35 -17.75 -32.78
CA LEU C 248 -35.22 -16.62 -32.43
C LEU C 248 -36.34 -17.16 -31.55
N GLY C 249 -37.60 -16.79 -31.79
CA GLY C 249 -38.71 -17.19 -30.95
C GLY C 249 -39.29 -18.56 -31.22
N ALA C 250 -38.72 -19.30 -32.16
CA ALA C 250 -39.21 -20.64 -32.46
C ALA C 250 -39.02 -21.56 -31.27
N ASN C 251 -39.94 -22.51 -31.12
CA ASN C 251 -39.94 -23.45 -30.00
C ASN C 251 -39.17 -24.71 -30.41
N ILE C 252 -37.95 -24.84 -29.92
CA ILE C 252 -37.19 -26.05 -30.17
C ILE C 252 -37.59 -27.17 -29.22
N PHE C 253 -37.98 -26.83 -28.00
CA PHE C 253 -38.40 -27.79 -26.99
C PHE C 253 -39.92 -27.75 -26.84
N LYS C 254 -40.55 -28.91 -26.92
CA LYS C 254 -42.00 -28.98 -26.84
C LYS C 254 -42.48 -28.65 -25.43
N ASN C 255 -43.55 -27.85 -25.36
CA ASN C 255 -44.19 -27.45 -24.11
C ASN C 255 -43.25 -26.68 -23.18
N ILE C 256 -42.20 -26.10 -23.73
CA ILE C 256 -41.21 -25.34 -22.95
C ILE C 256 -41.15 -23.93 -23.51
N GLY C 257 -41.33 -22.95 -22.62
CA GLY C 257 -41.30 -21.55 -23.02
C GLY C 257 -39.91 -20.95 -23.02
N VAL C 258 -39.04 -21.45 -23.88
CA VAL C 258 -37.68 -20.94 -24.00
C VAL C 258 -37.36 -20.74 -25.47
N SER C 259 -36.45 -19.80 -25.74
CA SER C 259 -35.94 -19.53 -27.08
C SER C 259 -34.47 -19.93 -27.11
N SER C 260 -34.11 -20.81 -28.04
CA SER C 260 -32.84 -21.50 -28.02
C SER C 260 -31.88 -20.96 -29.08
N CYS C 261 -30.60 -21.28 -28.87
CA CYS C 261 -29.56 -21.03 -29.85
C CYS C 261 -28.47 -22.08 -29.66
N ILE C 262 -27.68 -22.29 -30.72
CA ILE C 262 -26.61 -23.27 -30.73
C ILE C 262 -25.30 -22.54 -30.98
N LEU C 263 -24.30 -22.79 -30.13
CA LEU C 263 -23.01 -22.14 -30.21
C LEU C 263 -21.92 -23.19 -30.38
N THR C 264 -21.06 -23.01 -31.38
CA THR C 264 -19.89 -23.85 -31.59
C THR C 264 -18.66 -22.96 -31.64
N PHE C 265 -17.68 -23.28 -30.78
CA PHE C 265 -16.50 -22.46 -30.59
C PHE C 265 -15.27 -23.37 -30.47
N ASP C 266 -14.09 -22.75 -30.54
CA ASP C 266 -12.85 -23.50 -30.49
C ASP C 266 -11.77 -22.68 -29.79
N LYS C 267 -10.70 -23.36 -29.40
CA LYS C 267 -9.51 -22.75 -28.82
C LYS C 267 -8.30 -22.97 -29.72
N LYS C 268 -8.49 -22.90 -31.03
CA LYS C 268 -7.43 -23.17 -31.99
C LYS C 268 -6.73 -21.87 -32.35
N LYS C 269 -5.82 -21.94 -33.33
CA LYS C 269 -5.12 -20.75 -33.79
C LYS C 269 -6.09 -19.79 -34.47
N THR C 270 -5.89 -18.50 -34.23
CA THR C 270 -6.79 -17.49 -34.76
C THR C 270 -6.69 -17.41 -36.28
N LYS C 271 -7.85 -17.35 -36.93
CA LYS C 271 -7.99 -17.27 -38.37
C LYS C 271 -8.68 -15.96 -38.73
N GLU C 272 -9.10 -15.84 -39.99
CA GLU C 272 -9.87 -14.66 -40.41
C GLU C 272 -11.11 -14.48 -39.54
N THR C 273 -11.64 -15.58 -38.99
CA THR C 273 -12.67 -15.55 -37.95
C THR C 273 -13.94 -14.83 -38.44
N TYR C 274 -14.46 -15.31 -39.55
CA TYR C 274 -15.78 -14.89 -40.02
C TYR C 274 -16.79 -15.86 -39.45
N ILE C 275 -17.35 -15.51 -38.29
CA ILE C 275 -18.37 -16.33 -37.65
C ILE C 275 -19.54 -16.48 -38.60
N ASP C 276 -19.90 -17.73 -38.89
CA ASP C 276 -21.07 -18.03 -39.72
C ASP C 276 -22.31 -18.00 -38.81
N VAL C 277 -23.20 -17.06 -39.07
CA VAL C 277 -24.39 -16.84 -38.25
C VAL C 277 -25.60 -17.23 -39.08
N PHE C 278 -26.42 -18.12 -38.53
CA PHE C 278 -27.68 -18.56 -39.13
C PHE C 278 -28.82 -18.05 -38.25
N LYS C 279 -29.62 -17.13 -38.79
CA LYS C 279 -30.81 -16.64 -38.13
C LYS C 279 -32.04 -17.16 -38.87
N ILE C 280 -32.97 -17.75 -38.13
CA ILE C 280 -34.15 -18.34 -38.75
C ILE C 280 -35.04 -17.23 -39.30
N LYS C 281 -35.73 -17.54 -40.40
CA LYS C 281 -36.63 -16.58 -41.04
C LYS C 281 -38.08 -16.78 -40.62
N ASN C 282 -38.51 -18.02 -40.44
CA ASN C 282 -39.87 -18.34 -40.01
C ASN C 282 -39.80 -19.02 -38.65
N GLU C 283 -40.53 -18.47 -37.68
CA GLU C 283 -40.53 -18.98 -36.32
C GLU C 283 -41.68 -19.95 -36.05
N ASP C 284 -42.50 -20.25 -37.06
CA ASP C 284 -43.63 -21.15 -36.89
C ASP C 284 -43.37 -22.55 -37.45
N ILE C 285 -42.14 -22.84 -37.88
CA ILE C 285 -41.83 -24.12 -38.48
C ILE C 285 -41.61 -25.16 -37.38
N CYS C 286 -42.15 -26.35 -37.59
CA CYS C 286 -41.98 -27.45 -36.64
C CYS C 286 -40.63 -28.12 -36.87
N ILE C 287 -39.83 -28.22 -35.80
CA ILE C 287 -38.49 -28.77 -35.94
C ILE C 287 -38.54 -30.28 -36.17
N ASN C 288 -39.59 -30.95 -35.71
CA ASN C 288 -39.70 -32.39 -35.85
C ASN C 288 -40.01 -32.81 -37.28
N LYS C 289 -40.64 -31.93 -38.07
CA LYS C 289 -41.02 -32.25 -39.44
C LYS C 289 -39.84 -32.29 -40.40
N PHE C 290 -38.60 -32.21 -39.93
CA PHE C 290 -37.43 -32.19 -40.79
C PHE C 290 -36.42 -33.24 -40.33
N GLU C 291 -35.60 -33.70 -41.27
CA GLU C 291 -34.71 -34.81 -41.01
C GLU C 291 -33.41 -34.35 -40.35
N THR C 292 -32.72 -33.38 -40.95
CA THR C 292 -31.44 -32.90 -40.45
C THR C 292 -31.45 -31.38 -40.37
N LEU C 293 -30.60 -30.85 -39.50
CA LEU C 293 -30.51 -29.40 -39.32
C LEU C 293 -29.80 -28.72 -40.48
N GLU C 294 -28.90 -29.44 -41.15
CA GLU C 294 -28.25 -28.87 -42.33
C GLU C 294 -29.28 -28.59 -43.43
N GLU C 295 -30.35 -29.37 -43.48
CA GLU C 295 -31.43 -29.10 -44.43
C GLU C 295 -32.03 -27.72 -44.19
N LEU C 296 -32.26 -27.36 -42.92
CA LEU C 296 -32.79 -26.03 -42.62
C LEU C 296 -31.75 -24.95 -42.84
N LEU C 297 -30.49 -25.21 -42.45
CA LEU C 297 -29.46 -24.19 -42.56
C LEU C 297 -29.16 -23.84 -44.02
N LYS C 298 -29.20 -24.83 -44.91
CA LYS C 298 -28.94 -24.60 -46.33
C LYS C 298 -30.23 -24.45 -47.13
N SER C 299 -31.27 -23.88 -46.53
CA SER C 299 -32.52 -23.65 -47.24
C SER C 299 -32.96 -22.20 -47.09
N SER C 300 -34.17 -21.89 -47.58
CA SER C 300 -34.73 -20.55 -47.44
C SER C 300 -35.20 -20.27 -46.02
N LYS C 301 -35.33 -21.29 -45.17
CA LYS C 301 -35.83 -21.08 -43.82
C LYS C 301 -34.83 -20.34 -42.93
N PHE C 302 -33.56 -20.26 -43.35
CA PHE C 302 -32.52 -19.62 -42.56
C PHE C 302 -31.76 -18.62 -43.43
N GLU C 303 -31.24 -17.58 -42.78
CA GLU C 303 -30.37 -16.60 -43.40
C GLU C 303 -28.98 -16.72 -42.78
N HIS C 304 -27.97 -16.83 -43.64
CA HIS C 304 -26.59 -16.97 -43.20
C HIS C 304 -25.78 -15.73 -43.56
N PHE C 305 -24.96 -15.27 -42.62
CA PHE C 305 -24.04 -14.17 -42.91
C PHE C 305 -22.81 -14.28 -42.03
N ASN C 306 -21.76 -13.59 -42.44
CA ASN C 306 -20.47 -13.63 -41.75
C ASN C 306 -20.29 -12.40 -40.88
N ILE C 307 -19.87 -12.60 -39.64
CA ILE C 307 -19.60 -11.52 -38.69
C ILE C 307 -18.16 -11.63 -38.23
N ASN C 308 -17.43 -10.53 -38.28
CA ASN C 308 -16.03 -10.51 -37.85
C ASN C 308 -15.98 -10.43 -36.32
N GLN C 309 -15.39 -11.45 -35.69
CA GLN C 309 -15.29 -11.45 -34.24
C GLN C 309 -14.40 -10.34 -33.73
N ARG C 310 -13.35 -9.98 -34.49
CA ARG C 310 -12.43 -8.94 -34.04
C ARG C 310 -13.13 -7.59 -33.89
N LEU C 311 -14.19 -7.35 -34.68
CA LEU C 311 -14.92 -6.09 -34.64
C LEU C 311 -16.10 -6.13 -33.69
N LEU C 312 -16.27 -7.20 -32.93
CA LEU C 312 -17.36 -7.29 -31.96
C LEU C 312 -17.05 -6.43 -30.74
N SER C 313 -18.02 -5.61 -30.35
CA SER C 313 -17.92 -4.82 -29.13
C SER C 313 -18.55 -5.59 -27.97
N ASP C 314 -18.79 -4.90 -26.85
CA ASP C 314 -19.49 -5.54 -25.74
C ASP C 314 -20.91 -5.94 -26.12
N GLU C 315 -21.50 -5.24 -27.09
CA GLU C 315 -22.78 -5.61 -27.66
C GLU C 315 -22.53 -6.18 -29.05
N TRP C 316 -23.13 -7.35 -29.33
CA TRP C 316 -22.87 -8.06 -30.58
C TRP C 316 -23.87 -7.62 -31.64
N ILE C 317 -23.35 -7.10 -32.75
CA ILE C 317 -24.19 -6.66 -33.88
C ILE C 317 -24.27 -7.85 -34.83
N LEU C 318 -25.25 -8.72 -34.60
CA LEU C 318 -25.44 -9.91 -35.41
C LEU C 318 -26.48 -9.64 -36.50
N VAL C 319 -26.10 -8.74 -37.41
CA VAL C 319 -26.95 -8.35 -38.54
C VAL C 319 -26.12 -8.38 -39.81
N ASN C 320 -26.82 -8.42 -40.94
CA ASN C 320 -26.15 -8.40 -42.24
C ASN C 320 -25.62 -6.99 -42.53
N LYS C 321 -25.01 -6.86 -43.71
CA LYS C 321 -24.38 -5.58 -44.07
C LYS C 321 -25.42 -4.47 -44.24
N ASP C 322 -26.58 -4.79 -44.82
CA ASP C 322 -27.60 -3.77 -45.03
C ASP C 322 -28.13 -3.24 -43.71
N ASP C 323 -28.46 -4.14 -42.78
CA ASP C 323 -28.95 -3.71 -41.47
C ASP C 323 -27.87 -3.00 -40.68
N GLU C 324 -26.61 -3.43 -40.83
CA GLU C 324 -25.51 -2.74 -40.16
C GLU C 324 -25.37 -1.31 -40.66
N THR C 325 -25.45 -1.11 -41.98
CA THR C 325 -25.38 0.24 -42.53
C THR C 325 -26.57 1.08 -42.08
N PHE C 326 -27.76 0.48 -42.05
CA PHE C 326 -28.96 1.18 -41.58
C PHE C 326 -28.79 1.65 -40.15
N TYR C 327 -28.35 0.74 -39.26
CA TYR C 327 -28.16 1.08 -37.87
C TYR C 327 -27.09 2.14 -37.69
N ASN C 328 -25.97 2.03 -38.42
CA ASN C 328 -24.91 3.01 -38.30
C ASN C 328 -25.37 4.39 -38.78
N LYS C 329 -26.14 4.43 -39.87
CA LYS C 329 -26.67 5.70 -40.35
C LYS C 329 -27.57 6.35 -39.31
N ILE C 330 -28.47 5.57 -38.72
CA ILE C 330 -29.39 6.13 -37.73
C ILE C 330 -28.64 6.58 -36.48
N GLN C 331 -27.64 5.80 -36.05
CA GLN C 331 -26.85 6.18 -34.88
C GLN C 331 -26.08 7.47 -35.12
N GLU C 332 -25.48 7.63 -36.30
CA GLU C 332 -24.65 8.80 -36.55
C GLU C 332 -25.51 10.04 -36.79
N LYS C 333 -26.66 9.90 -37.45
CA LYS C 333 -27.46 11.07 -37.80
C LYS C 333 -28.10 11.71 -36.57
N CYS C 334 -28.41 10.92 -35.54
CA CYS C 334 -29.08 11.42 -34.35
C CYS C 334 -28.06 11.91 -33.33
N LYS C 335 -28.25 13.14 -32.84
CA LYS C 335 -27.38 13.72 -31.83
C LYS C 335 -27.91 13.55 -30.42
N TYR C 336 -29.21 13.33 -30.24
CA TYR C 336 -29.83 13.19 -28.93
C TYR C 336 -30.17 11.72 -28.66
N SER C 337 -30.58 11.47 -27.42
CA SER C 337 -30.97 10.14 -26.98
C SER C 337 -32.22 10.25 -26.10
N LEU C 338 -32.98 9.17 -26.05
CA LEU C 338 -34.16 9.14 -25.18
C LEU C 338 -33.77 9.29 -23.71
N GLU C 339 -32.70 8.62 -23.30
CA GLU C 339 -32.22 8.76 -21.94
C GLU C 339 -31.81 10.19 -21.63
N ASP C 340 -31.26 10.90 -22.61
CA ASP C 340 -30.80 12.26 -22.39
C ASP C 340 -31.97 13.21 -22.13
N ILE C 341 -33.08 13.03 -22.84
CA ILE C 341 -34.16 14.01 -22.83
C ILE C 341 -35.35 13.56 -22.00
N ALA C 342 -35.34 12.36 -21.46
CA ALA C 342 -36.51 11.81 -20.78
C ALA C 342 -36.13 11.17 -19.46
N ILE C 343 -37.12 11.09 -18.57
CA ILE C 343 -37.03 10.41 -17.29
C ILE C 343 -37.99 9.22 -17.35
N SER C 344 -37.45 8.02 -17.12
CA SER C 344 -38.19 6.78 -17.31
C SER C 344 -38.36 6.06 -15.99
N PHE C 345 -39.44 5.28 -15.89
CA PHE C 345 -39.71 4.53 -14.67
C PHE C 345 -40.58 3.31 -14.97
N GLN C 346 -40.30 2.26 -14.21
CA GLN C 346 -41.10 1.04 -14.19
C GLN C 346 -42.39 1.27 -13.40
N GLY C 347 -43.40 0.49 -13.72
CA GLY C 347 -44.71 0.67 -13.11
C GLY C 347 -44.76 0.18 -11.67
N ILE C 348 -45.96 0.31 -11.10
CA ILE C 348 -46.19 -0.09 -9.72
C ILE C 348 -45.99 -1.60 -9.56
N ILE C 349 -45.29 -2.00 -8.52
CA ILE C 349 -45.14 -3.41 -8.16
C ILE C 349 -45.80 -3.57 -6.80
N THR C 350 -47.04 -4.05 -6.80
CA THR C 350 -47.79 -4.18 -5.55
C THR C 350 -47.32 -5.35 -4.71
N GLY C 351 -46.68 -6.35 -5.30
CA GLY C 351 -46.31 -7.57 -4.62
C GLY C 351 -47.40 -8.62 -4.61
N CYS C 352 -48.67 -8.19 -4.67
CA CYS C 352 -49.79 -9.12 -4.83
C CYS C 352 -50.92 -8.32 -5.47
N ASP C 353 -51.09 -8.47 -6.79
CA ASP C 353 -52.05 -7.66 -7.51
C ASP C 353 -53.48 -7.97 -7.10
N LYS C 354 -53.74 -9.20 -6.66
CA LYS C 354 -55.10 -9.59 -6.30
C LYS C 354 -55.62 -8.84 -5.08
N ALA C 355 -54.74 -8.30 -4.25
CA ALA C 355 -55.15 -7.56 -3.05
C ALA C 355 -55.27 -6.07 -3.26
N PHE C 356 -54.83 -5.55 -4.42
CA PHE C 356 -54.86 -4.11 -4.66
C PHE C 356 -55.52 -3.72 -5.98
N ILE C 357 -55.78 -4.67 -6.88
CA ILE C 357 -56.39 -4.37 -8.18
C ILE C 357 -57.79 -4.94 -8.20
N LEU C 358 -58.76 -4.08 -8.51
CA LEU C 358 -60.15 -4.49 -8.62
C LEU C 358 -60.69 -4.08 -9.97
N SER C 359 -61.78 -4.71 -10.39
CA SER C 359 -62.47 -4.24 -11.59
C SER C 359 -63.22 -2.95 -11.27
N LYS C 360 -63.30 -2.07 -12.27
CA LYS C 360 -64.03 -0.82 -12.07
C LYS C 360 -65.51 -1.07 -11.85
N ASP C 361 -66.01 -2.26 -12.16
CA ASP C 361 -67.38 -2.65 -11.91
C ASP C 361 -67.55 -3.43 -10.62
N ASP C 362 -66.45 -3.68 -9.89
CA ASP C 362 -66.53 -4.44 -8.65
C ASP C 362 -67.30 -3.65 -7.59
N VAL C 363 -68.20 -4.33 -6.89
CA VAL C 363 -69.02 -3.66 -5.89
C VAL C 363 -68.17 -3.21 -4.70
N LYS C 364 -67.08 -3.92 -4.42
CA LYS C 364 -66.24 -3.58 -3.28
C LYS C 364 -65.59 -2.21 -3.42
N LEU C 365 -65.60 -1.62 -4.62
CA LEU C 365 -65.14 -0.25 -4.78
C LEU C 365 -65.98 0.73 -3.98
N ASN C 366 -67.20 0.35 -3.59
CA ASN C 366 -67.99 1.19 -2.70
C ASN C 366 -67.33 1.35 -1.33
N LEU C 367 -66.43 0.43 -0.96
CA LEU C 367 -65.72 0.52 0.31
C LEU C 367 -64.48 1.40 0.25
N VAL C 368 -64.08 1.85 -0.94
CA VAL C 368 -62.83 2.58 -1.13
C VAL C 368 -63.15 4.02 -1.52
N ASP C 369 -62.53 4.96 -0.82
CA ASP C 369 -62.64 6.36 -1.20
C ASP C 369 -61.95 6.58 -2.55
N ASP C 370 -62.56 7.45 -3.37
CA ASP C 370 -62.04 7.69 -4.70
C ASP C 370 -60.70 8.43 -4.69
N LYS C 371 -60.32 9.03 -3.56
CA LYS C 371 -58.99 9.63 -3.47
C LYS C 371 -57.89 8.59 -3.45
N PHE C 372 -58.22 7.34 -3.10
CA PHE C 372 -57.24 6.26 -3.09
C PHE C 372 -57.22 5.46 -4.39
N LEU C 373 -58.28 5.57 -5.20
CA LEU C 373 -58.38 4.78 -6.43
C LEU C 373 -57.61 5.46 -7.55
N LYS C 374 -56.91 4.64 -8.34
CA LYS C 374 -56.18 5.10 -9.51
C LYS C 374 -56.58 4.22 -10.69
N CYS C 375 -56.44 4.77 -11.90
CA CYS C 375 -56.69 3.98 -13.09
C CYS C 375 -55.58 2.97 -13.31
N TRP C 376 -55.95 1.76 -13.74
CA TRP C 376 -55.00 0.66 -13.87
C TRP C 376 -55.14 0.07 -15.27
N ILE C 377 -54.01 0.01 -16.00
CA ILE C 377 -53.99 -0.49 -17.37
C ILE C 377 -52.95 -1.60 -17.47
N LYS C 378 -53.12 -2.42 -18.50
CA LYS C 378 -52.22 -3.54 -18.79
C LYS C 378 -51.52 -3.29 -20.13
N SER C 379 -50.63 -4.20 -20.49
CA SER C 379 -49.90 -4.08 -21.75
C SER C 379 -50.83 -4.17 -22.95
N LYS C 380 -51.94 -4.90 -22.82
CA LYS C 380 -52.90 -5.00 -23.92
C LYS C 380 -53.61 -3.69 -24.18
N ASN C 381 -53.64 -2.78 -23.20
CA ASN C 381 -54.31 -1.50 -23.37
C ASN C 381 -53.48 -0.47 -24.12
N ILE C 382 -52.23 -0.77 -24.42
CA ILE C 382 -51.32 0.18 -25.07
C ILE C 382 -51.34 -0.10 -26.57
N ASN C 383 -51.85 0.85 -27.33
CA ASN C 383 -51.81 0.85 -28.78
C ASN C 383 -50.82 1.91 -29.24
N LYS C 384 -50.73 2.10 -30.56
CA LYS C 384 -49.94 3.18 -31.10
C LYS C 384 -50.68 4.51 -30.90
N TYR C 385 -50.00 5.47 -30.29
CA TYR C 385 -50.45 6.85 -30.12
C TYR C 385 -51.55 7.03 -29.07
N ILE C 386 -52.13 5.94 -28.56
CA ILE C 386 -53.30 6.05 -27.69
C ILE C 386 -53.30 4.90 -26.70
N VAL C 387 -53.84 5.16 -25.51
CA VAL C 387 -54.02 4.17 -24.47
C VAL C 387 -55.51 3.85 -24.38
N ASP C 388 -55.85 2.56 -24.33
CA ASP C 388 -57.24 2.16 -24.17
C ASP C 388 -57.76 2.59 -22.81
N LYS C 389 -59.08 2.78 -22.74
CA LYS C 389 -59.72 3.15 -21.48
C LYS C 389 -59.49 2.06 -20.44
N SER C 390 -59.10 2.47 -19.24
CA SER C 390 -58.78 1.52 -18.18
C SER C 390 -60.05 0.79 -17.71
N GLU C 391 -59.91 -0.50 -17.47
CA GLU C 391 -60.98 -1.33 -16.94
C GLU C 391 -60.75 -1.75 -15.50
N TYR C 392 -59.68 -1.26 -14.87
CA TYR C 392 -59.31 -1.69 -13.53
C TYR C 392 -58.96 -0.48 -12.67
N ARG C 393 -59.11 -0.65 -11.36
CA ARG C 393 -58.73 0.34 -10.37
C ARG C 393 -57.67 -0.23 -9.46
N LEU C 394 -56.64 0.58 -9.19
CA LEU C 394 -55.61 0.27 -8.22
C LEU C 394 -55.92 0.98 -6.91
N ILE C 395 -55.86 0.24 -5.81
CA ILE C 395 -56.03 0.79 -4.47
C ILE C 395 -54.64 1.23 -4.01
N TYR C 396 -54.35 2.53 -4.14
CA TYR C 396 -53.06 3.08 -3.71
C TYR C 396 -53.08 3.17 -2.19
N SER C 397 -52.81 2.03 -1.56
CA SER C 397 -52.88 1.92 -0.10
C SER C 397 -51.80 2.70 0.61
N ASN C 398 -50.76 3.16 -0.08
CA ASN C 398 -49.71 3.93 0.57
C ASN C 398 -50.19 5.30 1.01
N ASP C 399 -51.34 5.76 0.52
CA ASP C 399 -51.91 7.03 0.94
C ASP C 399 -52.76 6.91 2.20
N ILE C 400 -53.01 5.70 2.68
CA ILE C 400 -53.72 5.49 3.94
C ILE C 400 -52.67 5.45 5.05
N ASP C 401 -52.67 6.46 5.92
CA ASP C 401 -51.60 6.61 6.89
C ASP C 401 -51.75 5.65 8.07
N ASN C 402 -52.85 5.77 8.82
CA ASN C 402 -53.08 4.97 10.00
C ASN C 402 -54.19 3.95 9.76
N GLU C 403 -54.06 2.78 10.40
CA GLU C 403 -55.07 1.75 10.29
C GLU C 403 -56.36 2.09 11.03
N ASN C 404 -56.36 3.14 11.85
CA ASN C 404 -57.53 3.53 12.62
C ASN C 404 -58.48 4.43 11.84
N THR C 405 -58.19 4.72 10.58
CA THR C 405 -59.00 5.64 9.77
C THR C 405 -59.93 4.91 8.81
N ASN C 406 -59.40 3.96 8.03
CA ASN C 406 -60.13 3.29 6.96
C ASN C 406 -60.01 1.78 7.09
N LYS C 407 -60.29 1.27 8.29
CA LYS C 407 -60.15 -0.17 8.54
C LYS C 407 -61.02 -1.02 7.62
N ARG C 408 -62.09 -0.45 7.05
CA ARG C 408 -62.96 -1.20 6.18
C ARG C 408 -62.19 -1.73 4.97
N ILE C 409 -61.36 -0.88 4.35
CA ILE C 409 -60.62 -1.28 3.17
C ILE C 409 -59.62 -2.39 3.51
N LEU C 410 -58.91 -2.24 4.63
CA LEU C 410 -57.92 -3.25 5.00
C LEU C 410 -58.58 -4.59 5.33
N ASP C 411 -59.68 -4.55 6.07
CA ASP C 411 -60.30 -5.80 6.53
C ASP C 411 -61.07 -6.50 5.42
N GLU C 412 -61.75 -5.75 4.56
CA GLU C 412 -62.67 -6.36 3.60
C GLU C 412 -62.09 -6.54 2.21
N ILE C 413 -60.95 -5.93 1.89
CA ILE C 413 -60.37 -6.07 0.57
C ILE C 413 -58.93 -6.59 0.65
N ILE C 414 -58.05 -5.81 1.27
CA ILE C 414 -56.63 -6.14 1.27
C ILE C 414 -56.35 -7.35 2.16
N GLY C 415 -56.97 -7.38 3.35
CA GLY C 415 -56.65 -8.40 4.34
C GLY C 415 -56.90 -9.82 3.88
N LEU C 416 -57.71 -10.00 2.83
CA LEU C 416 -57.94 -11.33 2.29
C LEU C 416 -56.66 -11.98 1.81
N TYR C 417 -55.62 -11.20 1.52
CA TYR C 417 -54.32 -11.75 1.16
C TYR C 417 -53.24 -11.38 2.18
N LYS C 418 -53.66 -10.96 3.38
CA LYS C 418 -52.72 -10.42 4.37
C LYS C 418 -51.54 -11.34 4.60
N THR C 419 -51.81 -12.63 4.82
CA THR C 419 -50.74 -13.60 5.05
C THR C 419 -49.70 -13.54 3.93
N LYS C 420 -50.16 -13.61 2.68
CA LYS C 420 -49.22 -13.53 1.56
C LYS C 420 -48.51 -12.19 1.56
N LEU C 421 -49.24 -11.11 1.84
CA LEU C 421 -48.62 -9.80 1.92
C LEU C 421 -47.58 -9.74 3.04
N GLU C 422 -47.77 -10.53 4.09
CA GLU C 422 -46.78 -10.58 5.16
C GLU C 422 -45.53 -11.34 4.75
N ASN C 423 -45.62 -12.19 3.73
CA ASN C 423 -44.46 -12.95 3.28
C ASN C 423 -43.55 -12.13 2.36
N ARG C 424 -43.95 -10.91 1.99
CA ARG C 424 -43.11 -10.06 1.17
C ARG C 424 -41.84 -9.68 1.93
N ARG C 425 -40.76 -9.48 1.19
CA ARG C 425 -39.46 -9.27 1.81
C ARG C 425 -39.42 -8.00 2.65
N GLU C 426 -39.98 -6.90 2.12
CA GLU C 426 -39.95 -5.64 2.85
C GLU C 426 -40.89 -5.63 4.04
N CYS C 427 -41.92 -6.47 4.03
CA CYS C 427 -42.76 -6.62 5.22
C CYS C 427 -42.07 -7.46 6.28
N LYS C 428 -41.33 -8.49 5.87
CA LYS C 428 -40.55 -9.28 6.82
C LYS C 428 -39.45 -8.44 7.45
N SER C 429 -38.80 -7.58 6.67
CA SER C 429 -37.78 -6.70 7.21
C SER C 429 -38.34 -5.60 8.10
N GLY C 430 -39.66 -5.41 8.08
CA GLY C 430 -40.30 -4.46 8.97
C GLY C 430 -40.33 -3.03 8.50
N ILE C 431 -39.77 -2.73 7.32
CA ILE C 431 -39.75 -1.35 6.81
C ILE C 431 -41.03 -0.97 6.09
N ARG C 432 -41.90 -1.93 5.79
CA ARG C 432 -43.14 -1.67 5.07
C ARG C 432 -44.29 -2.37 5.76
N LYS C 433 -45.42 -1.67 5.88
CA LYS C 433 -46.60 -2.25 6.47
C LYS C 433 -47.18 -3.33 5.56
N TRP C 434 -47.91 -4.27 6.17
CA TRP C 434 -48.42 -5.41 5.41
C TRP C 434 -49.41 -4.98 4.32
N TYR C 435 -50.13 -3.89 4.53
CA TYR C 435 -51.13 -3.45 3.58
C TYR C 435 -50.61 -2.45 2.56
N GLU C 436 -49.34 -2.06 2.65
CA GLU C 436 -48.79 -1.10 1.70
C GLU C 436 -48.32 -1.79 0.43
N LEU C 437 -48.32 -1.04 -0.66
CA LEU C 437 -47.75 -1.54 -1.92
C LEU C 437 -46.26 -1.76 -1.76
N GLN C 438 -45.78 -2.90 -2.27
CA GLN C 438 -44.38 -3.25 -2.08
C GLN C 438 -43.45 -2.22 -2.73
N TRP C 439 -43.79 -1.78 -3.95
CA TRP C 439 -43.05 -0.71 -4.63
C TRP C 439 -44.09 0.24 -5.21
N GLY C 440 -44.48 1.24 -4.42
CA GLY C 440 -45.50 2.18 -4.83
C GLY C 440 -45.04 3.32 -5.72
N ARG C 441 -43.73 3.42 -5.96
CA ARG C 441 -43.14 4.43 -6.84
C ARG C 441 -43.53 5.83 -6.32
N GLU C 442 -43.60 6.80 -7.23
CA GLU C 442 -44.03 8.15 -6.90
C GLU C 442 -45.27 8.49 -7.71
N LYS C 443 -46.31 8.99 -7.02
CA LYS C 443 -47.55 9.33 -7.71
C LYS C 443 -47.34 10.45 -8.72
N LEU C 444 -46.46 11.39 -8.41
CA LEU C 444 -46.25 12.53 -9.31
C LEU C 444 -45.69 12.10 -10.66
N PHE C 445 -45.04 10.94 -10.73
CA PHE C 445 -44.56 10.44 -12.02
C PHE C 445 -45.70 9.89 -12.86
N PHE C 446 -46.68 9.25 -12.22
CA PHE C 446 -47.79 8.64 -12.93
C PHE C 446 -48.92 9.64 -13.21
N GLU C 447 -49.24 10.50 -12.25
CA GLU C 447 -50.34 11.45 -12.40
C GLU C 447 -49.85 12.69 -13.17
N ARG C 448 -49.57 12.47 -14.45
CA ARG C 448 -49.12 13.52 -15.35
C ARG C 448 -49.24 13.01 -16.78
N LYS C 449 -48.99 13.91 -17.72
CA LYS C 449 -48.92 13.53 -19.12
C LYS C 449 -47.58 12.88 -19.41
N LYS C 450 -47.61 11.68 -19.97
CA LYS C 450 -46.40 10.88 -20.17
C LYS C 450 -46.61 9.96 -21.36
N ILE C 451 -45.57 9.18 -21.68
CA ILE C 451 -45.62 8.20 -22.75
C ILE C 451 -45.39 6.82 -22.13
N MET C 452 -46.26 5.88 -22.48
CA MET C 452 -46.22 4.54 -21.93
C MET C 452 -46.08 3.53 -23.07
N TYR C 453 -45.41 2.41 -22.76
CA TYR C 453 -45.23 1.34 -23.73
C TYR C 453 -45.20 0.00 -23.04
N PRO C 454 -45.76 -1.05 -23.64
CA PRO C 454 -45.74 -2.37 -23.02
C PRO C 454 -44.32 -2.92 -22.93
N TYR C 455 -44.10 -3.76 -21.91
CA TYR C 455 -42.77 -4.31 -21.71
C TYR C 455 -42.44 -5.44 -22.67
N LYS C 456 -43.45 -6.03 -23.30
CA LYS C 456 -43.26 -7.08 -24.30
C LYS C 456 -44.31 -6.89 -25.38
N SER C 457 -43.86 -6.70 -26.61
CA SER C 457 -44.78 -6.42 -27.71
C SER C 457 -44.19 -6.92 -29.02
N ASN C 458 -45.06 -7.07 -30.01
CA ASN C 458 -44.66 -7.48 -31.35
C ASN C 458 -44.14 -6.32 -32.19
N GLU C 459 -44.35 -5.08 -31.75
CA GLU C 459 -43.97 -3.91 -32.52
C GLU C 459 -43.84 -2.73 -31.55
N ASN C 460 -43.41 -1.59 -32.08
CA ASN C 460 -43.31 -0.38 -31.28
C ASN C 460 -44.71 0.16 -31.00
N ARG C 461 -45.06 0.21 -29.71
CA ARG C 461 -46.35 0.73 -29.27
C ARG C 461 -46.09 1.77 -28.18
N PHE C 462 -45.86 3.01 -28.59
CA PHE C 462 -45.65 4.13 -27.68
C PHE C 462 -46.90 5.02 -27.72
N ALA C 463 -47.53 5.21 -26.56
CA ALA C 463 -48.79 5.91 -26.50
C ALA C 463 -48.72 7.05 -25.49
N ILE C 464 -49.47 8.11 -25.76
CA ILE C 464 -49.55 9.25 -24.85
C ILE C 464 -50.70 9.01 -23.87
N ASP C 465 -50.40 9.13 -22.57
CA ASP C 465 -51.38 8.92 -21.52
C ASP C 465 -51.92 10.27 -21.07
N TYR C 466 -53.23 10.47 -21.22
CA TYR C 466 -53.88 11.70 -20.80
C TYR C 466 -54.70 11.54 -19.52
N ASP C 467 -54.86 10.32 -19.03
CA ASP C 467 -55.79 10.03 -17.94
C ASP C 467 -55.09 9.69 -16.63
N ASN C 468 -53.78 9.94 -16.53
CA ASN C 468 -52.99 9.62 -15.33
C ASN C 468 -53.12 8.14 -14.99
N ASN C 469 -52.72 7.31 -15.94
CA ASN C 469 -52.86 5.86 -15.79
C ASN C 469 -51.70 5.29 -14.99
N PHE C 470 -52.04 4.49 -13.97
CA PHE C 470 -51.07 3.66 -13.28
C PHE C 470 -51.02 2.29 -13.95
N SER C 471 -49.87 1.63 -13.84
CA SER C 471 -49.69 0.33 -14.47
C SER C 471 -48.70 -0.48 -13.66
N SER C 472 -48.68 -1.79 -13.92
CA SER C 472 -47.71 -2.67 -13.29
C SER C 472 -46.39 -2.56 -14.03
N ALA C 473 -45.46 -3.47 -13.75
CA ALA C 473 -44.18 -3.46 -14.44
C ALA C 473 -44.29 -3.93 -15.89
N ASP C 474 -45.46 -4.42 -16.31
CA ASP C 474 -45.66 -4.81 -17.70
C ASP C 474 -45.80 -3.61 -18.64
N VAL C 475 -45.94 -2.40 -18.10
CA VAL C 475 -45.97 -1.19 -18.91
C VAL C 475 -44.97 -0.20 -18.31
N TYR C 476 -43.98 0.20 -19.10
CA TYR C 476 -43.01 1.20 -18.68
C TYR C 476 -43.49 2.59 -19.12
N SER C 477 -43.02 3.62 -18.40
CA SER C 477 -43.43 4.98 -18.69
C SER C 477 -42.22 5.89 -18.72
N PHE C 478 -42.38 7.04 -19.38
CA PHE C 478 -41.38 8.09 -19.31
C PHE C 478 -42.02 9.42 -19.64
N PHE C 479 -41.47 10.49 -19.07
CA PHE C 479 -41.88 11.84 -19.41
C PHE C 479 -40.67 12.65 -19.85
N ILE C 480 -40.93 13.82 -20.43
CA ILE C 480 -39.88 14.67 -20.96
C ILE C 480 -39.35 15.58 -19.86
N LYS C 481 -38.03 15.73 -19.82
CA LYS C 481 -37.41 16.62 -18.84
C LYS C 481 -37.80 18.07 -19.09
N GLU C 482 -37.76 18.87 -18.02
CA GLU C 482 -38.19 20.26 -18.12
C GLU C 482 -37.30 21.06 -19.06
N GLU C 483 -36.01 20.72 -19.15
CA GLU C 483 -35.09 21.48 -19.99
C GLU C 483 -35.16 21.08 -21.46
N TYR C 484 -35.93 20.04 -21.81
CA TYR C 484 -36.07 19.62 -23.20
C TYR C 484 -37.49 19.76 -23.72
N LEU C 485 -38.40 20.36 -22.94
CA LEU C 485 -39.77 20.55 -23.42
C LEU C 485 -39.82 21.51 -24.61
N ASP C 486 -38.94 22.51 -24.64
CA ASP C 486 -38.90 23.45 -25.75
C ASP C 486 -38.26 22.87 -27.00
N LYS C 487 -37.65 21.68 -26.91
CA LYS C 487 -37.01 21.04 -28.04
C LYS C 487 -37.74 19.80 -28.53
N PHE C 488 -38.38 19.05 -27.64
CA PHE C 488 -39.11 17.85 -28.00
C PHE C 488 -40.48 17.87 -27.35
N SER C 489 -41.48 17.39 -28.10
CA SER C 489 -42.85 17.27 -27.60
C SER C 489 -43.25 15.81 -27.62
N TYR C 490 -44.29 15.49 -26.84
CA TYR C 490 -44.77 14.11 -26.77
C TYR C 490 -45.27 13.63 -28.12
N GLU C 491 -45.97 14.50 -28.86
CA GLU C 491 -46.53 14.11 -30.14
C GLU C 491 -45.43 13.75 -31.14
N TYR C 492 -44.37 14.55 -31.22
CA TYR C 492 -43.26 14.23 -32.11
C TYR C 492 -42.59 12.93 -31.72
N LEU C 493 -42.41 12.70 -30.41
CA LEU C 493 -41.76 11.49 -29.95
C LEU C 493 -42.57 10.26 -30.31
N VAL C 494 -43.88 10.30 -30.08
CA VAL C 494 -44.69 9.13 -30.42
C VAL C 494 -44.82 8.98 -31.92
N GLY C 495 -44.76 10.08 -32.68
CA GLY C 495 -44.79 9.97 -34.13
C GLY C 495 -43.56 9.29 -34.69
N ILE C 496 -42.37 9.66 -34.19
CA ILE C 496 -41.16 9.05 -34.72
C ILE C 496 -40.96 7.64 -34.17
N LEU C 497 -41.35 7.39 -32.92
CA LEU C 497 -41.12 6.08 -32.32
C LEU C 497 -42.05 5.01 -32.89
N ASN C 498 -43.25 5.40 -33.32
CA ASN C 498 -44.19 4.47 -33.92
C ASN C 498 -43.98 4.28 -35.41
N SER C 499 -43.04 5.02 -36.01
CA SER C 499 -42.75 4.85 -37.43
C SER C 499 -42.09 3.50 -37.68
N SER C 500 -42.29 2.97 -38.90
CA SER C 500 -41.64 1.73 -39.28
C SER C 500 -40.13 1.87 -39.27
N VAL C 501 -39.62 3.09 -39.51
CA VAL C 501 -38.19 3.33 -39.45
C VAL C 501 -37.65 3.01 -38.07
N TYR C 502 -38.29 3.56 -37.03
CA TYR C 502 -37.83 3.32 -35.67
C TYR C 502 -38.19 1.92 -35.20
N ASP C 503 -39.24 1.31 -35.76
CA ASP C 503 -39.54 -0.08 -35.46
C ASP C 503 -38.38 -0.98 -35.89
N LYS C 504 -37.95 -0.83 -37.14
CA LYS C 504 -36.80 -1.60 -37.63
C LYS C 504 -35.54 -1.23 -36.86
N TYR C 505 -35.35 0.06 -36.55
CA TYR C 505 -34.16 0.51 -35.85
C TYR C 505 -34.05 -0.11 -34.46
N PHE C 506 -35.16 -0.18 -33.73
CA PHE C 506 -35.12 -0.80 -32.40
C PHE C 506 -34.97 -2.31 -32.51
N LYS C 507 -35.68 -2.94 -33.44
CA LYS C 507 -35.64 -4.40 -33.52
C LYS C 507 -34.28 -4.93 -33.98
N ILE C 508 -33.39 -4.06 -34.46
CA ILE C 508 -32.04 -4.51 -34.81
C ILE C 508 -31.31 -5.01 -33.57
N THR C 509 -31.40 -4.26 -32.46
CA THR C 509 -30.67 -4.57 -31.25
C THR C 509 -31.54 -5.10 -30.12
N ALA C 510 -32.84 -5.26 -30.34
CA ALA C 510 -33.75 -5.67 -29.28
C ALA C 510 -33.51 -7.12 -28.86
N LYS C 511 -33.97 -7.46 -27.67
CA LYS C 511 -33.86 -8.81 -27.15
C LYS C 511 -35.11 -9.60 -27.54
N LYS C 512 -34.92 -10.72 -28.22
CA LYS C 512 -36.01 -11.56 -28.68
C LYS C 512 -36.38 -12.55 -27.58
N MET C 513 -37.62 -12.45 -27.09
CA MET C 513 -38.07 -13.25 -25.95
C MET C 513 -38.75 -14.54 -26.40
N SER C 514 -39.84 -14.41 -27.15
CA SER C 514 -40.57 -15.56 -27.67
C SER C 514 -41.01 -15.25 -29.09
N LYS C 515 -41.92 -16.07 -29.61
CA LYS C 515 -42.40 -15.90 -30.98
C LYS C 515 -43.20 -14.60 -31.08
N ASN C 516 -42.75 -13.71 -31.96
CA ASN C 516 -43.41 -12.43 -32.21
C ASN C 516 -43.47 -11.55 -30.95
N ILE C 517 -42.51 -11.72 -30.05
CA ILE C 517 -42.45 -10.93 -28.83
C ILE C 517 -41.02 -10.43 -28.65
N TYR C 518 -40.86 -9.12 -28.57
CA TYR C 518 -39.60 -8.48 -28.23
C TYR C 518 -39.70 -7.88 -26.83
N ASP C 519 -38.55 -7.66 -26.22
CA ASP C 519 -38.47 -7.08 -24.89
C ASP C 519 -38.34 -5.57 -25.01
N TYR C 520 -39.34 -4.83 -24.55
CA TYR C 520 -39.30 -3.37 -24.52
C TYR C 520 -39.02 -2.92 -23.08
N TYR C 521 -37.75 -2.94 -22.72
CA TYR C 521 -37.29 -2.53 -21.40
C TYR C 521 -36.45 -1.27 -21.51
N PRO C 522 -36.42 -0.45 -20.46
CA PRO C 522 -35.64 0.80 -20.53
C PRO C 522 -34.15 0.59 -20.75
N ASN C 523 -33.61 -0.59 -20.45
CA ASN C 523 -32.18 -0.82 -20.67
C ASN C 523 -31.83 -0.78 -22.16
N LYS C 524 -32.82 -0.92 -23.04
CA LYS C 524 -32.62 -0.76 -24.47
C LYS C 524 -33.53 0.29 -25.10
N VAL C 525 -34.72 0.52 -24.55
CA VAL C 525 -35.61 1.54 -25.09
C VAL C 525 -35.01 2.93 -24.90
N MET C 526 -34.42 3.19 -23.73
CA MET C 526 -33.83 4.49 -23.47
C MET C 526 -32.58 4.75 -24.30
N LYS C 527 -32.00 3.71 -24.89
CA LYS C 527 -30.84 3.87 -25.76
C LYS C 527 -31.21 4.31 -27.17
N ILE C 528 -32.51 4.41 -27.47
CA ILE C 528 -32.94 4.86 -28.79
C ILE C 528 -32.47 6.29 -29.02
N ARG C 529 -31.85 6.52 -30.18
CA ARG C 529 -31.36 7.85 -30.52
C ARG C 529 -32.45 8.64 -31.24
N ILE C 530 -32.53 9.93 -30.93
CA ILE C 530 -33.57 10.81 -31.44
C ILE C 530 -32.92 12.00 -32.13
N PHE C 531 -33.49 12.40 -33.27
CA PHE C 531 -33.00 13.54 -34.03
C PHE C 531 -33.98 14.70 -33.93
N ARG C 532 -33.54 15.86 -34.42
CA ARG C 532 -34.38 17.05 -34.43
C ARG C 532 -33.87 17.97 -35.55
N ASP C 533 -34.69 18.16 -36.57
CA ASP C 533 -34.30 18.98 -37.72
C ASP C 533 -35.56 19.64 -38.29
N ASN C 534 -35.45 20.14 -39.52
CA ASN C 534 -36.49 20.99 -40.10
C ASN C 534 -37.83 20.27 -40.27
N ASN C 535 -37.83 18.94 -40.31
CA ASN C 535 -39.07 18.19 -40.47
C ASN C 535 -39.86 18.08 -39.15
N TYR C 536 -39.39 18.72 -38.09
CA TYR C 536 -40.02 18.55 -36.77
C TYR C 536 -41.47 19.02 -36.79
N GLU C 537 -41.73 20.20 -37.37
CA GLU C 537 -43.07 20.77 -37.31
C GLU C 537 -44.08 19.90 -38.05
N GLU C 538 -43.72 19.45 -39.26
CA GLU C 538 -44.66 18.67 -40.06
C GLU C 538 -44.87 17.28 -39.46
N ILE C 539 -43.80 16.67 -38.92
CA ILE C 539 -43.95 15.38 -38.27
C ILE C 539 -44.87 15.50 -37.06
N GLU C 540 -44.69 16.57 -36.27
CA GLU C 540 -45.57 16.79 -35.12
C GLU C 540 -47.01 17.00 -35.57
N ASN C 541 -47.22 17.75 -36.66
CA ASN C 541 -48.58 17.96 -37.16
C ASN C 541 -49.21 16.66 -37.63
N LEU C 542 -48.44 15.82 -38.33
CA LEU C 542 -48.96 14.52 -38.77
C LEU C 542 -49.31 13.64 -37.58
N SER C 543 -48.47 13.64 -36.54
CA SER C 543 -48.77 12.87 -35.34
C SER C 543 -50.03 13.39 -34.66
N LYS C 544 -50.19 14.71 -34.60
CA LYS C 544 -51.40 15.29 -34.03
C LYS C 544 -52.64 14.87 -34.82
N GLN C 545 -52.55 14.87 -36.16
CA GLN C 545 -53.67 14.44 -36.98
C GLN C 545 -54.00 12.97 -36.72
N ILE C 546 -52.97 12.12 -36.61
CA ILE C 546 -53.21 10.70 -36.34
C ILE C 546 -53.88 10.53 -34.98
N ILE C 547 -53.42 11.25 -33.97
CA ILE C 547 -54.02 11.15 -32.63
C ILE C 547 -55.47 11.61 -32.67
N SER C 548 -55.75 12.71 -33.37
CA SER C 548 -57.11 13.21 -33.46
C SER C 548 -58.02 12.21 -34.16
N ILE C 549 -57.54 11.56 -35.21
CA ILE C 549 -58.34 10.55 -35.90
C ILE C 549 -58.60 9.36 -34.98
N LEU C 550 -57.58 8.91 -34.25
CA LEU C 550 -57.74 7.75 -33.39
C LEU C 550 -58.73 8.00 -32.26
N LEU C 551 -58.79 9.22 -31.76
CA LEU C 551 -59.73 9.60 -30.71
C LEU C 551 -61.10 9.98 -31.24
N ASN C 552 -61.29 9.98 -32.56
CA ASN C 552 -62.57 10.33 -33.14
C ASN C 552 -63.57 9.18 -32.93
N LYS C 553 -64.85 9.49 -33.17
CA LYS C 553 -65.90 8.49 -32.99
C LYS C 553 -65.71 7.32 -33.95
N SER C 554 -65.70 7.60 -35.25
CA SER C 554 -65.46 6.60 -36.28
C SER C 554 -64.11 6.85 -36.92
N ILE C 555 -63.27 5.82 -36.94
CA ILE C 555 -61.88 5.94 -37.40
C ILE C 555 -61.80 5.49 -38.85
N ASP C 556 -61.24 6.35 -39.70
CA ASP C 556 -60.94 6.00 -41.08
C ASP C 556 -59.49 5.54 -41.15
N LYS C 557 -59.29 4.23 -41.28
CA LYS C 557 -57.95 3.66 -41.17
C LYS C 557 -57.06 4.06 -42.34
N GLY C 558 -57.65 4.27 -43.52
CA GLY C 558 -56.85 4.62 -44.69
C GLY C 558 -56.13 5.95 -44.53
N LYS C 559 -56.83 6.95 -43.97
CA LYS C 559 -56.20 8.24 -43.71
C LYS C 559 -55.05 8.09 -42.72
N VAL C 560 -55.25 7.28 -41.67
CA VAL C 560 -54.18 7.04 -40.71
C VAL C 560 -52.97 6.40 -41.38
N GLU C 561 -53.22 5.41 -42.24
CA GLU C 561 -52.13 4.73 -42.93
C GLU C 561 -51.36 5.69 -43.83
N LYS C 562 -52.07 6.52 -44.59
CA LYS C 562 -51.38 7.43 -45.50
C LYS C 562 -50.62 8.52 -44.74
N LEU C 563 -51.19 9.01 -43.63
CA LEU C 563 -50.46 9.96 -42.79
C LEU C 563 -49.20 9.33 -42.21
N GLN C 564 -49.29 8.07 -41.77
CA GLN C 564 -48.12 7.38 -41.25
C GLN C 564 -47.06 7.20 -42.33
N ILE C 565 -47.50 6.92 -43.57
CA ILE C 565 -46.56 6.76 -44.67
C ILE C 565 -45.86 8.09 -44.96
N LYS C 566 -46.61 9.20 -44.96
CA LYS C 566 -45.99 10.52 -45.13
C LYS C 566 -44.96 10.79 -44.04
N MET C 567 -45.32 10.47 -42.78
CA MET C 567 -44.39 10.68 -41.67
C MET C 567 -43.14 9.83 -41.82
N ASP C 568 -43.30 8.57 -42.26
CA ASP C 568 -42.16 7.70 -42.48
C ASP C 568 -41.26 8.23 -43.57
N ASN C 569 -41.85 8.76 -44.65
CA ASN C 569 -41.04 9.37 -45.71
C ASN C 569 -40.27 10.57 -45.18
N LEU C 570 -40.90 11.40 -44.36
CA LEU C 570 -40.20 12.54 -43.79
C LEU C 570 -39.05 12.09 -42.89
N ILE C 571 -39.29 11.06 -42.08
CA ILE C 571 -38.24 10.57 -41.18
C ILE C 571 -37.08 9.99 -41.98
N MET C 572 -37.38 9.24 -43.04
CA MET C 572 -36.31 8.68 -43.87
C MET C 572 -35.51 9.78 -44.57
N ASP C 573 -36.20 10.84 -45.02
CA ASP C 573 -35.50 11.98 -45.59
C ASP C 573 -34.60 12.64 -44.56
N SER C 574 -35.08 12.77 -43.32
CA SER C 574 -34.28 13.36 -42.25
C SER C 574 -33.04 12.53 -41.95
N LEU C 575 -33.20 11.21 -41.90
CA LEU C 575 -32.08 10.32 -41.59
C LEU C 575 -31.26 9.93 -42.81
N GLY C 576 -31.72 10.28 -44.01
CA GLY C 576 -30.99 9.96 -45.23
C GLY C 576 -30.84 8.47 -45.48
N ILE C 577 -31.90 7.71 -45.29
CA ILE C 577 -31.86 6.27 -45.46
C ILE C 577 -32.78 5.83 -46.59
C2 A1AC7 J . 53.04 16.88 14.42
C7 A1AC7 J . 47.86 17.29 15.66
C8 A1AC7 J . 46.53 16.88 15.79
C9 A1AC7 J . 46.00 16.34 17.10
C11 A1AC7 J . 47.67 17.20 18.80
C13 A1AC7 J . 45.69 16.97 14.69
C16 A1AC7 J . 44.10 17.41 11.97
C19 A1AC7 J . 41.89 17.19 15.06
C24 A1AC7 J . 41.55 13.00 11.74
C25 A1AC7 J . 41.65 11.98 10.79
C27 A1AC7 J . 42.18 10.40 12.38
C28 A1AC7 J . 42.12 11.36 13.42
C31 A1AC7 J . 42.72 8.70 14.00
C33 A1AC7 J . 42.87 15.57 13.05
C35 A1AC7 J . 47.49 17.85 13.35
C36 A1AC7 J . 50.66 16.04 15.30
C12 A1AC7 J . 48.09 15.03 17.70
C14 A1AC7 J . 46.17 17.44 13.47
C17 A1AC7 J . 43.21 16.91 13.07
C18 A1AC7 J . 42.71 17.72 14.08
C20 A1AC7 J . 41.54 15.86 15.03
C21 A1AC7 J . 42.04 15.03 14.03
C23 A1AC7 J . 41.78 12.71 13.07
C29 A1AC7 J . 42.36 10.94 14.75
C30 A1AC7 J . 42.65 9.64 15.02
C32 A1AC7 J . 42.50 9.07 12.70
C37 A1AC7 J . 51.80 15.29 15.51
C38 A1AC7 J . 51.75 13.97 16.23
C4 A1AC7 J . 50.80 17.25 14.62
C6 A1AC7 J . 48.34 17.76 14.45
N1 A1AC7 J . 54.24 17.26 13.98
N10 A1AC7 J . 47.06 16.01 18.13
N15 A1AC7 J . 45.41 17.62 12.27
N22 A1AC7 J . 41.68 13.66 14.08
N26 A1AC7 J . 41.95 10.72 11.06
N3 A1AC7 J . 51.99 17.69 14.18
N39 A1AC7 J . 52.99 15.70 15.08
N5 A1AC7 J . 49.72 18.07 14.34
O34 A1AC7 J . 43.64 17.63 10.86
#